data_2C60
# 
_entry.id   2C60 
# 
_audit_conform.dict_name       mmcif_pdbx.dic 
_audit_conform.dict_version    5.397 
_audit_conform.dict_location   http://mmcif.pdb.org/dictionaries/ascii/mmcif_pdbx.dic 
# 
loop_
_database_2.database_id 
_database_2.database_code 
_database_2.pdbx_database_accession 
_database_2.pdbx_DOI 
PDB   2C60         pdb_00002c60 10.2210/pdb2c60/pdb 
PDBE  EBI-26261    ?            ?                   
WWPDB D_1290026261 ?            ?                   
# 
loop_
_pdbx_audit_revision_history.ordinal 
_pdbx_audit_revision_history.data_content_type 
_pdbx_audit_revision_history.major_revision 
_pdbx_audit_revision_history.minor_revision 
_pdbx_audit_revision_history.revision_date 
1 'Structure model' 1 0 2005-11-29 
2 'Structure model' 1 1 2011-05-08 
3 'Structure model' 1 2 2011-07-13 
4 'Structure model' 1 3 2018-01-24 
5 'Structure model' 1 4 2018-02-28 
6 'Structure model' 1 5 2019-05-08 
7 'Structure model' 1 6 2024-10-23 
# 
_pdbx_audit_revision_details.ordinal             1 
_pdbx_audit_revision_details.revision_ordinal    1 
_pdbx_audit_revision_details.data_content_type   'Structure model' 
_pdbx_audit_revision_details.provider            repository 
_pdbx_audit_revision_details.type                'Initial release' 
_pdbx_audit_revision_details.description         ? 
_pdbx_audit_revision_details.details             ? 
# 
loop_
_pdbx_audit_revision_group.ordinal 
_pdbx_audit_revision_group.revision_ordinal 
_pdbx_audit_revision_group.data_content_type 
_pdbx_audit_revision_group.group 
1  2 'Structure model' 'Version format compliance' 
2  3 'Structure model' 'Version format compliance' 
3  4 'Structure model' 'Database references'       
4  5 'Structure model' 'Source and taxonomy'       
5  6 'Structure model' 'Data collection'           
6  6 'Structure model' 'Derived calculations'      
7  6 'Structure model' 'Experimental preparation'  
8  7 'Structure model' 'Data collection'           
9  7 'Structure model' 'Database references'       
10 7 'Structure model' 'Derived calculations'      
11 7 'Structure model' Other                       
12 7 'Structure model' 'Structure summary'         
# 
loop_
_pdbx_audit_revision_category.ordinal 
_pdbx_audit_revision_category.revision_ordinal 
_pdbx_audit_revision_category.data_content_type 
_pdbx_audit_revision_category.category 
1  4 'Structure model' citation_author             
2  5 'Structure model' entity_src_gen              
3  6 'Structure model' exptl_crystal_grow          
4  6 'Structure model' pdbx_seq_map_depositor_info 
5  6 'Structure model' struct_conn                 
6  7 'Structure model' chem_comp_atom              
7  7 'Structure model' chem_comp_bond              
8  7 'Structure model' database_2                  
9  7 'Structure model' pdbx_database_status        
10 7 'Structure model' pdbx_entry_details          
11 7 'Structure model' pdbx_modification_feature   
12 7 'Structure model' pdbx_struct_conn_angle      
13 7 'Structure model' struct_conn                 
# 
loop_
_pdbx_audit_revision_item.ordinal 
_pdbx_audit_revision_item.revision_ordinal 
_pdbx_audit_revision_item.data_content_type 
_pdbx_audit_revision_item.item 
1  4 'Structure model' '_citation_author.name'                            
2  5 'Structure model' '_entity_src_gen.pdbx_host_org_cell_line'          
3  5 'Structure model' '_entity_src_gen.pdbx_host_org_ncbi_taxonomy_id'   
4  5 'Structure model' '_entity_src_gen.pdbx_host_org_scientific_name'    
5  5 'Structure model' '_entity_src_gen.pdbx_host_org_strain'             
6  5 'Structure model' '_entity_src_gen.pdbx_host_org_variant'            
7  6 'Structure model' '_exptl_crystal_grow.method'                       
8  6 'Structure model' '_pdbx_seq_map_depositor_info.one_letter_code_mod' 
9  6 'Structure model' '_struct_conn.pdbx_leaving_atom_flag'              
10 7 'Structure model' '_database_2.pdbx_DOI'                             
11 7 'Structure model' '_database_2.pdbx_database_accession'              
12 7 'Structure model' '_pdbx_database_status.status_code_sf'             
13 7 'Structure model' '_pdbx_entry_details.has_protein_modification'     
14 7 'Structure model' '_pdbx_struct_conn_angle.ptnr1_auth_comp_id'       
15 7 'Structure model' '_pdbx_struct_conn_angle.ptnr1_auth_seq_id'        
16 7 'Structure model' '_pdbx_struct_conn_angle.ptnr1_label_asym_id'      
17 7 'Structure model' '_pdbx_struct_conn_angle.ptnr1_label_comp_id'      
18 7 'Structure model' '_pdbx_struct_conn_angle.ptnr1_label_seq_id'       
19 7 'Structure model' '_pdbx_struct_conn_angle.ptnr3_auth_comp_id'       
20 7 'Structure model' '_pdbx_struct_conn_angle.ptnr3_auth_seq_id'        
21 7 'Structure model' '_pdbx_struct_conn_angle.ptnr3_label_asym_id'      
22 7 'Structure model' '_pdbx_struct_conn_angle.ptnr3_label_comp_id'      
23 7 'Structure model' '_pdbx_struct_conn_angle.ptnr3_label_seq_id'       
24 7 'Structure model' '_pdbx_struct_conn_angle.value'                    
25 7 'Structure model' '_struct_conn.pdbx_dist_value'                     
26 7 'Structure model' '_struct_conn.ptnr1_auth_comp_id'                  
27 7 'Structure model' '_struct_conn.ptnr1_auth_seq_id'                   
28 7 'Structure model' '_struct_conn.ptnr1_label_asym_id'                 
29 7 'Structure model' '_struct_conn.ptnr1_label_atom_id'                 
30 7 'Structure model' '_struct_conn.ptnr1_label_comp_id'                 
31 7 'Structure model' '_struct_conn.ptnr1_label_seq_id'                  
32 7 'Structure model' '_struct_conn.ptnr2_auth_comp_id'                  
33 7 'Structure model' '_struct_conn.ptnr2_auth_seq_id'                   
34 7 'Structure model' '_struct_conn.ptnr2_label_asym_id'                 
35 7 'Structure model' '_struct_conn.ptnr2_label_atom_id'                 
36 7 'Structure model' '_struct_conn.ptnr2_label_comp_id'                 
37 7 'Structure model' '_struct_conn.ptnr2_label_seq_id'                  
# 
_pdbx_database_status.status_code                     REL 
_pdbx_database_status.entry_id                        2C60 
_pdbx_database_status.deposit_site                    PDBE 
_pdbx_database_status.process_site                    PDBE 
_pdbx_database_status.SG_entry                        . 
_pdbx_database_status.recvd_initial_deposition_date   2005-11-04 
_pdbx_database_status.pdb_format_compatible           Y 
_pdbx_database_status.status_code_sf                  REL 
_pdbx_database_status.status_code_mr                  ? 
_pdbx_database_status.status_code_cs                  ? 
_pdbx_database_status.methods_development_category    ? 
_pdbx_database_status.status_code_nmr_data            ? 
# 
loop_
_audit_author.name 
_audit_author.pdbx_ordinal 
_audit_author.identifier_ORCID 
'Debreczeni, J.E.'  1  ? 
'Salah, E.'         2  ? 
'Papagrigoriou, E.' 3  ? 
'Burgess, N.'       4  ? 
'von Delft, F.'     5  ? 
'Gileadi, O.'       6  ? 
'Sundstrom, M.'     7  ? 
'Edwards, A.'       8  ? 
'Arrowsmith, C.'    9  ? 
'Weigelt, J.'       10 ? 
'Knapp, S.'         11 ? 
# 
_citation.id                        primary 
_citation.title                     
'Crystal Structure of Human Mitogen-Activated Protein Kinase Kinase Kinase 3 Isoform 2 Fox Domain at 1.25 A Resolution' 
_citation.journal_abbrev            'To be Published' 
_citation.journal_volume            ? 
_citation.page_first                ? 
_citation.page_last                 ? 
_citation.year                      ? 
_citation.journal_id_ASTM           ? 
_citation.country                   ? 
_citation.journal_id_ISSN           ? 
_citation.journal_id_CSD            0353 
_citation.book_publisher            ? 
_citation.pdbx_database_id_PubMed   ? 
_citation.pdbx_database_id_DOI      ? 
# 
loop_
_citation_author.citation_id 
_citation_author.name 
_citation_author.ordinal 
_citation_author.identifier_ORCID 
primary 'Debreczeni, J.E.'  1  ? 
primary 'Salah, E.'         2  ? 
primary 'Papagrigoriou, E.' 3  ? 
primary 'Burgess, N.'       4  ? 
primary 'von Delft, F.'     5  ? 
primary 'Gileadi, O.'       6  ? 
primary 'Sundstrom, M.'     7  ? 
primary 'Edwards, A.'       8  ? 
primary 'Arrowsmith, C.'    9  ? 
primary 'Weigelt, J.'       10 ? 
primary 'Knapp, S.'         11 ? 
# 
loop_
_entity.id 
_entity.type 
_entity.src_method 
_entity.pdbx_description 
_entity.formula_weight 
_entity.pdbx_number_of_molecules 
_entity.pdbx_ec 
_entity.pdbx_mutation 
_entity.pdbx_fragment 
_entity.details 
1 polymer     man 'HUMAN MITOGEN-ACTIVATED PROTEIN KINASE KINASE KINASE 3 ISOFORM 2' 13144.145 1   2.7.1.37 ? 
'PHOX DOMAIN, RESIDUES 37-124' ? 
2 non-polymer syn 'CALCIUM ION'                                                      40.078    1   ?        ? ? ? 
3 non-polymer syn GLYCEROL                                                           92.094    1   ?        ? ? ? 
4 water       nat water                                                              18.015    128 ?        ? ? ? 
# 
_entity_name_com.entity_id   1 
_entity_name_com.name        'MAPK/ERK KINASE KINASE 3, MEK KINASE 3, MEKK 3' 
# 
_entity_poly.entity_id                      1 
_entity_poly.type                           'polypeptide(L)' 
_entity_poly.nstd_linkage                   no 
_entity_poly.nstd_monomer                   yes 
_entity_poly.pdbx_seq_one_letter_code       
;(MSE)HHHHHHSSGVDLGTENLYFQS(MSE)GHSNRQSDVRIKFEHNGERRIIAFSRPVKYEDVEHKVTTVFGQPLDLHY
(MSE)NNELSILLKNQDDLDKAIDILDRSSS(MSE)KSLRILLLSQD
;
_entity_poly.pdbx_seq_one_letter_code_can   
;MHHHHHHSSGVDLGTENLYFQSMGHSNRQSDVRIKFEHNGERRIIAFSRPVKYEDVEHKVTTVFGQPLDLHYMNNELSIL
LKNQDDLDKAIDILDRSSSMKSLRILLLSQD
;
_entity_poly.pdbx_strand_id                 A 
_entity_poly.pdbx_target_identifier         ? 
# 
loop_
_pdbx_entity_nonpoly.entity_id 
_pdbx_entity_nonpoly.name 
_pdbx_entity_nonpoly.comp_id 
2 'CALCIUM ION' CA  
3 GLYCEROL      GOL 
4 water         HOH 
# 
loop_
_entity_poly_seq.entity_id 
_entity_poly_seq.num 
_entity_poly_seq.mon_id 
_entity_poly_seq.hetero 
1 1   MSE n 
1 2   HIS n 
1 3   HIS n 
1 4   HIS n 
1 5   HIS n 
1 6   HIS n 
1 7   HIS n 
1 8   SER n 
1 9   SER n 
1 10  GLY n 
1 11  VAL n 
1 12  ASP n 
1 13  LEU n 
1 14  GLY n 
1 15  THR n 
1 16  GLU n 
1 17  ASN n 
1 18  LEU n 
1 19  TYR n 
1 20  PHE n 
1 21  GLN n 
1 22  SER n 
1 23  MSE n 
1 24  GLY n 
1 25  HIS n 
1 26  SER n 
1 27  ASN n 
1 28  ARG n 
1 29  GLN n 
1 30  SER n 
1 31  ASP n 
1 32  VAL n 
1 33  ARG n 
1 34  ILE n 
1 35  LYS n 
1 36  PHE n 
1 37  GLU n 
1 38  HIS n 
1 39  ASN n 
1 40  GLY n 
1 41  GLU n 
1 42  ARG n 
1 43  ARG n 
1 44  ILE n 
1 45  ILE n 
1 46  ALA n 
1 47  PHE n 
1 48  SER n 
1 49  ARG n 
1 50  PRO n 
1 51  VAL n 
1 52  LYS n 
1 53  TYR n 
1 54  GLU n 
1 55  ASP n 
1 56  VAL n 
1 57  GLU n 
1 58  HIS n 
1 59  LYS n 
1 60  VAL n 
1 61  THR n 
1 62  THR n 
1 63  VAL n 
1 64  PHE n 
1 65  GLY n 
1 66  GLN n 
1 67  PRO n 
1 68  LEU n 
1 69  ASP n 
1 70  LEU n 
1 71  HIS n 
1 72  TYR n 
1 73  MSE n 
1 74  ASN n 
1 75  ASN n 
1 76  GLU n 
1 77  LEU n 
1 78  SER n 
1 79  ILE n 
1 80  LEU n 
1 81  LEU n 
1 82  LYS n 
1 83  ASN n 
1 84  GLN n 
1 85  ASP n 
1 86  ASP n 
1 87  LEU n 
1 88  ASP n 
1 89  LYS n 
1 90  ALA n 
1 91  ILE n 
1 92  ASP n 
1 93  ILE n 
1 94  LEU n 
1 95  ASP n 
1 96  ARG n 
1 97  SER n 
1 98  SER n 
1 99  SER n 
1 100 MSE n 
1 101 LYS n 
1 102 SER n 
1 103 LEU n 
1 104 ARG n 
1 105 ILE n 
1 106 LEU n 
1 107 LEU n 
1 108 LEU n 
1 109 SER n 
1 110 GLN n 
1 111 ASP n 
# 
_entity_src_gen.entity_id                          1 
_entity_src_gen.pdbx_src_id                        1 
_entity_src_gen.pdbx_alt_source_flag               sample 
_entity_src_gen.pdbx_seq_type                      ? 
_entity_src_gen.pdbx_beg_seq_num                   ? 
_entity_src_gen.pdbx_end_seq_num                   ? 
_entity_src_gen.gene_src_common_name               HUMAN 
_entity_src_gen.gene_src_genus                     ? 
_entity_src_gen.pdbx_gene_src_gene                 ? 
_entity_src_gen.gene_src_species                   ? 
_entity_src_gen.gene_src_strain                    ? 
_entity_src_gen.gene_src_tissue                    ? 
_entity_src_gen.gene_src_tissue_fraction           ? 
_entity_src_gen.gene_src_details                   ? 
_entity_src_gen.pdbx_gene_src_fragment             ? 
_entity_src_gen.pdbx_gene_src_scientific_name      'HOMO SAPIENS' 
_entity_src_gen.pdbx_gene_src_ncbi_taxonomy_id     9606 
_entity_src_gen.pdbx_gene_src_variant              ? 
_entity_src_gen.pdbx_gene_src_cell_line            ? 
_entity_src_gen.pdbx_gene_src_atcc                 ? 
_entity_src_gen.pdbx_gene_src_organ                ? 
_entity_src_gen.pdbx_gene_src_organelle            ? 
_entity_src_gen.pdbx_gene_src_cell                 ? 
_entity_src_gen.pdbx_gene_src_cellular_location    ? 
_entity_src_gen.host_org_common_name               ? 
_entity_src_gen.pdbx_host_org_scientific_name      'Escherichia coli BL21(DE3)' 
_entity_src_gen.pdbx_host_org_ncbi_taxonomy_id     469008 
_entity_src_gen.host_org_genus                     ? 
_entity_src_gen.pdbx_host_org_gene                 ? 
_entity_src_gen.pdbx_host_org_organ                ? 
_entity_src_gen.host_org_species                   ? 
_entity_src_gen.pdbx_host_org_tissue               ? 
_entity_src_gen.pdbx_host_org_tissue_fraction      ? 
_entity_src_gen.pdbx_host_org_strain               ? 
_entity_src_gen.pdbx_host_org_variant              R3 
_entity_src_gen.pdbx_host_org_cell_line            ? 
_entity_src_gen.pdbx_host_org_atcc                 ? 
_entity_src_gen.pdbx_host_org_culture_collection   ? 
_entity_src_gen.pdbx_host_org_cell                 ? 
_entity_src_gen.pdbx_host_org_organelle            ? 
_entity_src_gen.pdbx_host_org_cellular_location    ? 
_entity_src_gen.pdbx_host_org_vector_type          ? 
_entity_src_gen.pdbx_host_org_vector               PNIC28-BSA4 
_entity_src_gen.host_org_details                   ? 
_entity_src_gen.expression_system_id               ? 
_entity_src_gen.plasmid_name                       ? 
_entity_src_gen.plasmid_details                    ? 
_entity_src_gen.pdbx_description                   ? 
# 
loop_
_chem_comp.id 
_chem_comp.type 
_chem_comp.mon_nstd_flag 
_chem_comp.name 
_chem_comp.pdbx_synonyms 
_chem_comp.formula 
_chem_comp.formula_weight 
ALA 'L-peptide linking' y ALANINE          ?                               'C3 H7 N O2'     89.093  
ARG 'L-peptide linking' y ARGININE         ?                               'C6 H15 N4 O2 1' 175.209 
ASN 'L-peptide linking' y ASPARAGINE       ?                               'C4 H8 N2 O3'    132.118 
ASP 'L-peptide linking' y 'ASPARTIC ACID'  ?                               'C4 H7 N O4'     133.103 
CA  non-polymer         . 'CALCIUM ION'    ?                               'Ca 2'           40.078  
GLN 'L-peptide linking' y GLUTAMINE        ?                               'C5 H10 N2 O3'   146.144 
GLU 'L-peptide linking' y 'GLUTAMIC ACID'  ?                               'C5 H9 N O4'     147.129 
GLY 'peptide linking'   y GLYCINE          ?                               'C2 H5 N O2'     75.067  
GOL non-polymer         . GLYCEROL         'GLYCERIN; PROPANE-1,2,3-TRIOL' 'C3 H8 O3'       92.094  
HIS 'L-peptide linking' y HISTIDINE        ?                               'C6 H10 N3 O2 1' 156.162 
HOH non-polymer         . WATER            ?                               'H2 O'           18.015  
ILE 'L-peptide linking' y ISOLEUCINE       ?                               'C6 H13 N O2'    131.173 
LEU 'L-peptide linking' y LEUCINE          ?                               'C6 H13 N O2'    131.173 
LYS 'L-peptide linking' y LYSINE           ?                               'C6 H15 N2 O2 1' 147.195 
MSE 'L-peptide linking' n SELENOMETHIONINE ?                               'C5 H11 N O2 Se' 196.106 
PHE 'L-peptide linking' y PHENYLALANINE    ?                               'C9 H11 N O2'    165.189 
PRO 'L-peptide linking' y PROLINE          ?                               'C5 H9 N O2'     115.130 
SER 'L-peptide linking' y SERINE           ?                               'C3 H7 N O3'     105.093 
THR 'L-peptide linking' y THREONINE        ?                               'C4 H9 N O3'     119.119 
TYR 'L-peptide linking' y TYROSINE         ?                               'C9 H11 N O3'    181.189 
VAL 'L-peptide linking' y VALINE           ?                               'C5 H11 N O2'    117.146 
# 
loop_
_pdbx_poly_seq_scheme.asym_id 
_pdbx_poly_seq_scheme.entity_id 
_pdbx_poly_seq_scheme.seq_id 
_pdbx_poly_seq_scheme.mon_id 
_pdbx_poly_seq_scheme.ndb_seq_num 
_pdbx_poly_seq_scheme.pdb_seq_num 
_pdbx_poly_seq_scheme.auth_seq_num 
_pdbx_poly_seq_scheme.pdb_mon_id 
_pdbx_poly_seq_scheme.auth_mon_id 
_pdbx_poly_seq_scheme.pdb_strand_id 
_pdbx_poly_seq_scheme.pdb_ins_code 
_pdbx_poly_seq_scheme.hetero 
A 1 1   MSE 1   -23 ?   ?   ?   A . n 
A 1 2   HIS 2   -22 ?   ?   ?   A . n 
A 1 3   HIS 3   -21 ?   ?   ?   A . n 
A 1 4   HIS 4   -20 ?   ?   ?   A . n 
A 1 5   HIS 5   -19 ?   ?   ?   A . n 
A 1 6   HIS 6   -18 ?   ?   ?   A . n 
A 1 7   HIS 7   -17 ?   ?   ?   A . n 
A 1 8   SER 8   -16 ?   ?   ?   A . n 
A 1 9   SER 9   -15 ?   ?   ?   A . n 
A 1 10  GLY 10  -14 ?   ?   ?   A . n 
A 1 11  VAL 11  -13 ?   ?   ?   A . n 
A 1 12  ASP 12  -12 ?   ?   ?   A . n 
A 1 13  LEU 13  -11 ?   ?   ?   A . n 
A 1 14  GLY 14  -10 -10 GLY GLY A . n 
A 1 15  THR 15  -9  -9  THR THR A . n 
A 1 16  GLU 16  -8  -8  GLU GLU A . n 
A 1 17  ASN 17  -7  -7  ASN ASN A . n 
A 1 18  LEU 18  -6  -6  LEU LEU A . n 
A 1 19  TYR 19  -5  ?   ?   ?   A . n 
A 1 20  PHE 20  -4  ?   ?   ?   A . n 
A 1 21  GLN 21  -3  ?   ?   ?   A . n 
A 1 22  SER 22  -2  ?   ?   ?   A . n 
A 1 23  MSE 23  -1  ?   ?   ?   A . n 
A 1 24  GLY 24  37  ?   ?   ?   A . n 
A 1 25  HIS 25  38  ?   ?   ?   A . n 
A 1 26  SER 26  39  ?   ?   ?   A . n 
A 1 27  ASN 27  40  ?   ?   ?   A . n 
A 1 28  ARG 28  41  ?   ?   ?   A . n 
A 1 29  GLN 29  42  ?   ?   ?   A . n 
A 1 30  SER 30  43  43  SER SER A . n 
A 1 31  ASP 31  44  44  ASP ASP A . n 
A 1 32  VAL 32  45  45  VAL VAL A . n 
A 1 33  ARG 33  46  46  ARG ARG A . n 
A 1 34  ILE 34  47  47  ILE ILE A . n 
A 1 35  LYS 35  48  48  LYS LYS A . n 
A 1 36  PHE 36  49  49  PHE PHE A . n 
A 1 37  GLU 37  50  50  GLU GLU A . n 
A 1 38  HIS 38  51  51  HIS HIS A . n 
A 1 39  ASN 39  52  52  ASN ASN A . n 
A 1 40  GLY 40  53  53  GLY GLY A . n 
A 1 41  GLU 41  54  54  GLU GLU A . n 
A 1 42  ARG 42  55  55  ARG ARG A . n 
A 1 43  ARG 43  56  56  ARG ARG A . n 
A 1 44  ILE 44  57  57  ILE ILE A . n 
A 1 45  ILE 45  58  58  ILE ILE A . n 
A 1 46  ALA 46  59  59  ALA ALA A . n 
A 1 47  PHE 47  60  60  PHE PHE A . n 
A 1 48  SER 48  61  61  SER SER A . n 
A 1 49  ARG 49  62  62  ARG ARG A . n 
A 1 50  PRO 50  63  63  PRO PRO A . n 
A 1 51  VAL 51  64  64  VAL VAL A . n 
A 1 52  LYS 52  65  65  LYS LYS A . n 
A 1 53  TYR 53  66  66  TYR TYR A . n 
A 1 54  GLU 54  67  67  GLU GLU A . n 
A 1 55  ASP 55  68  68  ASP ASP A . n 
A 1 56  VAL 56  69  69  VAL VAL A . n 
A 1 57  GLU 57  70  70  GLU GLU A . n 
A 1 58  HIS 58  71  71  HIS HIS A . n 
A 1 59  LYS 59  72  72  LYS LYS A . n 
A 1 60  VAL 60  73  73  VAL VAL A . n 
A 1 61  THR 61  74  74  THR THR A . n 
A 1 62  THR 62  75  75  THR THR A . n 
A 1 63  VAL 63  76  76  VAL VAL A . n 
A 1 64  PHE 64  77  77  PHE PHE A . n 
A 1 65  GLY 65  78  78  GLY GLY A . n 
A 1 66  GLN 66  79  79  GLN GLN A . n 
A 1 67  PRO 67  80  80  PRO PRO A . n 
A 1 68  LEU 68  81  81  LEU LEU A . n 
A 1 69  ASP 69  82  82  ASP ASP A . n 
A 1 70  LEU 70  83  83  LEU LEU A . n 
A 1 71  HIS 71  84  84  HIS HIS A . n 
A 1 72  TYR 72  85  85  TYR TYR A . n 
A 1 73  MSE 73  86  86  MSE MSE A . n 
A 1 74  ASN 74  87  87  ASN ASN A . n 
A 1 75  ASN 75  88  88  ASN ASN A . n 
A 1 76  GLU 76  89  89  GLU GLU A . n 
A 1 77  LEU 77  90  90  LEU LEU A . n 
A 1 78  SER 78  91  91  SER SER A . n 
A 1 79  ILE 79  92  92  ILE ILE A . n 
A 1 80  LEU 80  93  93  LEU LEU A . n 
A 1 81  LEU 81  94  94  LEU LEU A . n 
A 1 82  LYS 82  95  95  LYS LYS A . n 
A 1 83  ASN 83  96  96  ASN ASN A . n 
A 1 84  GLN 84  97  97  GLN GLN A . n 
A 1 85  ASP 85  98  98  ASP ASP A . n 
A 1 86  ASP 86  99  99  ASP ASP A . n 
A 1 87  LEU 87  100 100 LEU LEU A . n 
A 1 88  ASP 88  101 101 ASP ASP A . n 
A 1 89  LYS 89  102 102 LYS LYS A . n 
A 1 90  ALA 90  103 103 ALA ALA A . n 
A 1 91  ILE 91  104 104 ILE ILE A . n 
A 1 92  ASP 92  105 105 ASP ASP A . n 
A 1 93  ILE 93  106 106 ILE ILE A . n 
A 1 94  LEU 94  107 107 LEU LEU A . n 
A 1 95  ASP 95  108 108 ASP ASP A . n 
A 1 96  ARG 96  109 109 ARG ARG A . n 
A 1 97  SER 97  110 110 SER SER A . n 
A 1 98  SER 98  111 111 SER SER A . n 
A 1 99  SER 99  112 112 SER SER A . n 
A 1 100 MSE 100 113 113 MSE MSE A . n 
A 1 101 LYS 101 114 114 LYS LYS A . n 
A 1 102 SER 102 115 115 SER SER A . n 
A 1 103 LEU 103 116 116 LEU LEU A . n 
A 1 104 ARG 104 117 117 ARG ARG A . n 
A 1 105 ILE 105 118 118 ILE ILE A . n 
A 1 106 LEU 106 119 119 LEU LEU A . n 
A 1 107 LEU 107 120 120 LEU LEU A . n 
A 1 108 LEU 108 121 121 LEU LEU A . n 
A 1 109 SER 109 122 122 SER SER A . n 
A 1 110 GLN 110 123 ?   ?   ?   A . n 
A 1 111 ASP 111 124 ?   ?   ?   A . n 
# 
loop_
_pdbx_nonpoly_scheme.asym_id 
_pdbx_nonpoly_scheme.entity_id 
_pdbx_nonpoly_scheme.mon_id 
_pdbx_nonpoly_scheme.ndb_seq_num 
_pdbx_nonpoly_scheme.pdb_seq_num 
_pdbx_nonpoly_scheme.auth_seq_num 
_pdbx_nonpoly_scheme.pdb_mon_id 
_pdbx_nonpoly_scheme.auth_mon_id 
_pdbx_nonpoly_scheme.pdb_strand_id 
_pdbx_nonpoly_scheme.pdb_ins_code 
B 2 CA  1   1123 1123 CA  CA  A . 
C 3 GOL 1   1124 1124 GOL GOL A . 
D 4 HOH 1   2001 2001 HOH HOH A . 
D 4 HOH 2   2002 2002 HOH HOH A . 
D 4 HOH 3   2003 2003 HOH HOH A . 
D 4 HOH 4   2004 2004 HOH HOH A . 
D 4 HOH 5   2005 2005 HOH HOH A . 
D 4 HOH 6   2006 2006 HOH HOH A . 
D 4 HOH 7   2007 2007 HOH HOH A . 
D 4 HOH 8   2008 2008 HOH HOH A . 
D 4 HOH 9   2009 2009 HOH HOH A . 
D 4 HOH 10  2010 2010 HOH HOH A . 
D 4 HOH 11  2011 2011 HOH HOH A . 
D 4 HOH 12  2012 2012 HOH HOH A . 
D 4 HOH 13  2013 2013 HOH HOH A . 
D 4 HOH 14  2014 2014 HOH HOH A . 
D 4 HOH 15  2015 2015 HOH HOH A . 
D 4 HOH 16  2016 2016 HOH HOH A . 
D 4 HOH 17  2017 2017 HOH HOH A . 
D 4 HOH 18  2018 2018 HOH HOH A . 
D 4 HOH 19  2019 2019 HOH HOH A . 
D 4 HOH 20  2020 2020 HOH HOH A . 
D 4 HOH 21  2021 2021 HOH HOH A . 
D 4 HOH 22  2022 2022 HOH HOH A . 
D 4 HOH 23  2023 2023 HOH HOH A . 
D 4 HOH 24  2024 2024 HOH HOH A . 
D 4 HOH 25  2025 2025 HOH HOH A . 
D 4 HOH 26  2026 2026 HOH HOH A . 
D 4 HOH 27  2027 2027 HOH HOH A . 
D 4 HOH 28  2028 2028 HOH HOH A . 
D 4 HOH 29  2029 2029 HOH HOH A . 
D 4 HOH 30  2030 2030 HOH HOH A . 
D 4 HOH 31  2031 2031 HOH HOH A . 
D 4 HOH 32  2032 2032 HOH HOH A . 
D 4 HOH 33  2033 2033 HOH HOH A . 
D 4 HOH 34  2034 2034 HOH HOH A . 
D 4 HOH 35  2035 2035 HOH HOH A . 
D 4 HOH 36  2036 2036 HOH HOH A . 
D 4 HOH 37  2037 2037 HOH HOH A . 
D 4 HOH 38  2038 2038 HOH HOH A . 
D 4 HOH 39  2039 2039 HOH HOH A . 
D 4 HOH 40  2040 2040 HOH HOH A . 
D 4 HOH 41  2041 2041 HOH HOH A . 
D 4 HOH 42  2042 2042 HOH HOH A . 
D 4 HOH 43  2043 2043 HOH HOH A . 
D 4 HOH 44  2044 2044 HOH HOH A . 
D 4 HOH 45  2045 2045 HOH HOH A . 
D 4 HOH 46  2046 2046 HOH HOH A . 
D 4 HOH 47  2047 2047 HOH HOH A . 
D 4 HOH 48  2048 2048 HOH HOH A . 
D 4 HOH 49  2049 2049 HOH HOH A . 
D 4 HOH 50  2050 2050 HOH HOH A . 
D 4 HOH 51  2051 2051 HOH HOH A . 
D 4 HOH 52  2052 2052 HOH HOH A . 
D 4 HOH 53  2053 2053 HOH HOH A . 
D 4 HOH 54  2054 2054 HOH HOH A . 
D 4 HOH 55  2055 2055 HOH HOH A . 
D 4 HOH 56  2056 2056 HOH HOH A . 
D 4 HOH 57  2057 2057 HOH HOH A . 
D 4 HOH 58  2058 2058 HOH HOH A . 
D 4 HOH 59  2059 2059 HOH HOH A . 
D 4 HOH 60  2060 2060 HOH HOH A . 
D 4 HOH 61  2061 2061 HOH HOH A . 
D 4 HOH 62  2062 2062 HOH HOH A . 
D 4 HOH 63  2063 2063 HOH HOH A . 
D 4 HOH 64  2064 2064 HOH HOH A . 
D 4 HOH 65  2065 2065 HOH HOH A . 
D 4 HOH 66  2066 2066 HOH HOH A . 
D 4 HOH 67  2067 2067 HOH HOH A . 
D 4 HOH 68  2068 2068 HOH HOH A . 
D 4 HOH 69  2069 2069 HOH HOH A . 
D 4 HOH 70  2070 2070 HOH HOH A . 
D 4 HOH 71  2071 2071 HOH HOH A . 
D 4 HOH 72  2072 2072 HOH HOH A . 
D 4 HOH 73  2073 2073 HOH HOH A . 
D 4 HOH 74  2074 2074 HOH HOH A . 
D 4 HOH 75  2075 2075 HOH HOH A . 
D 4 HOH 76  2076 2076 HOH HOH A . 
D 4 HOH 77  2077 2077 HOH HOH A . 
D 4 HOH 78  2078 2078 HOH HOH A . 
D 4 HOH 79  2079 2079 HOH HOH A . 
D 4 HOH 80  2080 2080 HOH HOH A . 
D 4 HOH 81  2081 2081 HOH HOH A . 
D 4 HOH 82  2082 2082 HOH HOH A . 
D 4 HOH 83  2083 2083 HOH HOH A . 
D 4 HOH 84  2084 2084 HOH HOH A . 
D 4 HOH 85  2085 2085 HOH HOH A . 
D 4 HOH 86  2086 2086 HOH HOH A . 
D 4 HOH 87  2087 2087 HOH HOH A . 
D 4 HOH 88  2088 2088 HOH HOH A . 
D 4 HOH 89  2089 2089 HOH HOH A . 
D 4 HOH 90  2090 2090 HOH HOH A . 
D 4 HOH 91  2091 2091 HOH HOH A . 
D 4 HOH 92  2092 2092 HOH HOH A . 
D 4 HOH 93  2093 2093 HOH HOH A . 
D 4 HOH 94  2094 2094 HOH HOH A . 
D 4 HOH 95  2095 2095 HOH HOH A . 
D 4 HOH 96  2096 2096 HOH HOH A . 
D 4 HOH 97  2097 2097 HOH HOH A . 
D 4 HOH 98  2098 2098 HOH HOH A . 
D 4 HOH 99  2099 2099 HOH HOH A . 
D 4 HOH 100 2100 2100 HOH HOH A . 
D 4 HOH 101 2101 2101 HOH HOH A . 
D 4 HOH 102 2102 2102 HOH HOH A . 
D 4 HOH 103 2103 2103 HOH HOH A . 
D 4 HOH 104 2104 2104 HOH HOH A . 
D 4 HOH 105 2105 2105 HOH HOH A . 
D 4 HOH 106 2106 2106 HOH HOH A . 
D 4 HOH 107 2107 2107 HOH HOH A . 
D 4 HOH 108 2108 2108 HOH HOH A . 
D 4 HOH 109 2109 2109 HOH HOH A . 
D 4 HOH 110 2110 2110 HOH HOH A . 
D 4 HOH 111 2111 2111 HOH HOH A . 
D 4 HOH 112 2112 2112 HOH HOH A . 
D 4 HOH 113 2113 2113 HOH HOH A . 
D 4 HOH 114 2114 2114 HOH HOH A . 
D 4 HOH 115 2115 2115 HOH HOH A . 
D 4 HOH 116 2116 2116 HOH HOH A . 
D 4 HOH 117 2117 2117 HOH HOH A . 
D 4 HOH 118 2118 2118 HOH HOH A . 
D 4 HOH 119 2119 2119 HOH HOH A . 
D 4 HOH 120 2120 2120 HOH HOH A . 
D 4 HOH 121 2121 2121 HOH HOH A . 
D 4 HOH 122 2122 2122 HOH HOH A . 
D 4 HOH 123 2123 2123 HOH HOH A . 
D 4 HOH 124 2124 2124 HOH HOH A . 
D 4 HOH 125 2125 2125 HOH HOH A . 
D 4 HOH 126 2126 2126 HOH HOH A . 
D 4 HOH 127 2127 2127 HOH HOH A . 
D 4 HOH 128 2128 2128 HOH HOH A . 
# 
loop_
_pdbx_unobs_or_zero_occ_atoms.id 
_pdbx_unobs_or_zero_occ_atoms.PDB_model_num 
_pdbx_unobs_or_zero_occ_atoms.polymer_flag 
_pdbx_unobs_or_zero_occ_atoms.occupancy_flag 
_pdbx_unobs_or_zero_occ_atoms.auth_asym_id 
_pdbx_unobs_or_zero_occ_atoms.auth_comp_id 
_pdbx_unobs_or_zero_occ_atoms.auth_seq_id 
_pdbx_unobs_or_zero_occ_atoms.PDB_ins_code 
_pdbx_unobs_or_zero_occ_atoms.auth_atom_id 
_pdbx_unobs_or_zero_occ_atoms.label_alt_id 
_pdbx_unobs_or_zero_occ_atoms.label_asym_id 
_pdbx_unobs_or_zero_occ_atoms.label_comp_id 
_pdbx_unobs_or_zero_occ_atoms.label_seq_id 
_pdbx_unobs_or_zero_occ_atoms.label_atom_id 
1  1 Y 1 A GLU -8  ? CG  ? A GLU 16 CG  
2  1 Y 1 A GLU -8  ? CD  ? A GLU 16 CD  
3  1 Y 1 A GLU -8  ? OE1 ? A GLU 16 OE1 
4  1 Y 1 A GLU -8  ? OE2 ? A GLU 16 OE2 
5  1 Y 1 A ASN -7  ? CG  ? A ASN 17 CG  
6  1 Y 1 A ASN -7  ? OD1 ? A ASN 17 OD1 
7  1 Y 1 A ASN -7  ? ND2 ? A ASN 17 ND2 
8  1 Y 1 A GLU 54  ? CG  ? A GLU 41 CG  
9  1 Y 1 A GLU 54  ? CD  ? A GLU 41 CD  
10 1 Y 1 A GLU 54  ? OE1 ? A GLU 41 OE1 
11 1 Y 1 A GLU 54  ? OE2 ? A GLU 41 OE2 
12 1 Y 1 A LYS 65  ? CE  ? A LYS 52 CE  
13 1 Y 1 A LYS 65  ? NZ  ? A LYS 52 NZ  
14 1 Y 1 A LYS 102 ? CE  ? A LYS 89 CE  
15 1 Y 1 A LYS 102 ? NZ  ? A LYS 89 NZ  
# 
loop_
_software.name 
_software.classification 
_software.version 
_software.citation_id 
_software.pdbx_ordinal 
XDS    'data reduction' .        ? 1 
XDS    'data scaling'   .        ? 2 
SHELXD phasing          .        ? 3 
SHELXE phasing          .        ? 4 
REFMAC refinement       5.2.0005 ? 5 
# 
_cell.entry_id           2C60 
_cell.length_a           82.800 
_cell.length_b           42.300 
_cell.length_c           30.600 
_cell.angle_alpha        90.00 
_cell.angle_beta         106.60 
_cell.angle_gamma        90.00 
_cell.Z_PDB              4 
_cell.pdbx_unique_axis   ? 
# 
_symmetry.entry_id                         2C60 
_symmetry.space_group_name_H-M             'C 1 2 1' 
_symmetry.pdbx_full_space_group_name_H-M   ? 
_symmetry.cell_setting                     ? 
_symmetry.Int_Tables_number                5 
# 
_exptl.entry_id          2C60 
_exptl.method            'X-RAY DIFFRACTION' 
_exptl.crystals_number   1 
# 
_exptl_crystal.id                    1 
_exptl_crystal.density_meas          ? 
_exptl_crystal.density_Matthews      2.1 
_exptl_crystal.density_percent_sol   42.1 
_exptl_crystal.description           ? 
# 
_exptl_crystal_grow.crystal_id      1 
_exptl_crystal_grow.method          'VAPOR DIFFUSION, SITTING DROP' 
_exptl_crystal_grow.temp            ? 
_exptl_crystal_grow.temp_details    ? 
_exptl_crystal_grow.pH              ? 
_exptl_crystal_grow.pdbx_pH_range   ? 
_exptl_crystal_grow.pdbx_details    '150 NANOLITRE SITTING DROPS, 0.2 KSCN, 20% PEG3350, 10% ETHYLENE GLYCOL' 
# 
_diffrn.id                     1 
_diffrn.ambient_temp           100.0 
_diffrn.ambient_temp_details   ? 
_diffrn.crystal_id             1 
# 
_diffrn_detector.diffrn_id              1 
_diffrn_detector.detector               CCD 
_diffrn_detector.type                   MARRESEARCH 
_diffrn_detector.pdbx_collection_date   2005-10-22 
_diffrn_detector.details                MIRRORS 
# 
_diffrn_radiation.diffrn_id                        1 
_diffrn_radiation.wavelength_id                    1 
_diffrn_radiation.pdbx_monochromatic_or_laue_m_l   M 
_diffrn_radiation.monochromator                    SI111 
_diffrn_radiation.pdbx_diffrn_protocol             'SINGLE WAVELENGTH' 
_diffrn_radiation.pdbx_scattering_type             x-ray 
# 
_diffrn_radiation_wavelength.id           1 
_diffrn_radiation_wavelength.wavelength   0.9718 
_diffrn_radiation_wavelength.wt           1.0 
# 
_diffrn_source.diffrn_id                   1 
_diffrn_source.source                      SYNCHROTRON 
_diffrn_source.type                        'SLS BEAMLINE X10SA' 
_diffrn_source.pdbx_synchrotron_site       SLS 
_diffrn_source.pdbx_synchrotron_beamline   X10SA 
_diffrn_source.pdbx_wavelength             0.9718 
_diffrn_source.pdbx_wavelength_list        ? 
# 
_reflns.pdbx_diffrn_id               1 
_reflns.pdbx_ordinal                 1 
_reflns.entry_id                     2C60 
_reflns.observed_criterion_sigma_I   3.000 
_reflns.observed_criterion_sigma_F   ? 
_reflns.d_resolution_low             29.320 
_reflns.d_resolution_high            1.250 
_reflns.number_obs                   26421 
_reflns.number_all                   ? 
_reflns.percent_possible_obs         93.8 
_reflns.pdbx_Rmerge_I_obs            0.07000 
_reflns.pdbx_Rsym_value              ? 
_reflns.pdbx_netI_over_sigmaI        15.8100 
_reflns.B_iso_Wilson_estimate        ? 
_reflns.pdbx_redundancy              5.780 
# 
_reflns_shell.pdbx_diffrn_id         1 
_reflns_shell.pdbx_ordinal           1 
_reflns_shell.d_res_high             1.25 
_reflns_shell.d_res_low              1.35 
_reflns_shell.percent_possible_all   88.1 
_reflns_shell.Rmerge_I_obs           0.26000 
_reflns_shell.pdbx_Rsym_value        ? 
_reflns_shell.meanI_over_sigI_obs    5.250 
_reflns_shell.pdbx_redundancy        2.90 
# 
_refine.pdbx_refine_id                           'X-RAY DIFFRACTION' 
_refine.entry_id                                 2C60 
_refine.pdbx_diffrn_id                           1 
_refine.pdbx_TLS_residual_ADP_flag               ? 
_refine.ls_number_reflns_obs                     25085 
_refine.ls_number_reflns_all                     ? 
_refine.pdbx_ls_sigma_I                          ? 
_refine.pdbx_ls_sigma_F                          ? 
_refine.pdbx_data_cutoff_high_absF               ? 
_refine.pdbx_data_cutoff_low_absF                ? 
_refine.pdbx_data_cutoff_high_rms_absF           ? 
_refine.ls_d_res_low                             39.72 
_refine.ls_d_res_high                            1.25 
_refine.ls_percent_reflns_obs                    93.8 
_refine.ls_R_factor_obs                          0.166 
_refine.ls_R_factor_all                          ? 
_refine.ls_R_factor_R_work                       0.165 
_refine.ls_R_factor_R_free                       0.182 
_refine.ls_R_factor_R_free_error                 ? 
_refine.ls_R_factor_R_free_error_details         ? 
_refine.ls_percent_reflns_R_free                 5.100 
_refine.ls_number_reflns_R_free                  1336 
_refine.ls_number_parameters                     ? 
_refine.ls_number_restraints                     ? 
_refine.occupancy_min                            ? 
_refine.occupancy_max                            ? 
_refine.correlation_coeff_Fo_to_Fc               0.969 
_refine.correlation_coeff_Fo_to_Fc_free          0.967 
_refine.B_iso_mean                               15.02 
_refine.aniso_B[1][1]                            -0.19000 
_refine.aniso_B[2][2]                            0.33000 
_refine.aniso_B[3][3]                            0.16000 
_refine.aniso_B[1][2]                            0.00000 
_refine.aniso_B[1][3]                            0.53000 
_refine.aniso_B[2][3]                            0.00000 
_refine.solvent_model_details                    'BABINET MODEL WITH MASK' 
_refine.solvent_model_param_ksol                 ? 
_refine.solvent_model_param_bsol                 ? 
_refine.pdbx_solvent_vdw_probe_radii             1.20 
_refine.pdbx_solvent_ion_probe_radii             0.80 
_refine.pdbx_solvent_shrinkage_radii             0.80 
_refine.pdbx_ls_cross_valid_method               THROUGHOUT 
_refine.details                                  'HYDROGENS HAVE BEEN ADDED IN THE RIDING POSITIONS.' 
_refine.pdbx_starting_model                      ? 
_refine.pdbx_method_to_determine_struct          SAD 
_refine.pdbx_isotropic_thermal_model             ? 
_refine.pdbx_stereochemistry_target_values       'MAXIMUM LIKELIHOOD' 
_refine.pdbx_stereochem_target_val_spec_case     ? 
_refine.pdbx_R_Free_selection_details            RANDOM 
_refine.pdbx_overall_ESU_R                       0.047 
_refine.pdbx_overall_ESU_R_Free                  0.043 
_refine.overall_SU_ML                            0.032 
_refine.pdbx_overall_phase_error                 ? 
_refine.overall_SU_B                             1.719 
_refine.overall_SU_R_Cruickshank_DPI             ? 
_refine.pdbx_overall_SU_R_free_Cruickshank_DPI   ? 
_refine.pdbx_overall_SU_R_Blow_DPI               ? 
_refine.pdbx_overall_SU_R_free_Blow_DPI          ? 
# 
_refine_hist.pdbx_refine_id                   'X-RAY DIFFRACTION' 
_refine_hist.cycle_id                         LAST 
_refine_hist.pdbx_number_atoms_protein        676 
_refine_hist.pdbx_number_atoms_nucleic_acid   0 
_refine_hist.pdbx_number_atoms_ligand         7 
_refine_hist.number_atoms_solvent             128 
_refine_hist.number_atoms_total               811 
_refine_hist.d_res_high                       1.25 
_refine_hist.d_res_low                        39.72 
# 
loop_
_refine_ls_restr.type 
_refine_ls_restr.dev_ideal 
_refine_ls_restr.dev_ideal_target 
_refine_ls_restr.weight 
_refine_ls_restr.number 
_refine_ls_restr.pdbx_refine_id 
_refine_ls_restr.pdbx_restraint_function 
r_bond_refined_d             0.014  0.022  ? 722  'X-RAY DIFFRACTION' ? 
r_bond_other_d               0.002  0.020  ? 701  'X-RAY DIFFRACTION' ? 
r_angle_refined_deg          1.455  1.987  ? 969  'X-RAY DIFFRACTION' ? 
r_angle_other_deg            0.749  3.000  ? 1626 'X-RAY DIFFRACTION' ? 
r_dihedral_angle_1_deg       5.312  5.000  ? 83   'X-RAY DIFFRACTION' ? 
r_dihedral_angle_2_deg       30.656 23.714 ? 35   'X-RAY DIFFRACTION' ? 
r_dihedral_angle_3_deg       10.767 15.000 ? 148  'X-RAY DIFFRACTION' ? 
r_dihedral_angle_4_deg       18.505 15.000 ? 7    'X-RAY DIFFRACTION' ? 
r_chiral_restr               0.080  0.200  ? 117  'X-RAY DIFFRACTION' ? 
r_gen_planes_refined         0.005  0.020  ? 753  'X-RAY DIFFRACTION' ? 
r_gen_planes_other           0.001  0.020  ? 138  'X-RAY DIFFRACTION' ? 
r_nbd_refined                0.235  0.200  ? 115  'X-RAY DIFFRACTION' ? 
r_nbd_other                  0.191  0.200  ? 681  'X-RAY DIFFRACTION' ? 
r_nbtor_refined              0.171  0.200  ? 343  'X-RAY DIFFRACTION' ? 
r_nbtor_other                0.085  0.200  ? 453  'X-RAY DIFFRACTION' ? 
r_xyhbond_nbd_refined        0.123  0.200  ? 83   'X-RAY DIFFRACTION' ? 
r_xyhbond_nbd_other          ?      ?      ? ?    'X-RAY DIFFRACTION' ? 
r_metal_ion_refined          ?      ?      ? ?    'X-RAY DIFFRACTION' ? 
r_metal_ion_other            ?      ?      ? ?    'X-RAY DIFFRACTION' ? 
r_symmetry_vdw_refined       0.151  0.200  ? 11   'X-RAY DIFFRACTION' ? 
r_symmetry_vdw_other         0.199  0.200  ? 38   'X-RAY DIFFRACTION' ? 
r_symmetry_hbond_refined     0.155  0.200  ? 17   'X-RAY DIFFRACTION' ? 
r_symmetry_hbond_other       ?      ?      ? ?    'X-RAY DIFFRACTION' ? 
r_symmetry_metal_ion_refined ?      ?      ? ?    'X-RAY DIFFRACTION' ? 
r_symmetry_metal_ion_other   ?      ?      ? ?    'X-RAY DIFFRACTION' ? 
r_mcbond_it                  1.847  1.500  ? 450  'X-RAY DIFFRACTION' ? 
r_mcbond_other               ?      ?      ? ?    'X-RAY DIFFRACTION' ? 
r_mcangle_it                 2.428  2.000  ? 703  'X-RAY DIFFRACTION' ? 
r_mcangle_other              ?      ?      ? ?    'X-RAY DIFFRACTION' ? 
r_scbond_it                  3.351  3.000  ? 306  'X-RAY DIFFRACTION' ? 
r_scbond_other               ?      ?      ? ?    'X-RAY DIFFRACTION' ? 
r_scangle_it                 4.725  4.500  ? 266  'X-RAY DIFFRACTION' ? 
r_scangle_other              ?      ?      ? ?    'X-RAY DIFFRACTION' ? 
r_long_range_B_refined       ?      ?      ? ?    'X-RAY DIFFRACTION' ? 
r_long_range_B_other         ?      ?      ? ?    'X-RAY DIFFRACTION' ? 
r_rigid_bond_restr           ?      ?      ? ?    'X-RAY DIFFRACTION' ? 
r_sphericity_free            ?      ?      ? ?    'X-RAY DIFFRACTION' ? 
r_sphericity_bonded          ?      ?      ? ?    'X-RAY DIFFRACTION' ? 
# 
_refine_ls_shell.pdbx_refine_id                   'X-RAY DIFFRACTION' 
_refine_ls_shell.pdbx_total_number_of_bins_used   20 
_refine_ls_shell.d_res_high                       1.25 
_refine_ls_shell.d_res_low                        1.28 
_refine_ls_shell.number_reflns_R_work             1516 
_refine_ls_shell.R_factor_R_work                  0.3250 
_refine_ls_shell.percent_reflns_obs               ? 
_refine_ls_shell.R_factor_R_free                  0.3040 
_refine_ls_shell.R_factor_R_free_error            ? 
_refine_ls_shell.percent_reflns_R_free            ? 
_refine_ls_shell.number_reflns_R_free             93 
_refine_ls_shell.number_reflns_all                ? 
_refine_ls_shell.R_factor_all                     ? 
# 
_struct.entry_id                  2C60 
_struct.title                     
'crystal structure of human mitogen-activated protein kinase kinase kinase 3 isoform 2 phox domain at 1.25 A resolution' 
_struct.pdbx_model_details        ? 
_struct.pdbx_CASP_flag            ? 
_struct.pdbx_model_type_details   ? 
# 
_struct_keywords.entry_id        2C60 
_struct_keywords.pdbx_keywords   TRANSFERASE 
_struct_keywords.text            
;MAP3K3, MAP/ERK KINASE KINASE 3, MAPKKK3, MEKK3, SERINE THREONINE PHOSPHORYLATION, ATP-BINDING, KINASE, MAGNESIUM, METAL-BINDING, NUCLEOTIDE-BINDING, PHOSPHORYLATION, SERINE/THREONINE-PROTEIN KINASE, TRANSFERASE
;
# 
loop_
_struct_asym.id 
_struct_asym.pdbx_blank_PDB_chainid_flag 
_struct_asym.pdbx_modified 
_struct_asym.entity_id 
_struct_asym.details 
A N N 1 ? 
B N N 2 ? 
C N N 3 ? 
D N N 4 ? 
# 
loop_
_struct_ref.id 
_struct_ref.db_name 
_struct_ref.db_code 
_struct_ref.entity_id 
_struct_ref.pdbx_seq_one_letter_code 
_struct_ref.pdbx_align_begin 
_struct_ref.pdbx_db_accession 
_struct_ref.pdbx_db_isoform 
1 PDB 2C60       1 ? ? 2C60   ? 
2 UNP M3K3_HUMAN 1 ? ? Q99759 ? 
# 
loop_
_struct_ref_seq.align_id 
_struct_ref_seq.ref_id 
_struct_ref_seq.pdbx_PDB_id_code 
_struct_ref_seq.pdbx_strand_id 
_struct_ref_seq.seq_align_beg 
_struct_ref_seq.pdbx_seq_align_beg_ins_code 
_struct_ref_seq.seq_align_end 
_struct_ref_seq.pdbx_seq_align_end_ins_code 
_struct_ref_seq.pdbx_db_accession 
_struct_ref_seq.db_align_beg 
_struct_ref_seq.pdbx_db_align_beg_ins_code 
_struct_ref_seq.db_align_end 
_struct_ref_seq.pdbx_db_align_end_ins_code 
_struct_ref_seq.pdbx_auth_seq_align_beg 
_struct_ref_seq.pdbx_auth_seq_align_end 
1 1 2C60 A 1  ? 23  ? 2C60   -23 ? -1  ? -23 -1  
2 2 2C60 A 24 ? 111 ? Q99759 37  ? 124 ? 37  124 
# 
_pdbx_struct_assembly.id                   1 
_pdbx_struct_assembly.details              author_and_software_defined_assembly 
_pdbx_struct_assembly.method_details       PQS 
_pdbx_struct_assembly.oligomeric_details   monomeric 
_pdbx_struct_assembly.oligomeric_count     1 
# 
_pdbx_struct_assembly_gen.assembly_id       1 
_pdbx_struct_assembly_gen.oper_expression   1 
_pdbx_struct_assembly_gen.asym_id_list      A,B,C,D 
# 
_pdbx_struct_oper_list.id                   1 
_pdbx_struct_oper_list.type                 'identity operation' 
_pdbx_struct_oper_list.name                 1_555 
_pdbx_struct_oper_list.symmetry_operation   x,y,z 
_pdbx_struct_oper_list.matrix[1][1]         1.0000000000 
_pdbx_struct_oper_list.matrix[1][2]         0.0000000000 
_pdbx_struct_oper_list.matrix[1][3]         0.0000000000 
_pdbx_struct_oper_list.vector[1]            0.0000000000 
_pdbx_struct_oper_list.matrix[2][1]         0.0000000000 
_pdbx_struct_oper_list.matrix[2][2]         1.0000000000 
_pdbx_struct_oper_list.matrix[2][3]         0.0000000000 
_pdbx_struct_oper_list.vector[2]            0.0000000000 
_pdbx_struct_oper_list.matrix[3][1]         0.0000000000 
_pdbx_struct_oper_list.matrix[3][2]         0.0000000000 
_pdbx_struct_oper_list.matrix[3][3]         1.0000000000 
_pdbx_struct_oper_list.vector[3]            0.0000000000 
# 
loop_
_struct_conf.conf_type_id 
_struct_conf.id 
_struct_conf.pdbx_PDB_helix_id 
_struct_conf.beg_label_comp_id 
_struct_conf.beg_label_asym_id 
_struct_conf.beg_label_seq_id 
_struct_conf.pdbx_beg_PDB_ins_code 
_struct_conf.end_label_comp_id 
_struct_conf.end_label_asym_id 
_struct_conf.end_label_seq_id 
_struct_conf.pdbx_end_PDB_ins_code 
_struct_conf.beg_auth_comp_id 
_struct_conf.beg_auth_asym_id 
_struct_conf.beg_auth_seq_id 
_struct_conf.end_auth_comp_id 
_struct_conf.end_auth_asym_id 
_struct_conf.end_auth_seq_id 
_struct_conf.pdbx_PDB_helix_class 
_struct_conf.details 
_struct_conf.pdbx_PDB_helix_length 
HELX_P HELX_P1 1 LYS A 52 ? GLY A 65 ? LYS A 65 GLY A 78  1 ? 14 
HELX_P HELX_P2 2 ASN A 83 ? SER A 97 ? ASN A 96 SER A 110 1 ? 15 
# 
_struct_conf_type.id          HELX_P 
_struct_conf_type.criteria    ? 
_struct_conf_type.reference   ? 
# 
loop_
_struct_conn.id 
_struct_conn.conn_type_id 
_struct_conn.pdbx_leaving_atom_flag 
_struct_conn.pdbx_PDB_id 
_struct_conn.ptnr1_label_asym_id 
_struct_conn.ptnr1_label_comp_id 
_struct_conn.ptnr1_label_seq_id 
_struct_conn.ptnr1_label_atom_id 
_struct_conn.pdbx_ptnr1_label_alt_id 
_struct_conn.pdbx_ptnr1_PDB_ins_code 
_struct_conn.pdbx_ptnr1_standard_comp_id 
_struct_conn.ptnr1_symmetry 
_struct_conn.ptnr2_label_asym_id 
_struct_conn.ptnr2_label_comp_id 
_struct_conn.ptnr2_label_seq_id 
_struct_conn.ptnr2_label_atom_id 
_struct_conn.pdbx_ptnr2_label_alt_id 
_struct_conn.pdbx_ptnr2_PDB_ins_code 
_struct_conn.ptnr1_auth_asym_id 
_struct_conn.ptnr1_auth_comp_id 
_struct_conn.ptnr1_auth_seq_id 
_struct_conn.ptnr2_auth_asym_id 
_struct_conn.ptnr2_auth_comp_id 
_struct_conn.ptnr2_auth_seq_id 
_struct_conn.ptnr2_symmetry 
_struct_conn.pdbx_ptnr3_label_atom_id 
_struct_conn.pdbx_ptnr3_label_seq_id 
_struct_conn.pdbx_ptnr3_label_comp_id 
_struct_conn.pdbx_ptnr3_label_asym_id 
_struct_conn.pdbx_ptnr3_label_alt_id 
_struct_conn.pdbx_ptnr3_PDB_ins_code 
_struct_conn.details 
_struct_conn.pdbx_dist_value 
_struct_conn.pdbx_value_order 
_struct_conn.pdbx_role 
covale1 covale both ? A TYR 72  C  ? ? ? 1_555 A MSE 73  N  ? ? A TYR 85   A MSE 86   1_555 ? ? ? ? ? ? ? 1.324 ? ? 
covale2 covale both ? A MSE 73  C  ? ? ? 1_555 A ASN 74  N  ? ? A MSE 86   A ASN 87   1_555 ? ? ? ? ? ? ? 1.326 ? ? 
covale3 covale both ? A SER 99  C  ? ? ? 1_555 A MSE 100 N  ? ? A SER 112  A MSE 113  1_555 ? ? ? ? ? ? ? 1.331 ? ? 
covale4 covale both ? A MSE 100 C  ? ? ? 1_555 A LYS 101 N  ? ? A MSE 113  A LYS 114  1_555 ? ? ? ? ? ? ? 1.325 ? ? 
metalc1 metalc ?    ? A LEU 94  O  ? ? ? 1_555 B CA  .   CA ? ? A LEU 107  A CA  1123 1_555 ? ? ? ? ? ? ? 2.643 ? ? 
metalc2 metalc ?    ? A SER 97  O  ? ? ? 1_555 B CA  .   CA ? ? A SER 110  A CA  1123 1_555 ? ? ? ? ? ? ? 2.599 ? ? 
metalc3 metalc ?    ? A MSE 100 O  ? ? ? 1_555 B CA  .   CA ? ? A MSE 113  A CA  1123 1_555 ? ? ? ? ? ? ? 2.618 ? ? 
metalc4 metalc ?    ? B CA  .   CA ? ? ? 1_555 D HOH .   O  ? ? A CA  1123 A HOH 2065 1_555 ? ? ? ? ? ? ? 2.752 ? ? 
metalc5 metalc ?    ? B CA  .   CA ? ? ? 1_555 D HOH .   O  ? ? A CA  1123 A HOH 2108 1_555 ? ? ? ? ? ? ? 2.989 ? ? 
metalc6 metalc ?    ? B CA  .   CA ? ? ? 1_555 D HOH .   O  ? ? A CA  1123 A HOH 2109 1_555 ? ? ? ? ? ? ? 2.909 ? ? 
# 
loop_
_struct_conn_type.id 
_struct_conn_type.criteria 
_struct_conn_type.reference 
covale ? ? 
metalc ? ? 
# 
loop_
_pdbx_struct_conn_angle.id 
_pdbx_struct_conn_angle.ptnr1_label_atom_id 
_pdbx_struct_conn_angle.ptnr1_label_alt_id 
_pdbx_struct_conn_angle.ptnr1_label_asym_id 
_pdbx_struct_conn_angle.ptnr1_label_comp_id 
_pdbx_struct_conn_angle.ptnr1_label_seq_id 
_pdbx_struct_conn_angle.ptnr1_auth_atom_id 
_pdbx_struct_conn_angle.ptnr1_auth_asym_id 
_pdbx_struct_conn_angle.ptnr1_auth_comp_id 
_pdbx_struct_conn_angle.ptnr1_auth_seq_id 
_pdbx_struct_conn_angle.ptnr1_PDB_ins_code 
_pdbx_struct_conn_angle.ptnr1_symmetry 
_pdbx_struct_conn_angle.ptnr2_label_atom_id 
_pdbx_struct_conn_angle.ptnr2_label_alt_id 
_pdbx_struct_conn_angle.ptnr2_label_asym_id 
_pdbx_struct_conn_angle.ptnr2_label_comp_id 
_pdbx_struct_conn_angle.ptnr2_label_seq_id 
_pdbx_struct_conn_angle.ptnr2_auth_atom_id 
_pdbx_struct_conn_angle.ptnr2_auth_asym_id 
_pdbx_struct_conn_angle.ptnr2_auth_comp_id 
_pdbx_struct_conn_angle.ptnr2_auth_seq_id 
_pdbx_struct_conn_angle.ptnr2_PDB_ins_code 
_pdbx_struct_conn_angle.ptnr2_symmetry 
_pdbx_struct_conn_angle.ptnr3_label_atom_id 
_pdbx_struct_conn_angle.ptnr3_label_alt_id 
_pdbx_struct_conn_angle.ptnr3_label_asym_id 
_pdbx_struct_conn_angle.ptnr3_label_comp_id 
_pdbx_struct_conn_angle.ptnr3_label_seq_id 
_pdbx_struct_conn_angle.ptnr3_auth_atom_id 
_pdbx_struct_conn_angle.ptnr3_auth_asym_id 
_pdbx_struct_conn_angle.ptnr3_auth_comp_id 
_pdbx_struct_conn_angle.ptnr3_auth_seq_id 
_pdbx_struct_conn_angle.ptnr3_PDB_ins_code 
_pdbx_struct_conn_angle.ptnr3_symmetry 
_pdbx_struct_conn_angle.value 
_pdbx_struct_conn_angle.value_esd 
1  O ? A LEU 94  ? A LEU 107  ? 1_555 CA ? B CA . ? A CA 1123 ? 1_555 O ? A SER 97  ? A SER 110  ? 1_555 78.4  ? 
2  O ? A LEU 94  ? A LEU 107  ? 1_555 CA ? B CA . ? A CA 1123 ? 1_555 O ? A MSE 100 ? A MSE 113  ? 1_555 102.9 ? 
3  O ? A SER 97  ? A SER 110  ? 1_555 CA ? B CA . ? A CA 1123 ? 1_555 O ? A MSE 100 ? A MSE 113  ? 1_555 94.3  ? 
4  O ? A LEU 94  ? A LEU 107  ? 1_555 CA ? B CA . ? A CA 1123 ? 1_555 O ? D HOH .   ? A HOH 2065 ? 1_555 156.8 ? 
5  O ? A SER 97  ? A SER 110  ? 1_555 CA ? B CA . ? A CA 1123 ? 1_555 O ? D HOH .   ? A HOH 2065 ? 1_555 120.9 ? 
6  O ? A MSE 100 ? A MSE 113  ? 1_555 CA ? B CA . ? A CA 1123 ? 1_555 O ? D HOH .   ? A HOH 2065 ? 1_555 89.3  ? 
7  O ? A LEU 94  ? A LEU 107  ? 1_555 CA ? B CA . ? A CA 1123 ? 1_555 O ? D HOH .   ? A HOH 2108 ? 1_555 79.2  ? 
8  O ? A SER 97  ? A SER 110  ? 1_555 CA ? B CA . ? A CA 1123 ? 1_555 O ? D HOH .   ? A HOH 2108 ? 1_555 143.8 ? 
9  O ? A MSE 100 ? A MSE 113  ? 1_555 CA ? B CA . ? A CA 1123 ? 1_555 O ? D HOH .   ? A HOH 2108 ? 1_555 118.2 ? 
10 O ? D HOH .   ? A HOH 2065 ? 1_555 CA ? B CA . ? A CA 1123 ? 1_555 O ? D HOH .   ? A HOH 2108 ? 1_555 77.7  ? 
11 O ? A LEU 94  ? A LEU 107  ? 1_555 CA ? B CA . ? A CA 1123 ? 1_555 O ? D HOH .   ? A HOH 2109 ? 1_555 92.4  ? 
12 O ? A SER 97  ? A SER 110  ? 1_555 CA ? B CA . ? A CA 1123 ? 1_555 O ? D HOH .   ? A HOH 2109 ? 1_555 75.4  ? 
13 O ? A MSE 100 ? A MSE 113  ? 1_555 CA ? B CA . ? A CA 1123 ? 1_555 O ? D HOH .   ? A HOH 2109 ? 1_555 159.6 ? 
14 O ? D HOH .   ? A HOH 2065 ? 1_555 CA ? B CA . ? A CA 1123 ? 1_555 O ? D HOH .   ? A HOH 2109 ? 1_555 81.4  ? 
15 O ? D HOH .   ? A HOH 2108 ? 1_555 CA ? B CA . ? A CA 1123 ? 1_555 O ? D HOH .   ? A HOH 2109 ? 1_555 77.6  ? 
# 
loop_
_pdbx_modification_feature.ordinal 
_pdbx_modification_feature.label_comp_id 
_pdbx_modification_feature.label_asym_id 
_pdbx_modification_feature.label_seq_id 
_pdbx_modification_feature.label_alt_id 
_pdbx_modification_feature.modified_residue_label_comp_id 
_pdbx_modification_feature.modified_residue_label_asym_id 
_pdbx_modification_feature.modified_residue_label_seq_id 
_pdbx_modification_feature.modified_residue_label_alt_id 
_pdbx_modification_feature.auth_comp_id 
_pdbx_modification_feature.auth_asym_id 
_pdbx_modification_feature.auth_seq_id 
_pdbx_modification_feature.PDB_ins_code 
_pdbx_modification_feature.symmetry 
_pdbx_modification_feature.modified_residue_auth_comp_id 
_pdbx_modification_feature.modified_residue_auth_asym_id 
_pdbx_modification_feature.modified_residue_auth_seq_id 
_pdbx_modification_feature.modified_residue_PDB_ins_code 
_pdbx_modification_feature.modified_residue_symmetry 
_pdbx_modification_feature.comp_id_linking_atom 
_pdbx_modification_feature.modified_residue_id_linking_atom 
_pdbx_modification_feature.modified_residue_id 
_pdbx_modification_feature.ref_pcm_id 
_pdbx_modification_feature.ref_comp_id 
_pdbx_modification_feature.type 
_pdbx_modification_feature.category 
1 MSE A 73  ? . . . . MSE A 86  ? 1_555 . . . . . . . MET 1 MSE Selenomethionine 'Named protein modification' 
2 MSE A 100 ? . . . . MSE A 113 ? 1_555 . . . . . . . MET 1 MSE Selenomethionine 'Named protein modification' 
# 
_struct_mon_prot_cis.pdbx_id                1 
_struct_mon_prot_cis.label_comp_id          ARG 
_struct_mon_prot_cis.label_seq_id           49 
_struct_mon_prot_cis.label_asym_id          A 
_struct_mon_prot_cis.label_alt_id           . 
_struct_mon_prot_cis.pdbx_PDB_ins_code      ? 
_struct_mon_prot_cis.auth_comp_id           ARG 
_struct_mon_prot_cis.auth_seq_id            62 
_struct_mon_prot_cis.auth_asym_id           A 
_struct_mon_prot_cis.pdbx_label_comp_id_2   PRO 
_struct_mon_prot_cis.pdbx_label_seq_id_2    50 
_struct_mon_prot_cis.pdbx_label_asym_id_2   A 
_struct_mon_prot_cis.pdbx_PDB_ins_code_2    ? 
_struct_mon_prot_cis.pdbx_auth_comp_id_2    PRO 
_struct_mon_prot_cis.pdbx_auth_seq_id_2     63 
_struct_mon_prot_cis.pdbx_auth_asym_id_2    A 
_struct_mon_prot_cis.pdbx_PDB_model_num     1 
_struct_mon_prot_cis.pdbx_omega_angle       -5.38 
# 
_struct_sheet.id               AA 
_struct_sheet.type             ? 
_struct_sheet.number_strands   5 
_struct_sheet.details          ? 
# 
loop_
_struct_sheet_order.sheet_id 
_struct_sheet_order.range_id_1 
_struct_sheet_order.range_id_2 
_struct_sheet_order.offset 
_struct_sheet_order.sense 
AA 1 2 ? anti-parallel 
AA 2 3 ? parallel      
AA 3 4 ? anti-parallel 
AA 4 5 ? anti-parallel 
# 
loop_
_struct_sheet_range.sheet_id 
_struct_sheet_range.id 
_struct_sheet_range.beg_label_comp_id 
_struct_sheet_range.beg_label_asym_id 
_struct_sheet_range.beg_label_seq_id 
_struct_sheet_range.pdbx_beg_PDB_ins_code 
_struct_sheet_range.end_label_comp_id 
_struct_sheet_range.end_label_asym_id 
_struct_sheet_range.end_label_seq_id 
_struct_sheet_range.pdbx_end_PDB_ins_code 
_struct_sheet_range.beg_auth_comp_id 
_struct_sheet_range.beg_auth_asym_id 
_struct_sheet_range.beg_auth_seq_id 
_struct_sheet_range.end_auth_comp_id 
_struct_sheet_range.end_auth_asym_id 
_struct_sheet_range.end_auth_seq_id 
AA 1 GLU A 41  ? PHE A 47  ? GLU A 54  PHE A 60  
AA 2 VAL A 32  ? HIS A 38  ? VAL A 45  HIS A 51  
AA 3 LEU A 103 ? LEU A 108 ? LEU A 116 LEU A 121 
AA 4 ASP A 69  ? MSE A 73  ? ASP A 82  MSE A 86  
AA 5 SER A 78  ? LEU A 80  ? SER A 91  LEU A 93  
# 
loop_
_pdbx_struct_sheet_hbond.sheet_id 
_pdbx_struct_sheet_hbond.range_id_1 
_pdbx_struct_sheet_hbond.range_id_2 
_pdbx_struct_sheet_hbond.range_1_label_atom_id 
_pdbx_struct_sheet_hbond.range_1_label_comp_id 
_pdbx_struct_sheet_hbond.range_1_label_asym_id 
_pdbx_struct_sheet_hbond.range_1_label_seq_id 
_pdbx_struct_sheet_hbond.range_1_PDB_ins_code 
_pdbx_struct_sheet_hbond.range_1_auth_atom_id 
_pdbx_struct_sheet_hbond.range_1_auth_comp_id 
_pdbx_struct_sheet_hbond.range_1_auth_asym_id 
_pdbx_struct_sheet_hbond.range_1_auth_seq_id 
_pdbx_struct_sheet_hbond.range_2_label_atom_id 
_pdbx_struct_sheet_hbond.range_2_label_comp_id 
_pdbx_struct_sheet_hbond.range_2_label_asym_id 
_pdbx_struct_sheet_hbond.range_2_label_seq_id 
_pdbx_struct_sheet_hbond.range_2_PDB_ins_code 
_pdbx_struct_sheet_hbond.range_2_auth_atom_id 
_pdbx_struct_sheet_hbond.range_2_auth_comp_id 
_pdbx_struct_sheet_hbond.range_2_auth_asym_id 
_pdbx_struct_sheet_hbond.range_2_auth_seq_id 
AA 1 2 N PHE A 47  ? N PHE A 60  O VAL A 32  ? O VAL A 45  
AA 2 3 N LYS A 35  ? N LYS A 48  O LEU A 103 ? O LEU A 116 
AA 3 4 N LEU A 108 ? N LEU A 121 O ASP A 69  ? O ASP A 82  
AA 4 5 N TYR A 72  ? N TYR A 85  O ILE A 79  ? O ILE A 92  
# 
loop_
_struct_site.id 
_struct_site.pdbx_evidence_code 
_struct_site.pdbx_auth_asym_id 
_struct_site.pdbx_auth_comp_id 
_struct_site.pdbx_auth_seq_id 
_struct_site.pdbx_auth_ins_code 
_struct_site.pdbx_num_residues 
_struct_site.details 
AC1 Software ? ? ? ? 6 'BINDING SITE FOR RESIDUE CA A1123'  
AC2 Software ? ? ? ? 6 'BINDING SITE FOR RESIDUE GOL A1124' 
# 
loop_
_struct_site_gen.id 
_struct_site_gen.site_id 
_struct_site_gen.pdbx_num_res 
_struct_site_gen.label_comp_id 
_struct_site_gen.label_asym_id 
_struct_site_gen.label_seq_id 
_struct_site_gen.pdbx_auth_ins_code 
_struct_site_gen.auth_comp_id 
_struct_site_gen.auth_asym_id 
_struct_site_gen.auth_seq_id 
_struct_site_gen.label_atom_id 
_struct_site_gen.label_alt_id 
_struct_site_gen.symmetry 
_struct_site_gen.details 
1  AC1 6 LEU A 94  ? LEU A 107  . ? 1_555 ? 
2  AC1 6 SER A 97  ? SER A 110  . ? 1_555 ? 
3  AC1 6 MSE A 100 ? MSE A 113  . ? 1_555 ? 
4  AC1 6 HOH D .   ? HOH A 2065 . ? 1_555 ? 
5  AC1 6 HOH D .   ? HOH A 2108 . ? 1_555 ? 
6  AC1 6 HOH D .   ? HOH A 2109 . ? 1_555 ? 
7  AC2 6 ARG A 43  ? ARG A 56   . ? 1_555 ? 
8  AC2 6 ARG A 49  ? ARG A 62   . ? 1_555 ? 
9  AC2 6 PRO A 50  ? PRO A 63   . ? 1_555 ? 
10 AC2 6 VAL A 51  ? VAL A 64   . ? 1_555 ? 
11 AC2 6 VAL A 63  ? VAL A 76   . ? 1_555 ? 
12 AC2 6 HOH D .   ? HOH A 2101 . ? 1_555 ? 
# 
_pdbx_entry_details.entry_id                   2C60 
_pdbx_entry_details.compound_details           'COMPONENT OF A PROTEIN KINASE SIGNAL TRANSDUCTION CASCADE' 
_pdbx_entry_details.source_details             ? 
_pdbx_entry_details.nonpolymer_details         ? 
_pdbx_entry_details.sequence_details           
;THE FIRST 13 RESIDUES (MHHHHHHSSG VDLGTENLYF QSM) BELONG
 TO THE HIS-TAG, CLONING ARTIFACT
;
_pdbx_entry_details.has_ligand_of_interest     ? 
_pdbx_entry_details.has_protein_modification   Y 
# 
_pdbx_validate_torsion.id              1 
_pdbx_validate_torsion.PDB_model_num   1 
_pdbx_validate_torsion.auth_comp_id    ASN 
_pdbx_validate_torsion.auth_asym_id    A 
_pdbx_validate_torsion.auth_seq_id     87 
_pdbx_validate_torsion.PDB_ins_code    ? 
_pdbx_validate_torsion.label_alt_id    ? 
_pdbx_validate_torsion.phi             -118.42 
_pdbx_validate_torsion.psi             -164.68 
# 
loop_
_pdbx_struct_mod_residue.id 
_pdbx_struct_mod_residue.label_asym_id 
_pdbx_struct_mod_residue.label_comp_id 
_pdbx_struct_mod_residue.label_seq_id 
_pdbx_struct_mod_residue.auth_asym_id 
_pdbx_struct_mod_residue.auth_comp_id 
_pdbx_struct_mod_residue.auth_seq_id 
_pdbx_struct_mod_residue.PDB_ins_code 
_pdbx_struct_mod_residue.parent_comp_id 
_pdbx_struct_mod_residue.details 
1 A MSE 73  A MSE 86  ? MET SELENOMETHIONINE 
2 A MSE 100 A MSE 113 ? MET SELENOMETHIONINE 
# 
loop_
_pdbx_unobs_or_zero_occ_residues.id 
_pdbx_unobs_or_zero_occ_residues.PDB_model_num 
_pdbx_unobs_or_zero_occ_residues.polymer_flag 
_pdbx_unobs_or_zero_occ_residues.occupancy_flag 
_pdbx_unobs_or_zero_occ_residues.auth_asym_id 
_pdbx_unobs_or_zero_occ_residues.auth_comp_id 
_pdbx_unobs_or_zero_occ_residues.auth_seq_id 
_pdbx_unobs_or_zero_occ_residues.PDB_ins_code 
_pdbx_unobs_or_zero_occ_residues.label_asym_id 
_pdbx_unobs_or_zero_occ_residues.label_comp_id 
_pdbx_unobs_or_zero_occ_residues.label_seq_id 
1  1 Y 1 A MSE -23 ? A MSE 1   
2  1 Y 1 A HIS -22 ? A HIS 2   
3  1 Y 1 A HIS -21 ? A HIS 3   
4  1 Y 1 A HIS -20 ? A HIS 4   
5  1 Y 1 A HIS -19 ? A HIS 5   
6  1 Y 1 A HIS -18 ? A HIS 6   
7  1 Y 1 A HIS -17 ? A HIS 7   
8  1 Y 1 A SER -16 ? A SER 8   
9  1 Y 1 A SER -15 ? A SER 9   
10 1 Y 1 A GLY -14 ? A GLY 10  
11 1 Y 1 A VAL -13 ? A VAL 11  
12 1 Y 1 A ASP -12 ? A ASP 12  
13 1 Y 1 A LEU -11 ? A LEU 13  
14 1 Y 1 A TYR -5  ? A TYR 19  
15 1 Y 1 A PHE -4  ? A PHE 20  
16 1 Y 1 A GLN -3  ? A GLN 21  
17 1 Y 1 A SER -2  ? A SER 22  
18 1 Y 1 A MSE -1  ? A MSE 23  
19 1 Y 1 A GLY 37  ? A GLY 24  
20 1 Y 1 A HIS 38  ? A HIS 25  
21 1 Y 1 A SER 39  ? A SER 26  
22 1 Y 1 A ASN 40  ? A ASN 27  
23 1 Y 1 A ARG 41  ? A ARG 28  
24 1 Y 1 A GLN 42  ? A GLN 29  
25 1 Y 1 A GLN 123 ? A GLN 110 
26 1 Y 1 A ASP 124 ? A ASP 111 
# 
loop_
_chem_comp_atom.comp_id 
_chem_comp_atom.atom_id 
_chem_comp_atom.type_symbol 
_chem_comp_atom.pdbx_aromatic_flag 
_chem_comp_atom.pdbx_stereo_config 
_chem_comp_atom.pdbx_ordinal 
ALA N    N  N N 1   
ALA CA   C  N S 2   
ALA C    C  N N 3   
ALA O    O  N N 4   
ALA CB   C  N N 5   
ALA OXT  O  N N 6   
ALA H    H  N N 7   
ALA H2   H  N N 8   
ALA HA   H  N N 9   
ALA HB1  H  N N 10  
ALA HB2  H  N N 11  
ALA HB3  H  N N 12  
ALA HXT  H  N N 13  
ARG N    N  N N 14  
ARG CA   C  N S 15  
ARG C    C  N N 16  
ARG O    O  N N 17  
ARG CB   C  N N 18  
ARG CG   C  N N 19  
ARG CD   C  N N 20  
ARG NE   N  N N 21  
ARG CZ   C  N N 22  
ARG NH1  N  N N 23  
ARG NH2  N  N N 24  
ARG OXT  O  N N 25  
ARG H    H  N N 26  
ARG H2   H  N N 27  
ARG HA   H  N N 28  
ARG HB2  H  N N 29  
ARG HB3  H  N N 30  
ARG HG2  H  N N 31  
ARG HG3  H  N N 32  
ARG HD2  H  N N 33  
ARG HD3  H  N N 34  
ARG HE   H  N N 35  
ARG HH11 H  N N 36  
ARG HH12 H  N N 37  
ARG HH21 H  N N 38  
ARG HH22 H  N N 39  
ARG HXT  H  N N 40  
ASN N    N  N N 41  
ASN CA   C  N S 42  
ASN C    C  N N 43  
ASN O    O  N N 44  
ASN CB   C  N N 45  
ASN CG   C  N N 46  
ASN OD1  O  N N 47  
ASN ND2  N  N N 48  
ASN OXT  O  N N 49  
ASN H    H  N N 50  
ASN H2   H  N N 51  
ASN HA   H  N N 52  
ASN HB2  H  N N 53  
ASN HB3  H  N N 54  
ASN HD21 H  N N 55  
ASN HD22 H  N N 56  
ASN HXT  H  N N 57  
ASP N    N  N N 58  
ASP CA   C  N S 59  
ASP C    C  N N 60  
ASP O    O  N N 61  
ASP CB   C  N N 62  
ASP CG   C  N N 63  
ASP OD1  O  N N 64  
ASP OD2  O  N N 65  
ASP OXT  O  N N 66  
ASP H    H  N N 67  
ASP H2   H  N N 68  
ASP HA   H  N N 69  
ASP HB2  H  N N 70  
ASP HB3  H  N N 71  
ASP HD2  H  N N 72  
ASP HXT  H  N N 73  
CA  CA   CA N N 74  
GLN N    N  N N 75  
GLN CA   C  N S 76  
GLN C    C  N N 77  
GLN O    O  N N 78  
GLN CB   C  N N 79  
GLN CG   C  N N 80  
GLN CD   C  N N 81  
GLN OE1  O  N N 82  
GLN NE2  N  N N 83  
GLN OXT  O  N N 84  
GLN H    H  N N 85  
GLN H2   H  N N 86  
GLN HA   H  N N 87  
GLN HB2  H  N N 88  
GLN HB3  H  N N 89  
GLN HG2  H  N N 90  
GLN HG3  H  N N 91  
GLN HE21 H  N N 92  
GLN HE22 H  N N 93  
GLN HXT  H  N N 94  
GLU N    N  N N 95  
GLU CA   C  N S 96  
GLU C    C  N N 97  
GLU O    O  N N 98  
GLU CB   C  N N 99  
GLU CG   C  N N 100 
GLU CD   C  N N 101 
GLU OE1  O  N N 102 
GLU OE2  O  N N 103 
GLU OXT  O  N N 104 
GLU H    H  N N 105 
GLU H2   H  N N 106 
GLU HA   H  N N 107 
GLU HB2  H  N N 108 
GLU HB3  H  N N 109 
GLU HG2  H  N N 110 
GLU HG3  H  N N 111 
GLU HE2  H  N N 112 
GLU HXT  H  N N 113 
GLY N    N  N N 114 
GLY CA   C  N N 115 
GLY C    C  N N 116 
GLY O    O  N N 117 
GLY OXT  O  N N 118 
GLY H    H  N N 119 
GLY H2   H  N N 120 
GLY HA2  H  N N 121 
GLY HA3  H  N N 122 
GLY HXT  H  N N 123 
GOL C1   C  N N 124 
GOL O1   O  N N 125 
GOL C2   C  N N 126 
GOL O2   O  N N 127 
GOL C3   C  N N 128 
GOL O3   O  N N 129 
GOL H11  H  N N 130 
GOL H12  H  N N 131 
GOL HO1  H  N N 132 
GOL H2   H  N N 133 
GOL HO2  H  N N 134 
GOL H31  H  N N 135 
GOL H32  H  N N 136 
GOL HO3  H  N N 137 
HIS N    N  N N 138 
HIS CA   C  N S 139 
HIS C    C  N N 140 
HIS O    O  N N 141 
HIS CB   C  N N 142 
HIS CG   C  Y N 143 
HIS ND1  N  Y N 144 
HIS CD2  C  Y N 145 
HIS CE1  C  Y N 146 
HIS NE2  N  Y N 147 
HIS OXT  O  N N 148 
HIS H    H  N N 149 
HIS H2   H  N N 150 
HIS HA   H  N N 151 
HIS HB2  H  N N 152 
HIS HB3  H  N N 153 
HIS HD1  H  N N 154 
HIS HD2  H  N N 155 
HIS HE1  H  N N 156 
HIS HE2  H  N N 157 
HIS HXT  H  N N 158 
HOH O    O  N N 159 
HOH H1   H  N N 160 
HOH H2   H  N N 161 
ILE N    N  N N 162 
ILE CA   C  N S 163 
ILE C    C  N N 164 
ILE O    O  N N 165 
ILE CB   C  N S 166 
ILE CG1  C  N N 167 
ILE CG2  C  N N 168 
ILE CD1  C  N N 169 
ILE OXT  O  N N 170 
ILE H    H  N N 171 
ILE H2   H  N N 172 
ILE HA   H  N N 173 
ILE HB   H  N N 174 
ILE HG12 H  N N 175 
ILE HG13 H  N N 176 
ILE HG21 H  N N 177 
ILE HG22 H  N N 178 
ILE HG23 H  N N 179 
ILE HD11 H  N N 180 
ILE HD12 H  N N 181 
ILE HD13 H  N N 182 
ILE HXT  H  N N 183 
LEU N    N  N N 184 
LEU CA   C  N S 185 
LEU C    C  N N 186 
LEU O    O  N N 187 
LEU CB   C  N N 188 
LEU CG   C  N N 189 
LEU CD1  C  N N 190 
LEU CD2  C  N N 191 
LEU OXT  O  N N 192 
LEU H    H  N N 193 
LEU H2   H  N N 194 
LEU HA   H  N N 195 
LEU HB2  H  N N 196 
LEU HB3  H  N N 197 
LEU HG   H  N N 198 
LEU HD11 H  N N 199 
LEU HD12 H  N N 200 
LEU HD13 H  N N 201 
LEU HD21 H  N N 202 
LEU HD22 H  N N 203 
LEU HD23 H  N N 204 
LEU HXT  H  N N 205 
LYS N    N  N N 206 
LYS CA   C  N S 207 
LYS C    C  N N 208 
LYS O    O  N N 209 
LYS CB   C  N N 210 
LYS CG   C  N N 211 
LYS CD   C  N N 212 
LYS CE   C  N N 213 
LYS NZ   N  N N 214 
LYS OXT  O  N N 215 
LYS H    H  N N 216 
LYS H2   H  N N 217 
LYS HA   H  N N 218 
LYS HB2  H  N N 219 
LYS HB3  H  N N 220 
LYS HG2  H  N N 221 
LYS HG3  H  N N 222 
LYS HD2  H  N N 223 
LYS HD3  H  N N 224 
LYS HE2  H  N N 225 
LYS HE3  H  N N 226 
LYS HZ1  H  N N 227 
LYS HZ2  H  N N 228 
LYS HZ3  H  N N 229 
LYS HXT  H  N N 230 
MSE N    N  N N 231 
MSE CA   C  N S 232 
MSE C    C  N N 233 
MSE O    O  N N 234 
MSE OXT  O  N N 235 
MSE CB   C  N N 236 
MSE CG   C  N N 237 
MSE SE   SE N N 238 
MSE CE   C  N N 239 
MSE H    H  N N 240 
MSE H2   H  N N 241 
MSE HA   H  N N 242 
MSE HXT  H  N N 243 
MSE HB2  H  N N 244 
MSE HB3  H  N N 245 
MSE HG2  H  N N 246 
MSE HG3  H  N N 247 
MSE HE1  H  N N 248 
MSE HE2  H  N N 249 
MSE HE3  H  N N 250 
PHE N    N  N N 251 
PHE CA   C  N S 252 
PHE C    C  N N 253 
PHE O    O  N N 254 
PHE CB   C  N N 255 
PHE CG   C  Y N 256 
PHE CD1  C  Y N 257 
PHE CD2  C  Y N 258 
PHE CE1  C  Y N 259 
PHE CE2  C  Y N 260 
PHE CZ   C  Y N 261 
PHE OXT  O  N N 262 
PHE H    H  N N 263 
PHE H2   H  N N 264 
PHE HA   H  N N 265 
PHE HB2  H  N N 266 
PHE HB3  H  N N 267 
PHE HD1  H  N N 268 
PHE HD2  H  N N 269 
PHE HE1  H  N N 270 
PHE HE2  H  N N 271 
PHE HZ   H  N N 272 
PHE HXT  H  N N 273 
PRO N    N  N N 274 
PRO CA   C  N S 275 
PRO C    C  N N 276 
PRO O    O  N N 277 
PRO CB   C  N N 278 
PRO CG   C  N N 279 
PRO CD   C  N N 280 
PRO OXT  O  N N 281 
PRO H    H  N N 282 
PRO HA   H  N N 283 
PRO HB2  H  N N 284 
PRO HB3  H  N N 285 
PRO HG2  H  N N 286 
PRO HG3  H  N N 287 
PRO HD2  H  N N 288 
PRO HD3  H  N N 289 
PRO HXT  H  N N 290 
SER N    N  N N 291 
SER CA   C  N S 292 
SER C    C  N N 293 
SER O    O  N N 294 
SER CB   C  N N 295 
SER OG   O  N N 296 
SER OXT  O  N N 297 
SER H    H  N N 298 
SER H2   H  N N 299 
SER HA   H  N N 300 
SER HB2  H  N N 301 
SER HB3  H  N N 302 
SER HG   H  N N 303 
SER HXT  H  N N 304 
THR N    N  N N 305 
THR CA   C  N S 306 
THR C    C  N N 307 
THR O    O  N N 308 
THR CB   C  N R 309 
THR OG1  O  N N 310 
THR CG2  C  N N 311 
THR OXT  O  N N 312 
THR H    H  N N 313 
THR H2   H  N N 314 
THR HA   H  N N 315 
THR HB   H  N N 316 
THR HG1  H  N N 317 
THR HG21 H  N N 318 
THR HG22 H  N N 319 
THR HG23 H  N N 320 
THR HXT  H  N N 321 
TYR N    N  N N 322 
TYR CA   C  N S 323 
TYR C    C  N N 324 
TYR O    O  N N 325 
TYR CB   C  N N 326 
TYR CG   C  Y N 327 
TYR CD1  C  Y N 328 
TYR CD2  C  Y N 329 
TYR CE1  C  Y N 330 
TYR CE2  C  Y N 331 
TYR CZ   C  Y N 332 
TYR OH   O  N N 333 
TYR OXT  O  N N 334 
TYR H    H  N N 335 
TYR H2   H  N N 336 
TYR HA   H  N N 337 
TYR HB2  H  N N 338 
TYR HB3  H  N N 339 
TYR HD1  H  N N 340 
TYR HD2  H  N N 341 
TYR HE1  H  N N 342 
TYR HE2  H  N N 343 
TYR HH   H  N N 344 
TYR HXT  H  N N 345 
VAL N    N  N N 346 
VAL CA   C  N S 347 
VAL C    C  N N 348 
VAL O    O  N N 349 
VAL CB   C  N N 350 
VAL CG1  C  N N 351 
VAL CG2  C  N N 352 
VAL OXT  O  N N 353 
VAL H    H  N N 354 
VAL H2   H  N N 355 
VAL HA   H  N N 356 
VAL HB   H  N N 357 
VAL HG11 H  N N 358 
VAL HG12 H  N N 359 
VAL HG13 H  N N 360 
VAL HG21 H  N N 361 
VAL HG22 H  N N 362 
VAL HG23 H  N N 363 
VAL HXT  H  N N 364 
# 
loop_
_chem_comp_bond.comp_id 
_chem_comp_bond.atom_id_1 
_chem_comp_bond.atom_id_2 
_chem_comp_bond.value_order 
_chem_comp_bond.pdbx_aromatic_flag 
_chem_comp_bond.pdbx_stereo_config 
_chem_comp_bond.pdbx_ordinal 
ALA N   CA   sing N N 1   
ALA N   H    sing N N 2   
ALA N   H2   sing N N 3   
ALA CA  C    sing N N 4   
ALA CA  CB   sing N N 5   
ALA CA  HA   sing N N 6   
ALA C   O    doub N N 7   
ALA C   OXT  sing N N 8   
ALA CB  HB1  sing N N 9   
ALA CB  HB2  sing N N 10  
ALA CB  HB3  sing N N 11  
ALA OXT HXT  sing N N 12  
ARG N   CA   sing N N 13  
ARG N   H    sing N N 14  
ARG N   H2   sing N N 15  
ARG CA  C    sing N N 16  
ARG CA  CB   sing N N 17  
ARG CA  HA   sing N N 18  
ARG C   O    doub N N 19  
ARG C   OXT  sing N N 20  
ARG CB  CG   sing N N 21  
ARG CB  HB2  sing N N 22  
ARG CB  HB3  sing N N 23  
ARG CG  CD   sing N N 24  
ARG CG  HG2  sing N N 25  
ARG CG  HG3  sing N N 26  
ARG CD  NE   sing N N 27  
ARG CD  HD2  sing N N 28  
ARG CD  HD3  sing N N 29  
ARG NE  CZ   sing N N 30  
ARG NE  HE   sing N N 31  
ARG CZ  NH1  sing N N 32  
ARG CZ  NH2  doub N N 33  
ARG NH1 HH11 sing N N 34  
ARG NH1 HH12 sing N N 35  
ARG NH2 HH21 sing N N 36  
ARG NH2 HH22 sing N N 37  
ARG OXT HXT  sing N N 38  
ASN N   CA   sing N N 39  
ASN N   H    sing N N 40  
ASN N   H2   sing N N 41  
ASN CA  C    sing N N 42  
ASN CA  CB   sing N N 43  
ASN CA  HA   sing N N 44  
ASN C   O    doub N N 45  
ASN C   OXT  sing N N 46  
ASN CB  CG   sing N N 47  
ASN CB  HB2  sing N N 48  
ASN CB  HB3  sing N N 49  
ASN CG  OD1  doub N N 50  
ASN CG  ND2  sing N N 51  
ASN ND2 HD21 sing N N 52  
ASN ND2 HD22 sing N N 53  
ASN OXT HXT  sing N N 54  
ASP N   CA   sing N N 55  
ASP N   H    sing N N 56  
ASP N   H2   sing N N 57  
ASP CA  C    sing N N 58  
ASP CA  CB   sing N N 59  
ASP CA  HA   sing N N 60  
ASP C   O    doub N N 61  
ASP C   OXT  sing N N 62  
ASP CB  CG   sing N N 63  
ASP CB  HB2  sing N N 64  
ASP CB  HB3  sing N N 65  
ASP CG  OD1  doub N N 66  
ASP CG  OD2  sing N N 67  
ASP OD2 HD2  sing N N 68  
ASP OXT HXT  sing N N 69  
GLN N   CA   sing N N 70  
GLN N   H    sing N N 71  
GLN N   H2   sing N N 72  
GLN CA  C    sing N N 73  
GLN CA  CB   sing N N 74  
GLN CA  HA   sing N N 75  
GLN C   O    doub N N 76  
GLN C   OXT  sing N N 77  
GLN CB  CG   sing N N 78  
GLN CB  HB2  sing N N 79  
GLN CB  HB3  sing N N 80  
GLN CG  CD   sing N N 81  
GLN CG  HG2  sing N N 82  
GLN CG  HG3  sing N N 83  
GLN CD  OE1  doub N N 84  
GLN CD  NE2  sing N N 85  
GLN NE2 HE21 sing N N 86  
GLN NE2 HE22 sing N N 87  
GLN OXT HXT  sing N N 88  
GLU N   CA   sing N N 89  
GLU N   H    sing N N 90  
GLU N   H2   sing N N 91  
GLU CA  C    sing N N 92  
GLU CA  CB   sing N N 93  
GLU CA  HA   sing N N 94  
GLU C   O    doub N N 95  
GLU C   OXT  sing N N 96  
GLU CB  CG   sing N N 97  
GLU CB  HB2  sing N N 98  
GLU CB  HB3  sing N N 99  
GLU CG  CD   sing N N 100 
GLU CG  HG2  sing N N 101 
GLU CG  HG3  sing N N 102 
GLU CD  OE1  doub N N 103 
GLU CD  OE2  sing N N 104 
GLU OE2 HE2  sing N N 105 
GLU OXT HXT  sing N N 106 
GLY N   CA   sing N N 107 
GLY N   H    sing N N 108 
GLY N   H2   sing N N 109 
GLY CA  C    sing N N 110 
GLY CA  HA2  sing N N 111 
GLY CA  HA3  sing N N 112 
GLY C   O    doub N N 113 
GLY C   OXT  sing N N 114 
GLY OXT HXT  sing N N 115 
GOL C1  O1   sing N N 116 
GOL C1  C2   sing N N 117 
GOL C1  H11  sing N N 118 
GOL C1  H12  sing N N 119 
GOL O1  HO1  sing N N 120 
GOL C2  O2   sing N N 121 
GOL C2  C3   sing N N 122 
GOL C2  H2   sing N N 123 
GOL O2  HO2  sing N N 124 
GOL C3  O3   sing N N 125 
GOL C3  H31  sing N N 126 
GOL C3  H32  sing N N 127 
GOL O3  HO3  sing N N 128 
HIS N   CA   sing N N 129 
HIS N   H    sing N N 130 
HIS N   H2   sing N N 131 
HIS CA  C    sing N N 132 
HIS CA  CB   sing N N 133 
HIS CA  HA   sing N N 134 
HIS C   O    doub N N 135 
HIS C   OXT  sing N N 136 
HIS CB  CG   sing N N 137 
HIS CB  HB2  sing N N 138 
HIS CB  HB3  sing N N 139 
HIS CG  ND1  sing Y N 140 
HIS CG  CD2  doub Y N 141 
HIS ND1 CE1  doub Y N 142 
HIS ND1 HD1  sing N N 143 
HIS CD2 NE2  sing Y N 144 
HIS CD2 HD2  sing N N 145 
HIS CE1 NE2  sing Y N 146 
HIS CE1 HE1  sing N N 147 
HIS NE2 HE2  sing N N 148 
HIS OXT HXT  sing N N 149 
HOH O   H1   sing N N 150 
HOH O   H2   sing N N 151 
ILE N   CA   sing N N 152 
ILE N   H    sing N N 153 
ILE N   H2   sing N N 154 
ILE CA  C    sing N N 155 
ILE CA  CB   sing N N 156 
ILE CA  HA   sing N N 157 
ILE C   O    doub N N 158 
ILE C   OXT  sing N N 159 
ILE CB  CG1  sing N N 160 
ILE CB  CG2  sing N N 161 
ILE CB  HB   sing N N 162 
ILE CG1 CD1  sing N N 163 
ILE CG1 HG12 sing N N 164 
ILE CG1 HG13 sing N N 165 
ILE CG2 HG21 sing N N 166 
ILE CG2 HG22 sing N N 167 
ILE CG2 HG23 sing N N 168 
ILE CD1 HD11 sing N N 169 
ILE CD1 HD12 sing N N 170 
ILE CD1 HD13 sing N N 171 
ILE OXT HXT  sing N N 172 
LEU N   CA   sing N N 173 
LEU N   H    sing N N 174 
LEU N   H2   sing N N 175 
LEU CA  C    sing N N 176 
LEU CA  CB   sing N N 177 
LEU CA  HA   sing N N 178 
LEU C   O    doub N N 179 
LEU C   OXT  sing N N 180 
LEU CB  CG   sing N N 181 
LEU CB  HB2  sing N N 182 
LEU CB  HB3  sing N N 183 
LEU CG  CD1  sing N N 184 
LEU CG  CD2  sing N N 185 
LEU CG  HG   sing N N 186 
LEU CD1 HD11 sing N N 187 
LEU CD1 HD12 sing N N 188 
LEU CD1 HD13 sing N N 189 
LEU CD2 HD21 sing N N 190 
LEU CD2 HD22 sing N N 191 
LEU CD2 HD23 sing N N 192 
LEU OXT HXT  sing N N 193 
LYS N   CA   sing N N 194 
LYS N   H    sing N N 195 
LYS N   H2   sing N N 196 
LYS CA  C    sing N N 197 
LYS CA  CB   sing N N 198 
LYS CA  HA   sing N N 199 
LYS C   O    doub N N 200 
LYS C   OXT  sing N N 201 
LYS CB  CG   sing N N 202 
LYS CB  HB2  sing N N 203 
LYS CB  HB3  sing N N 204 
LYS CG  CD   sing N N 205 
LYS CG  HG2  sing N N 206 
LYS CG  HG3  sing N N 207 
LYS CD  CE   sing N N 208 
LYS CD  HD2  sing N N 209 
LYS CD  HD3  sing N N 210 
LYS CE  NZ   sing N N 211 
LYS CE  HE2  sing N N 212 
LYS CE  HE3  sing N N 213 
LYS NZ  HZ1  sing N N 214 
LYS NZ  HZ2  sing N N 215 
LYS NZ  HZ3  sing N N 216 
LYS OXT HXT  sing N N 217 
MSE N   CA   sing N N 218 
MSE N   H    sing N N 219 
MSE N   H2   sing N N 220 
MSE CA  C    sing N N 221 
MSE CA  CB   sing N N 222 
MSE CA  HA   sing N N 223 
MSE C   O    doub N N 224 
MSE C   OXT  sing N N 225 
MSE OXT HXT  sing N N 226 
MSE CB  CG   sing N N 227 
MSE CB  HB2  sing N N 228 
MSE CB  HB3  sing N N 229 
MSE CG  SE   sing N N 230 
MSE CG  HG2  sing N N 231 
MSE CG  HG3  sing N N 232 
MSE SE  CE   sing N N 233 
MSE CE  HE1  sing N N 234 
MSE CE  HE2  sing N N 235 
MSE CE  HE3  sing N N 236 
PHE N   CA   sing N N 237 
PHE N   H    sing N N 238 
PHE N   H2   sing N N 239 
PHE CA  C    sing N N 240 
PHE CA  CB   sing N N 241 
PHE CA  HA   sing N N 242 
PHE C   O    doub N N 243 
PHE C   OXT  sing N N 244 
PHE CB  CG   sing N N 245 
PHE CB  HB2  sing N N 246 
PHE CB  HB3  sing N N 247 
PHE CG  CD1  doub Y N 248 
PHE CG  CD2  sing Y N 249 
PHE CD1 CE1  sing Y N 250 
PHE CD1 HD1  sing N N 251 
PHE CD2 CE2  doub Y N 252 
PHE CD2 HD2  sing N N 253 
PHE CE1 CZ   doub Y N 254 
PHE CE1 HE1  sing N N 255 
PHE CE2 CZ   sing Y N 256 
PHE CE2 HE2  sing N N 257 
PHE CZ  HZ   sing N N 258 
PHE OXT HXT  sing N N 259 
PRO N   CA   sing N N 260 
PRO N   CD   sing N N 261 
PRO N   H    sing N N 262 
PRO CA  C    sing N N 263 
PRO CA  CB   sing N N 264 
PRO CA  HA   sing N N 265 
PRO C   O    doub N N 266 
PRO C   OXT  sing N N 267 
PRO CB  CG   sing N N 268 
PRO CB  HB2  sing N N 269 
PRO CB  HB3  sing N N 270 
PRO CG  CD   sing N N 271 
PRO CG  HG2  sing N N 272 
PRO CG  HG3  sing N N 273 
PRO CD  HD2  sing N N 274 
PRO CD  HD3  sing N N 275 
PRO OXT HXT  sing N N 276 
SER N   CA   sing N N 277 
SER N   H    sing N N 278 
SER N   H2   sing N N 279 
SER CA  C    sing N N 280 
SER CA  CB   sing N N 281 
SER CA  HA   sing N N 282 
SER C   O    doub N N 283 
SER C   OXT  sing N N 284 
SER CB  OG   sing N N 285 
SER CB  HB2  sing N N 286 
SER CB  HB3  sing N N 287 
SER OG  HG   sing N N 288 
SER OXT HXT  sing N N 289 
THR N   CA   sing N N 290 
THR N   H    sing N N 291 
THR N   H2   sing N N 292 
THR CA  C    sing N N 293 
THR CA  CB   sing N N 294 
THR CA  HA   sing N N 295 
THR C   O    doub N N 296 
THR C   OXT  sing N N 297 
THR CB  OG1  sing N N 298 
THR CB  CG2  sing N N 299 
THR CB  HB   sing N N 300 
THR OG1 HG1  sing N N 301 
THR CG2 HG21 sing N N 302 
THR CG2 HG22 sing N N 303 
THR CG2 HG23 sing N N 304 
THR OXT HXT  sing N N 305 
TYR N   CA   sing N N 306 
TYR N   H    sing N N 307 
TYR N   H2   sing N N 308 
TYR CA  C    sing N N 309 
TYR CA  CB   sing N N 310 
TYR CA  HA   sing N N 311 
TYR C   O    doub N N 312 
TYR C   OXT  sing N N 313 
TYR CB  CG   sing N N 314 
TYR CB  HB2  sing N N 315 
TYR CB  HB3  sing N N 316 
TYR CG  CD1  doub Y N 317 
TYR CG  CD2  sing Y N 318 
TYR CD1 CE1  sing Y N 319 
TYR CD1 HD1  sing N N 320 
TYR CD2 CE2  doub Y N 321 
TYR CD2 HD2  sing N N 322 
TYR CE1 CZ   doub Y N 323 
TYR CE1 HE1  sing N N 324 
TYR CE2 CZ   sing Y N 325 
TYR CE2 HE2  sing N N 326 
TYR CZ  OH   sing N N 327 
TYR OH  HH   sing N N 328 
TYR OXT HXT  sing N N 329 
VAL N   CA   sing N N 330 
VAL N   H    sing N N 331 
VAL N   H2   sing N N 332 
VAL CA  C    sing N N 333 
VAL CA  CB   sing N N 334 
VAL CA  HA   sing N N 335 
VAL C   O    doub N N 336 
VAL C   OXT  sing N N 337 
VAL CB  CG1  sing N N 338 
VAL CB  CG2  sing N N 339 
VAL CB  HB   sing N N 340 
VAL CG1 HG11 sing N N 341 
VAL CG1 HG12 sing N N 342 
VAL CG1 HG13 sing N N 343 
VAL CG2 HG21 sing N N 344 
VAL CG2 HG22 sing N N 345 
VAL CG2 HG23 sing N N 346 
VAL OXT HXT  sing N N 347 
# 
_atom_sites.entry_id                    2C60 
_atom_sites.fract_transf_matrix[1][1]   -0.00114161 
_atom_sites.fract_transf_matrix[1][2]   -0.00533606 
_atom_sites.fract_transf_matrix[1][3]   -0.01135945 
_atom_sites.fract_transf_matrix[2][1]   0.02344470 
_atom_sites.fract_transf_matrix[2][2]   0.00105448 
_atom_sites.fract_transf_matrix[2][3]   -0.00285149 
_atom_sites.fract_transf_matrix[3][1]   0.00210048 
_atom_sites.fract_transf_matrix[3][2]   -0.03369470 
_atom_sites.fract_transf_matrix[3][3]   0.00480970 
_atom_sites.fract_transf_vector[1]      0.330915 
_atom_sites.fract_transf_vector[2]      0.884870 
_atom_sites.fract_transf_vector[3]      0.489874 
# 
loop_
_atom_type.symbol 
C  
CA 
N  
O  
SE 
# 
loop_
_atom_site.group_PDB 
_atom_site.id 
_atom_site.type_symbol 
_atom_site.label_atom_id 
_atom_site.label_alt_id 
_atom_site.label_comp_id 
_atom_site.label_asym_id 
_atom_site.label_entity_id 
_atom_site.label_seq_id 
_atom_site.pdbx_PDB_ins_code 
_atom_site.Cartn_x 
_atom_site.Cartn_y 
_atom_site.Cartn_z 
_atom_site.occupancy 
_atom_site.B_iso_or_equiv 
_atom_site.pdbx_formal_charge 
_atom_site.auth_seq_id 
_atom_site.auth_comp_id 
_atom_site.auth_asym_id 
_atom_site.auth_atom_id 
_atom_site.pdbx_PDB_model_num 
ATOM   1   N  N   . GLY A 1 14  ? 6.148   6.676   16.048  1.00 32.96 ? -10  GLY A N   1 
ATOM   2   C  CA  . GLY A 1 14  ? 7.427   6.745   15.281  1.00 32.76 ? -10  GLY A CA  1 
ATOM   3   C  C   . GLY A 1 14  ? 8.572   6.248   16.132  1.00 32.40 ? -10  GLY A C   1 
ATOM   4   O  O   . GLY A 1 14  ? 8.997   5.093   16.012  1.00 32.58 ? -10  GLY A O   1 
ATOM   5   N  N   . THR A 1 15  ? 9.058   7.120   17.011  1.00 31.46 ? -9   THR A N   1 
ATOM   6   C  CA  . THR A 1 15  ? 9.988   6.715   18.057  1.00 31.06 ? -9   THR A CA  1 
ATOM   7   C  C   . THR A 1 15  ? 9.252   5.835   19.072  1.00 31.44 ? -9   THR A C   1 
ATOM   8   O  O   . THR A 1 15  ? 9.822   4.880   19.610  1.00 31.32 ? -9   THR A O   1 
ATOM   9   C  CB  . THR A 1 15  ? 10.615  7.943   18.758  1.00 30.66 ? -9   THR A CB  1 
ATOM   10  O  OG1 . THR A 1 15  ? 11.221  8.791   17.775  1.00 29.93 ? -9   THR A OG1 1 
ATOM   11  C  CG2 . THR A 1 15  ? 11.678  7.520   19.758  1.00 30.34 ? -9   THR A CG2 1 
ATOM   12  N  N   . GLU A 1 16  ? 7.984   6.167   19.327  1.00 31.96 ? -8   GLU A N   1 
ATOM   13  C  CA  . GLU A 1 16  ? 7.102   5.329   20.140  1.00 31.79 ? -8   GLU A CA  1 
ATOM   14  C  C   . GLU A 1 16  ? 6.887   3.968   19.488  1.00 31.52 ? -8   GLU A C   1 
ATOM   15  O  O   . GLU A 1 16  ? 6.965   2.938   20.156  1.00 31.42 ? -8   GLU A O   1 
ATOM   16  C  CB  . GLU A 1 16  ? 5.755   6.021   20.352  1.00 31.93 ? -8   GLU A CB  1 
ATOM   17  N  N   . ASN A 1 17  ? 6.630   3.963   18.180  1.00 31.21 ? -7   ASN A N   1 
ATOM   18  C  CA  . ASN A 1 17  ? 6.483   2.715   17.420  1.00 30.77 ? -7   ASN A CA  1 
ATOM   19  C  C   . ASN A 1 17  ? 7.730   1.839   17.490  1.00 30.00 ? -7   ASN A C   1 
ATOM   20  O  O   . ASN A 1 17  ? 7.622   0.617   17.608  1.00 30.84 ? -7   ASN A O   1 
ATOM   21  C  CB  . ASN A 1 17  ? 6.127   2.992   15.957  1.00 30.75 ? -7   ASN A CB  1 
ATOM   22  N  N   . LEU A 1 18  ? 8.913   2.458   17.421  1.00 28.62 ? -6   LEU A N   1 
ATOM   23  C  CA  . LEU A 1 18  ? 10.164  1.712   17.592  1.00 27.79 ? -6   LEU A CA  1 
ATOM   24  C  C   . LEU A 1 18  ? 10.296  1.264   19.041  1.00 27.60 ? -6   LEU A C   1 
ATOM   25  O  O   . LEU A 1 18  ? 10.675  0.121   19.308  1.00 28.01 ? -6   LEU A O   1 
ATOM   26  C  CB  . LEU A 1 18  ? 11.372  2.562   17.186  1.00 27.08 ? -6   LEU A CB  1 
ATOM   27  C  CG  . LEU A 1 18  ? 12.762  1.983   17.496  1.00 26.09 ? -6   LEU A CG  1 
ATOM   28  C  CD1 . LEU A 1 18  ? 12.976  0.612   16.861  1.00 26.02 ? -6   LEU A CD1 1 
ATOM   29  C  CD2 . LEU A 1 18  ? 13.824  2.968   17.054  1.00 26.34 ? -6   LEU A CD2 1 
ATOM   30  N  N   . SER A 1 30  ? -0.599  -5.682  14.402  1.00 21.30 ? 43   SER A N   1 
ATOM   31  C  CA  . SER A 1 30  ? -1.724  -5.120  13.663  1.00 20.25 ? 43   SER A CA  1 
ATOM   32  C  C   . SER A 1 30  ? -1.269  -4.232  12.517  1.00 18.39 ? 43   SER A C   1 
ATOM   33  O  O   . SER A 1 30  ? -2.108  -3.645  11.858  1.00 18.35 ? 43   SER A O   1 
ATOM   34  C  CB  . SER A 1 30  ? -2.663  -4.306  14.572  1.00 21.07 ? 43   SER A CB  1 
ATOM   35  O  OG  . SER A 1 30  ? -2.043  -3.106  15.022  1.00 23.97 ? 43   SER A OG  1 
ATOM   36  N  N   . ASP A 1 31  ? 0.035   -4.096  12.283  1.00 17.44 ? 44   ASP A N   1 
ATOM   37  C  CA  . ASP A 1 31  ? 0.496   -3.283  11.153  1.00 16.32 ? 44   ASP A CA  1 
ATOM   38  C  C   . ASP A 1 31  ? -0.038  -3.845  9.841   1.00 14.98 ? 44   ASP A C   1 
ATOM   39  O  O   . ASP A 1 31  ? -0.255  -5.076  9.699   1.00 16.42 ? 44   ASP A O   1 
ATOM   40  C  CB  . ASP A 1 31  ? 2.026   -3.260  11.050  1.00 16.98 ? 44   ASP A CB  1 
ATOM   41  C  CG  . ASP A 1 31  ? 2.710   -2.456  12.164  1.00 19.56 ? 44   ASP A CG  1 
ATOM   42  O  OD1 . ASP A 1 31  ? 2.047   -1.848  13.026  1.00 21.88 ? 44   ASP A OD1 1 
ATOM   43  O  OD2 . ASP A 1 31  ? 3.961   -2.413  12.152  1.00 24.89 ? 44   ASP A OD2 1 
ATOM   44  N  N   . VAL A 1 32  ? -0.235  -2.938  8.891   1.00 13.42 ? 45   VAL A N   1 
ATOM   45  C  CA  . VAL A 1 32  ? -0.620  -3.300  7.538   1.00 12.32 ? 45   VAL A CA  1 
ATOM   46  C  C   . VAL A 1 32  ? 0.640   -3.451  6.701   1.00 11.89 ? 45   VAL A C   1 
ATOM   47  O  O   . VAL A 1 32  ? 1.435   -2.506  6.606   1.00 12.68 ? 45   VAL A O   1 
ATOM   48  C  CB  . VAL A 1 32  ? -1.527  -2.215  6.918   1.00 13.00 ? 45   VAL A CB  1 
ATOM   49  C  CG1 . VAL A 1 32  ? -1.764  -2.501  5.457   1.00 13.56 ? 45   VAL A CG1 1 
ATOM   50  C  CG2 . VAL A 1 32  ? -2.852  -2.095  7.681   1.00 13.51 ? 45   VAL A CG2 1 
ATOM   51  N  N   . ARG A 1 33  ? 0.861   -4.644  6.155   1.00 12.46 ? 46   ARG A N   1 
ATOM   52  C  CA  . ARG A 1 33  ? 1.996   -4.908  5.290   1.00 13.49 ? 46   ARG A CA  1 
ATOM   53  C  C   . ARG A 1 33  ? 1.567   -4.643  3.854   1.00 12.11 ? 46   ARG A C   1 
ATOM   54  O  O   . ARG A 1 33  ? 0.611   -5.236  3.373   1.00 13.40 ? 46   ARG A O   1 
ATOM   55  C  CB  . ARG A 1 33  ? 2.449   -6.358  5.461   1.00 13.98 ? 46   ARG A CB  1 
ATOM   56  C  CG  . ARG A 1 33  ? 2.967   -6.640  6.859   1.00 18.06 ? 46   ARG A CG  1 
ATOM   57  C  CD  . ARG A 1 33  ? 3.109   -8.150  7.123   1.00 21.39 ? 46   ARG A CD  1 
ATOM   58  N  NE  . ARG A 1 33  ? 4.216   -8.721  6.370   1.00 26.48 ? 46   ARG A NE  1 
ATOM   59  C  CZ  . ARG A 1 33  ? 4.128   -9.655  5.413   1.00 28.45 ? 46   ARG A CZ  1 
ATOM   60  N  NH1 . ARG A 1 33  ? 2.960   -10.164 5.015   1.00 29.87 ? 46   ARG A NH1 1 
ATOM   61  N  NH2 . ARG A 1 33  ? 5.240   -10.087 4.835   1.00 29.93 ? 46   ARG A NH2 1 
ATOM   62  N  N   . ILE A 1 34  ? 2.251   -3.732  3.189   1.00 10.76 ? 47   ILE A N   1 
ATOM   63  C  CA  . ILE A 1 34  ? 1.974   -3.421  1.793   1.00 11.34 ? 47   ILE A CA  1 
ATOM   64  C  C   . ILE A 1 34  ? 3.083   -3.988  0.941   1.00 11.49 ? 47   ILE A C   1 
ATOM   65  O  O   . ILE A 1 34  ? 4.254   -3.738  1.181   1.00 12.54 ? 47   ILE A O   1 
ATOM   66  C  CB  . ILE A 1 34  ? 1.807   -1.922  1.578   1.00 11.37 ? 47   ILE A CB  1 
ATOM   67  C  CG1 . ILE A 1 34  ? 0.661   -1.376  2.446   1.00 12.71 ? 47   ILE A CG1 1 
ATOM   68  C  CG2 . ILE A 1 34  ? 1.562   -1.662  0.110   1.00 12.46 ? 47   ILE A CG2 1 
ATOM   69  C  CD1 . ILE A 1 34  ? 0.353   0.143   2.230   1.00 13.56 ? 47   ILE A CD1 1 
ATOM   70  N  N   . LYS A 1 35  ? 2.690   -4.793  -0.038  1.00 11.93 ? 48   LYS A N   1 
ATOM   71  C  CA  . LYS A 1 35  ? 3.630   -5.364  -0.991  1.00 12.49 ? 48   LYS A CA  1 
ATOM   72  C  C   . LYS A 1 35  ? 3.611   -4.496  -2.244  1.00 12.27 ? 48   LYS A C   1 
ATOM   73  O  O   . LYS A 1 35  ? 2.683   -4.583  -3.066  1.00 13.21 ? 48   LYS A O   1 
ATOM   74  C  CB  . LYS A 1 35  ? 3.260   -6.818  -1.330  1.00 13.72 ? 48   LYS A CB  1 
ATOM   75  C  CG  . LYS A 1 35  ? 4.284   -7.482  -2.215  1.00 14.81 ? 48   LYS A CG  1 
ATOM   76  C  CD  . LYS A 1 35  ? 3.902   -8.919  -2.572  1.00 18.67 ? 48   LYS A CD  1 
ATOM   77  C  CE  . LYS A 1 35  ? 4.086   -9.882  -1.450  1.00 22.44 ? 48   LYS A CE  1 
ATOM   78  N  NZ  . LYS A 1 35  ? 3.753   -11.274 -1.892  1.00 25.91 ? 48   LYS A NZ  1 
ATOM   79  N  N   . PHE A 1 36  ? 4.628   -3.643  -2.365  1.00 11.49 ? 49   PHE A N   1 
ATOM   80  C  CA  . PHE A 1 36  ? 4.764   -2.735  -3.495  1.00 11.76 ? 49   PHE A CA  1 
ATOM   81  C  C   . PHE A 1 36  ? 5.478   -3.432  -4.636  1.00 12.53 ? 49   PHE A C   1 
ATOM   82  O  O   . PHE A 1 36  ? 6.508   -4.049  -4.423  1.00 15.12 ? 49   PHE A O   1 
ATOM   83  C  CB  . PHE A 1 36  ? 5.570   -1.508  -3.104  1.00 12.11 ? 49   PHE A CB  1 
ATOM   84  C  CG  . PHE A 1 36  ? 4.884   -0.613  -2.124  1.00 11.29 ? 49   PHE A CG  1 
ATOM   85  C  CD1 . PHE A 1 36  ? 3.817   0.163   -2.515  1.00 12.41 ? 49   PHE A CD1 1 
ATOM   86  C  CD2 . PHE A 1 36  ? 5.340   -0.474  -0.819  1.00 12.25 ? 49   PHE A CD2 1 
ATOM   87  C  CE1 . PHE A 1 36  ? 3.211   1.033   -1.653  1.00 12.70 ? 49   PHE A CE1 1 
ATOM   88  C  CE2 . PHE A 1 36  ? 4.720   0.390   0.066   1.00 13.88 ? 49   PHE A CE2 1 
ATOM   89  C  CZ  . PHE A 1 36  ? 3.657   1.143   -0.349  1.00 13.18 ? 49   PHE A CZ  1 
ATOM   90  N  N   . GLU A 1 37  ? 4.957   -3.270  -5.849  1.00 13.15 ? 50   GLU A N   1 
ATOM   91  C  CA  . GLU A 1 37  ? 5.628   -3.741  -7.045  1.00 14.34 ? 50   GLU A CA  1 
ATOM   92  C  C   . GLU A 1 37  ? 5.961   -2.549  -7.934  1.00 14.31 ? 50   GLU A C   1 
ATOM   93  O  O   . GLU A 1 37  ? 5.079   -1.787  -8.308  1.00 14.21 ? 50   GLU A O   1 
ATOM   94  C  CB  . GLU A 1 37  ? 4.747   -4.733  -7.811  1.00 15.28 ? 50   GLU A CB  1 
ATOM   95  C  CG  . GLU A 1 37  ? 5.387   -5.225  -9.094  1.00 17.58 ? 50   GLU A CG  1 
ATOM   96  C  CD  . GLU A 1 37  ? 4.515   -6.176  -9.879  1.00 19.25 ? 50   GLU A CD  1 
ATOM   97  O  OE1 . GLU A 1 37  ? 3.882   -7.069  -9.277  1.00 24.42 ? 50   GLU A OE1 1 
ATOM   98  O  OE2 . GLU A 1 37  ? 4.480   -6.021  -11.118 1.00 22.72 ? 50   GLU A OE2 1 
ATOM   99  N  N   . HIS A 1 38  ? 7.231   -2.400  -8.288  1.00 14.50 ? 51   HIS A N   1 
ATOM   100 C  CA  . HIS A 1 38  ? 7.641   -1.366  -9.216  1.00 15.60 ? 51   HIS A CA  1 
ATOM   101 C  C   . HIS A 1 38  ? 8.584   -1.971  -10.236 1.00 16.00 ? 51   HIS A C   1 
ATOM   102 O  O   . HIS A 1 38  ? 9.629   -2.527  -9.872  1.00 17.39 ? 51   HIS A O   1 
ATOM   103 C  CB  . HIS A 1 38  ? 8.322   -0.201  -8.526  1.00 16.05 ? 51   HIS A CB  1 
ATOM   104 C  CG  . HIS A 1 38  ? 8.564   0.945   -9.447  1.00 17.56 ? 51   HIS A CG  1 
ATOM   105 N  ND1 . HIS A 1 38  ? 9.780   1.585   -9.532  1.00 21.54 ? 51   HIS A ND1 1 
ATOM   106 C  CD2 . HIS A 1 38  ? 7.759   1.534   -10.366 1.00 18.72 ? 51   HIS A CD2 1 
ATOM   107 C  CE1 . HIS A 1 38  ? 9.703   2.534   -10.447 1.00 21.69 ? 51   HIS A CE1 1 
ATOM   108 N  NE2 . HIS A 1 38  ? 8.494   2.517   -10.976 1.00 20.79 ? 51   HIS A NE2 1 
ATOM   109 N  N   . ASN A 1 39  ? 8.218   -1.887  -11.516 1.00 16.06 ? 52   ASN A N   1 
ATOM   110 C  CA  . ASN A 1 39  ? 9.005   -2.445  -12.621 1.00 17.50 ? 52   ASN A CA  1 
ATOM   111 C  C   . ASN A 1 39  ? 9.403   -3.891  -12.350 1.00 18.33 ? 52   ASN A C   1 
ATOM   112 O  O   . ASN A 1 39  ? 10.538  -4.292  -12.592 1.00 20.27 ? 52   ASN A O   1 
ATOM   113 C  CB  . ASN A 1 39  ? 10.215  -1.564  -12.945 1.00 17.99 ? 52   ASN A CB  1 
ATOM   114 C  CG  . ASN A 1 39  ? 9.813   -0.221  -13.521 1.00 19.91 ? 52   ASN A CG  1 
ATOM   115 O  OD1 . ASN A 1 39  ? 8.794   -0.097  -14.194 1.00 22.04 ? 52   ASN A OD1 1 
ATOM   116 N  ND2 . ASN A 1 39  ? 10.622  0.790   -13.267 1.00 25.26 ? 52   ASN A ND2 1 
ATOM   117 N  N   . GLY A 1 40  ? 8.432   -4.680  -11.904 1.00 19.18 ? 53   GLY A N   1 
ATOM   118 C  CA  . GLY A 1 40  ? 8.573   -6.122  -11.680 1.00 20.79 ? 53   GLY A CA  1 
ATOM   119 C  C   . GLY A 1 40  ? 9.246   -6.539  -10.383 1.00 21.83 ? 53   GLY A C   1 
ATOM   120 O  O   . GLY A 1 40  ? 9.335   -7.740  -10.101 1.00 24.88 ? 53   GLY A O   1 
ATOM   121 N  N   . GLU A 1 41  ? 9.725   -5.573  -9.596  1.00 21.60 ? 54   GLU A N   1 
ATOM   122 C  CA  . GLU A 1 41  ? 10.422  -5.838  -8.341  1.00 21.51 ? 54   GLU A CA  1 
ATOM   123 C  C   . GLU A 1 41  ? 9.463   -5.570  -7.195  1.00 20.77 ? 54   GLU A C   1 
ATOM   124 O  O   . GLU A 1 41  ? 8.736   -4.573  -7.216  1.00 20.26 ? 54   GLU A O   1 
ATOM   125 C  CB  . GLU A 1 41  ? 11.632  -4.923  -8.201  1.00 22.03 ? 54   GLU A CB  1 
ATOM   126 N  N   . ARG A 1 42  ? 9.441   -6.468  -6.222  1.00 19.88 ? 55   ARG A N   1 
ATOM   127 C  CA  . ARG A 1 42  ? 8.507   -6.362  -5.106  1.00 20.20 ? 55   ARG A CA  1 
ATOM   128 C  C   . ARG A 1 42  ? 9.230   -6.206  -3.783  1.00 18.87 ? 55   ARG A C   1 
ATOM   129 O  O   . ARG A 1 42  ? 10.319  -6.766  -3.569  1.00 20.60 ? 55   ARG A O   1 
ATOM   130 C  CB  . ARG A 1 42  ? 7.594   -7.592  -5.073  1.00 20.69 ? 55   ARG A CB  1 
ATOM   131 C  CG  . ARG A 1 42  ? 6.803   -7.761  -6.351  1.00 23.28 ? 55   ARG A CG  1 
ATOM   132 C  CD  . ARG A 1 42  ? 5.871   -8.962  -6.352  1.00 25.37 ? 55   ARG A CD  1 
ATOM   133 N  NE  . ARG A 1 42  ? 5.274   -9.119  -7.677  1.00 29.25 ? 55   ARG A NE  1 
ATOM   134 C  CZ  . ARG A 1 42  ? 5.807   -9.806  -8.689  1.00 30.72 ? 55   ARG A CZ  1 
ATOM   135 N  NH1 . ARG A 1 42  ? 6.974   -10.434 -8.569  1.00 29.86 ? 55   ARG A NH1 1 
ATOM   136 N  NH2 . ARG A 1 42  ? 5.156   -9.871  -9.846  1.00 30.74 ? 55   ARG A NH2 1 
ATOM   137 N  N   . ARG A 1 43  ? 8.627   -5.432  -2.890  1.00 17.27 ? 56   ARG A N   1 
ATOM   138 C  CA  . ARG A 1 43  ? 9.103   -5.351  -1.518  1.00 17.42 ? 56   ARG A CA  1 
ATOM   139 C  C   . ARG A 1 43  ? 7.956   -5.051  -0.593  1.00 16.30 ? 56   ARG A C   1 
ATOM   140 O  O   . ARG A 1 43  ? 6.978   -4.443  -0.988  1.00 17.30 ? 56   ARG A O   1 
ATOM   141 C  CB  . ARG A 1 43  ? 10.146  -4.269  -1.405  1.00 17.91 ? 56   ARG A CB  1 
ATOM   142 C  CG  . ARG A 1 43  ? 9.601   -2.877  -1.557  1.00 18.72 ? 56   ARG A CG  1 
ATOM   143 C  CD  . ARG A 1 43  ? 10.700  -1.853  -1.540  1.00 22.14 ? 56   ARG A CD  1 
ATOM   144 N  NE  . ARG A 1 43  ? 11.433  -1.858  -2.796  1.00 23.09 ? 56   ARG A NE  1 
ATOM   145 C  CZ  . ARG A 1 43  ? 12.515  -1.138  -3.046  1.00 24.58 ? 56   ARG A CZ  1 
ATOM   146 N  NH1 . ARG A 1 43  ? 13.043  -0.341  -2.117  1.00 23.33 ? 56   ARG A NH1 1 
ATOM   147 N  NH2 . ARG A 1 43  ? 13.084  -1.237  -4.236  1.00 26.35 ? 56   ARG A NH2 1 
ATOM   148 N  N   . ILE A 1 44  ? 8.102   -5.467  0.646   1.00 14.92 ? 57   ILE A N   1 
ATOM   149 C  CA  . ILE A 1 44  ? 7.055   -5.301  1.639   1.00 14.23 ? 57   ILE A CA  1 
ATOM   150 C  C   . ILE A 1 44  ? 7.475   -4.207  2.607   1.00 13.32 ? 57   ILE A C   1 
ATOM   151 O  O   . ILE A 1 44  ? 8.603   -4.219  3.122   1.00 15.00 ? 57   ILE A O   1 
ATOM   152 C  CB  . ILE A 1 44  ? 6.793   -6.608  2.392   1.00 16.20 ? 57   ILE A CB  1 
ATOM   153 C  CG1 . ILE A 1 44  ? 6.298   -7.674  1.392   1.00 20.07 ? 57   ILE A CG1 1 
ATOM   154 C  CG2 . ILE A 1 44  ? 5.789   -6.354  3.525   1.00 17.61 ? 57   ILE A CG2 1 
ATOM   155 C  CD1 . ILE A 1 44  ? 6.216   -9.046  1.926   1.00 23.10 ? 57   ILE A CD1 1 
ATOM   156 N  N   . ILE A 1 45  ? 6.569   -3.263  2.839   1.00 11.86 ? 58   ILE A N   1 
ATOM   157 C  CA  . ILE A 1 45  ? 6.770   -2.218  3.813   1.00 12.55 ? 58   ILE A CA  1 
ATOM   158 C  C   . ILE A 1 45  ? 5.553   -2.201  4.734   1.00 12.42 ? 58   ILE A C   1 
ATOM   159 O  O   . ILE A 1 45  ? 4.426   -2.230  4.273   1.00 12.30 ? 58   ILE A O   1 
ATOM   160 C  CB  . ILE A 1 45  ? 6.972   -0.849  3.108   1.00 13.17 ? 58   ILE A CB  1 
ATOM   161 C  CG1 . ILE A 1 45  ? 8.192   -0.923  2.183   1.00 14.84 ? 58   ILE A CG1 1 
ATOM   162 C  CG2 . ILE A 1 45  ? 7.120   0.235   4.143   1.00 14.02 ? 58   ILE A CG2 1 
ATOM   163 C  CD1 . ILE A 1 45  ? 8.458   0.327   1.412   1.00 15.26 ? 58   ILE A CD1 1 
ATOM   164 N  N   . ALA A 1 46  ? 5.806   -2.174  6.038   1.00 12.43 ? 59   ALA A N   1 
ATOM   165 C  CA  . ALA A 1 46  ? 4.775   -2.165  7.055   1.00 13.35 ? 59   ALA A CA  1 
ATOM   166 C  C   . ALA A 1 46  ? 4.400   -0.755  7.476   1.00 12.55 ? 59   ALA A C   1 
ATOM   167 O  O   . ALA A 1 46  ? 5.261   0.126   7.586   1.00 14.83 ? 59   ALA A O   1 
ATOM   168 C  CB  . ALA A 1 46  ? 5.228   -2.996  8.264   1.00 14.31 ? 59   ALA A CB  1 
ATOM   169 N  N   . PHE A 1 47  ? 3.106   -0.551  7.701   1.00 12.83 ? 60   PHE A N   1 
ATOM   170 C  CA  . PHE A 1 47  ? 2.557   0.720   8.160   1.00 13.29 ? 60   PHE A CA  1 
ATOM   171 C  C   . PHE A 1 47  ? 1.698   0.503   9.405   1.00 13.82 ? 60   PHE A C   1 
ATOM   172 O  O   . PHE A 1 47  ? 0.819   -0.360  9.418   1.00 14.24 ? 60   PHE A O   1 
ATOM   173 C  CB  . PHE A 1 47  ? 1.687   1.363   7.057   1.00 12.84 ? 60   PHE A CB  1 
ATOM   174 C  CG  . PHE A 1 47  ? 2.465   1.811   5.847   1.00 12.80 ? 60   PHE A CG  1 
ATOM   175 C  CD1 . PHE A 1 47  ? 2.915   3.110   5.716   1.00 13.63 ? 60   PHE A CD1 1 
ATOM   176 C  CD2 . PHE A 1 47  ? 2.783   0.904   4.846   1.00 13.50 ? 60   PHE A CD2 1 
ATOM   177 C  CE1 . PHE A 1 47  ? 3.667   3.474   4.615   1.00 13.46 ? 60   PHE A CE1 1 
ATOM   178 C  CE2 . PHE A 1 47  ? 3.514   1.293   3.753   1.00 13.43 ? 60   PHE A CE2 1 
ATOM   179 C  CZ  . PHE A 1 47  ? 3.972   2.566   3.651   1.00 13.31 ? 60   PHE A CZ  1 
ATOM   180 N  N   . SER A 1 48  ? 1.904   1.316   10.435  1.00 15.50 ? 61   SER A N   1 
ATOM   181 C  CA  . SER A 1 48  ? 1.044   1.260   11.609  1.00 16.79 ? 61   SER A CA  1 
ATOM   182 C  C   . SER A 1 48  ? -0.349  1.809   11.321  1.00 16.13 ? 61   SER A C   1 
ATOM   183 O  O   . SER A 1 48  ? -0.504  2.767   10.557  1.00 16.33 ? 61   SER A O   1 
ATOM   184 C  CB  A SER A 1 48  ? 1.687   2.011   12.767  0.50 17.77 ? 61   SER A CB  1 
ATOM   185 C  CB  B SER A 1 48  ? 1.656   2.090   12.741  0.50 17.85 ? 61   SER A CB  1 
ATOM   186 O  OG  A SER A 1 48  ? 1.862   3.362   12.424  0.50 19.50 ? 61   SER A OG  1 
ATOM   187 O  OG  B SER A 1 48  ? 2.860   1.521   13.205  0.50 20.22 ? 61   SER A OG  1 
ATOM   188 N  N   . ARG A 1 49  ? -1.353  1.210   11.952  1.00 15.77 ? 62   ARG A N   1 
ATOM   189 C  CA  . ARG A 1 49  ? -2.730  1.700   11.843  1.00 15.75 ? 62   ARG A CA  1 
ATOM   190 C  C   . ARG A 1 49  ? -2.969  2.853   12.814  1.00 16.81 ? 62   ARG A C   1 
ATOM   191 O  O   . ARG A 1 49  ? -2.364  2.879   13.902  1.00 18.72 ? 62   ARG A O   1 
ATOM   192 C  CB  . ARG A 1 49  ? -3.724  0.589   12.142  1.00 15.75 ? 62   ARG A CB  1 
ATOM   193 C  CG  . ARG A 1 49  ? -3.615  -0.640  11.272  1.00 15.32 ? 62   ARG A CG  1 
ATOM   194 C  CD  . ARG A 1 49  ? -4.656  -1.649  11.681  1.00 15.62 ? 62   ARG A CD  1 
ATOM   195 N  NE  . ARG A 1 49  ? -4.521  -2.902  10.957  1.00 15.26 ? 62   ARG A NE  1 
ATOM   196 C  CZ  . ARG A 1 49  ? -5.325  -3.349  10.008  1.00 13.61 ? 62   ARG A CZ  1 
ATOM   197 N  NH1 . ARG A 1 49  ? -6.343  -2.636  9.572   1.00 14.31 ? 62   ARG A NH1 1 
ATOM   198 N  NH2 . ARG A 1 49  ? -5.069  -4.536  9.483   1.00 14.15 ? 62   ARG A NH2 1 
ATOM   199 N  N   . PRO A 1 50  ? -3.849  3.801   12.432  1.00 17.47 ? 63   PRO A N   1 
ATOM   200 C  CA  . PRO A 1 50  ? -4.528  3.912   11.142  1.00 17.16 ? 63   PRO A CA  1 
ATOM   201 C  C   . PRO A 1 50  ? -3.569  4.364   10.046  1.00 16.56 ? 63   PRO A C   1 
ATOM   202 O  O   . PRO A 1 50  ? -2.766  5.281   10.254  1.00 17.95 ? 63   PRO A O   1 
ATOM   203 C  CB  . PRO A 1 50  ? -5.618  4.974   11.380  1.00 17.73 ? 63   PRO A CB  1 
ATOM   204 C  CG  . PRO A 1 50  ? -5.534  5.356   12.763  1.00 20.04 ? 63   PRO A CG  1 
ATOM   205 C  CD  . PRO A 1 50  ? -4.274  4.853   13.367  1.00 17.73 ? 63   PRO A CD  1 
ATOM   206 N  N   . VAL A 1 51  ? -3.627  3.715   8.894   1.00 14.98 ? 64   VAL A N   1 
ATOM   207 C  CA  . VAL A 1 51  ? -2.727  4.033   7.794   1.00 13.98 ? 64   VAL A CA  1 
ATOM   208 C  C   . VAL A 1 51  ? -3.266  5.257   7.063   1.00 14.18 ? 64   VAL A C   1 
ATOM   209 O  O   . VAL A 1 51  ? -4.398  5.234   6.560   1.00 15.03 ? 64   VAL A O   1 
ATOM   210 C  CB  . VAL A 1 51  ? -2.611  2.841   6.829   1.00 13.62 ? 64   VAL A CB  1 
ATOM   211 C  CG1 . VAL A 1 51  ? -1.624  3.154   5.743   1.00 13.97 ? 64   VAL A CG1 1 
ATOM   212 C  CG2 . VAL A 1 51  ? -2.184  1.570   7.566   1.00 13.73 ? 64   VAL A CG2 1 
ATOM   213 N  N   . LYS A 1 52  ? -2.452  6.304   6.997   1.00 14.60 ? 65   LYS A N   1 
ATOM   214 C  CA  . LYS A 1 52  ? -2.815  7.548   6.328   1.00 14.23 ? 65   LYS A CA  1 
ATOM   215 C  C   . LYS A 1 52  ? -2.311  7.569   4.894   1.00 13.42 ? 65   LYS A C   1 
ATOM   216 O  O   . LYS A 1 52  ? -1.156  7.276   4.641   1.00 13.44 ? 65   LYS A O   1 
ATOM   217 C  CB  . LYS A 1 52  ? -2.270  8.764   7.080   1.00 16.30 ? 65   LYS A CB  1 
ATOM   218 C  CG  . LYS A 1 52  ? -2.802  8.874   8.482   1.00 19.97 ? 65   LYS A CG  1 
ATOM   219 C  CD  . LYS A 1 52  ? -4.308  8.819   8.568   1.00 23.88 ? 65   LYS A CD  1 
ATOM   220 N  N   . TYR A 1 53  ? -3.190  7.919   3.975   1.00 13.17 ? 66   TYR A N   1 
ATOM   221 C  CA  . TYR A 1 53  ? -2.853  8.002   2.553   1.00 13.50 ? 66   TYR A CA  1 
ATOM   222 C  C   . TYR A 1 53  ? -1.606  8.845   2.321   1.00 13.32 ? 66   TYR A C   1 
ATOM   223 O  O   . TYR A 1 53  ? -0.709  8.439   1.608   1.00 12.65 ? 66   TYR A O   1 
ATOM   224 C  CB  . TYR A 1 53  ? -4.049  8.593   1.817   1.00 14.06 ? 66   TYR A CB  1 
ATOM   225 C  CG  . TYR A 1 53  ? -3.891  8.665   0.333   1.00 13.70 ? 66   TYR A CG  1 
ATOM   226 C  CD1 . TYR A 1 53  ? -4.091  7.540   -0.456  1.00 13.85 ? 66   TYR A CD1 1 
ATOM   227 C  CD2 . TYR A 1 53  ? -3.549  9.852   -0.297  1.00 13.20 ? 66   TYR A CD2 1 
ATOM   228 C  CE1 . TYR A 1 53  ? -3.965  7.595   -1.798  1.00 14.43 ? 66   TYR A CE1 1 
ATOM   229 C  CE2 . TYR A 1 53  ? -3.416  9.911   -1.667  1.00 14.57 ? 66   TYR A CE2 1 
ATOM   230 C  CZ  . TYR A 1 53  ? -3.635  8.769   -2.412  1.00 14.93 ? 66   TYR A CZ  1 
ATOM   231 O  OH  . TYR A 1 53  ? -3.519  8.822   -3.785  1.00 16.77 ? 66   TYR A OH  1 
ATOM   232 N  N   . GLU A 1 54  ? -1.532  10.008  2.963   1.00 14.44 ? 67   GLU A N   1 
ATOM   233 C  CA  . GLU A 1 54  ? -0.413  10.902  2.739   1.00 15.74 ? 67   GLU A CA  1 
ATOM   234 C  C   . GLU A 1 54  ? 0.906   10.288  3.236   1.00 15.42 ? 67   GLU A C   1 
ATOM   235 O  O   . GLU A 1 54  ? 1.975   10.544  2.664   1.00 15.41 ? 67   GLU A O   1 
ATOM   236 C  CB  A GLU A 1 54  ? -0.716  12.280  3.333   0.50 16.60 ? 67   GLU A CB  1 
ATOM   237 C  CB  B GLU A 1 54  ? -0.645  12.258  3.412   0.50 16.48 ? 67   GLU A CB  1 
ATOM   238 C  CG  A GLU A 1 54  ? -1.915  12.999  2.635   0.50 18.51 ? 67   GLU A CG  1 
ATOM   239 C  CG  B GLU A 1 54  ? -0.792  12.219  4.939   0.50 17.96 ? 67   GLU A CG  1 
ATOM   240 C  CD  A GLU A 1 54  ? -3.290  12.377  2.943   0.50 19.97 ? 67   GLU A CD  1 
ATOM   241 C  CD  B GLU A 1 54  ? -2.246  12.134  5.439   0.50 19.08 ? 67   GLU A CD  1 
ATOM   242 O  OE1 A GLU A 1 54  ? -3.435  11.753  4.019   0.50 19.12 ? 67   GLU A OE1 1 
ATOM   243 O  OE1 B GLU A 1 54  ? -3.125  11.624  4.706   0.50 19.17 ? 67   GLU A OE1 1 
ATOM   244 O  OE2 A GLU A 1 54  ? -4.231  12.524  2.117   0.50 21.61 ? 67   GLU A OE2 1 
ATOM   245 O  OE2 B GLU A 1 54  ? -2.510  12.565  6.594   0.50 21.31 ? 67   GLU A OE2 1 
ATOM   246 N  N   . ASP A 1 55  ? 0.829   9.424   4.237   1.00 15.06 ? 68   ASP A N   1 
ATOM   247 C  CA  . ASP A 1 55  ? 2.013   8.754   4.749   1.00 15.50 ? 68   ASP A CA  1 
ATOM   248 C  C   . ASP A 1 55  ? 2.494   7.662   3.799   1.00 14.10 ? 68   ASP A C   1 
ATOM   249 O  O   . ASP A 1 55  ? 3.696   7.480   3.602   1.00 13.55 ? 68   ASP A O   1 
ATOM   250 C  CB  . ASP A 1 55  ? 1.730   8.160   6.134   1.00 16.65 ? 68   ASP A CB  1 
ATOM   251 C  CG  . ASP A 1 55  ? 1.624   9.212   7.233   1.00 19.35 ? 68   ASP A CG  1 
ATOM   252 O  OD1 . ASP A 1 55  ? 2.006   10.377  7.027   1.00 22.68 ? 68   ASP A OD1 1 
ATOM   253 O  OD2 . ASP A 1 55  ? 1.185   8.858   8.331   1.00 22.43 ? 68   ASP A OD2 1 
ATOM   254 N  N   . VAL A 1 56  ? 1.562   6.934   3.188   1.00 12.39 ? 69   VAL A N   1 
ATOM   255 C  CA  . VAL A 1 56  ? 1.945   5.942   2.184   1.00 12.04 ? 69   VAL A CA  1 
ATOM   256 C  C   . VAL A 1 56  ? 2.578   6.644   0.983   1.00 11.89 ? 69   VAL A C   1 
ATOM   257 O  O   . VAL A 1 56  ? 3.623   6.230   0.500   1.00 11.38 ? 69   VAL A O   1 
ATOM   258 C  CB  . VAL A 1 56  ? 0.731   5.100   1.763   1.00 12.14 ? 69   VAL A CB  1 
ATOM   259 C  CG1 . VAL A 1 56  ? 1.124   4.125   0.666   1.00 13.05 ? 69   VAL A CG1 1 
ATOM   260 C  CG2 . VAL A 1 56  ? 0.127   4.362   2.967   1.00 12.83 ? 69   VAL A CG2 1 
ATOM   261 N  N   . GLU A 1 57  ? 1.957   7.713   0.505   1.00 12.24 ? 70   GLU A N   1 
ATOM   262 C  CA  . GLU A 1 57  ? 2.493   8.442   -0.638  1.00 12.98 ? 70   GLU A CA  1 
ATOM   263 C  C   . GLU A 1 57  ? 3.909   8.942   -0.333  1.00 12.29 ? 70   GLU A C   1 
ATOM   264 O  O   . GLU A 1 57  ? 4.817   8.822   -1.141  1.00 12.50 ? 70   GLU A O   1 
ATOM   265 C  CB  A GLU A 1 57  ? 1.579   9.610   -0.950  0.80 14.70 ? 70   GLU A CB  1 
ATOM   266 C  CB  B GLU A 1 57  ? 1.664   9.692   -0.959  0.20 12.80 ? 70   GLU A CB  1 
ATOM   267 C  CG  A GLU A 1 57  ? 1.851   10.374  -2.190  0.80 17.99 ? 70   GLU A CG  1 
ATOM   268 C  CG  B GLU A 1 57  ? 0.267   9.469   -1.480  0.20 12.23 ? 70   GLU A CG  1 
ATOM   269 C  CD  A GLU A 1 57  ? 0.721   11.348  -2.436  0.80 22.36 ? 70   GLU A CD  1 
ATOM   270 C  CD  B GLU A 1 57  ? -0.400  10.776  -1.904  0.20 12.78 ? 70   GLU A CD  1 
ATOM   271 O  OE1 A GLU A 1 57  ? -0.185  11.030  -3.227  0.80 25.29 ? 70   GLU A OE1 1 
ATOM   272 O  OE1 B GLU A 1 57  ? -0.475  11.720  -1.083  0.20 12.46 ? 70   GLU A OE1 1 
ATOM   273 O  OE2 A GLU A 1 57  ? 0.697   12.401  -1.769  0.80 26.82 ? 70   GLU A OE2 1 
ATOM   274 O  OE2 B GLU A 1 57  ? -0.866  10.856  -3.056  0.20 13.68 ? 70   GLU A OE2 1 
ATOM   275 N  N   . HIS A 1 58  ? 4.092   9.536   0.835   1.00 12.50 ? 71   HIS A N   1 
ATOM   276 C  CA  . HIS A 1 58  ? 5.403   10.033  1.216   1.00 13.22 ? 71   HIS A CA  1 
ATOM   277 C  C   . HIS A 1 58  ? 6.443   8.923   1.306   1.00 12.57 ? 71   HIS A C   1 
ATOM   278 O  O   . HIS A 1 58  ? 7.589   9.102   0.869   1.00 12.37 ? 71   HIS A O   1 
ATOM   279 C  CB  . HIS A 1 58  ? 5.308   10.758  2.548   1.00 14.78 ? 71   HIS A CB  1 
ATOM   280 C  CG  . HIS A 1 58  ? 6.631   11.171  3.103   1.00 18.35 ? 71   HIS A CG  1 
ATOM   281 N  ND1 . HIS A 1 58  ? 7.377   12.174  2.549   1.00 21.24 ? 71   HIS A ND1 1 
ATOM   282 C  CD2 . HIS A 1 58  ? 7.346   10.697  4.149   1.00 20.73 ? 71   HIS A CD2 1 
ATOM   283 C  CE1 . HIS A 1 58  ? 8.489   12.336  3.252   1.00 20.38 ? 71   HIS A CE1 1 
ATOM   284 N  NE2 . HIS A 1 58  ? 8.499   11.436  4.222   1.00 21.49 ? 71   HIS A NE2 1 
ATOM   285 N  N   . LYS A 1 59  ? 6.067   7.782   1.874   1.00 11.64 ? 72   LYS A N   1 
ATOM   286 C  CA  . LYS A 1 59  ? 7.011   6.677   1.979   1.00 11.87 ? 72   LYS A CA  1 
ATOM   287 C  C   . LYS A 1 59  ? 7.403   6.179   0.600   1.00 11.38 ? 72   LYS A C   1 
ATOM   288 O  O   . LYS A 1 59  ? 8.559   5.901   0.347   1.00 11.93 ? 72   LYS A O   1 
ATOM   289 C  CB  . LYS A 1 59  ? 6.403   5.549   2.795   1.00 11.44 ? 72   LYS A CB  1 
ATOM   290 C  CG  . LYS A 1 59  ? 7.378   4.421   3.125   1.00 11.70 ? 72   LYS A CG  1 
ATOM   291 C  CD  . LYS A 1 59  ? 8.437   4.814   4.144   1.00 12.24 ? 72   LYS A CD  1 
ATOM   292 C  CE  . LYS A 1 59  ? 9.208   3.609   4.654   1.00 12.34 ? 72   LYS A CE  1 
ATOM   293 N  NZ  . LYS A 1 59  ? 10.078  3.981   5.809   1.00 12.49 ? 72   LYS A NZ  1 
ATOM   294 N  N   . VAL A 1 60  ? 6.440   6.073   -0.314  1.00 11.48 ? 73   VAL A N   1 
ATOM   295 C  CA  . VAL A 1 60  ? 6.741   5.648   -1.675  1.00 11.67 ? 73   VAL A CA  1 
ATOM   296 C  C   . VAL A 1 60  ? 7.709   6.608   -2.354  1.00 12.45 ? 73   VAL A C   1 
ATOM   297 O  O   . VAL A 1 60  ? 8.711   6.167   -2.920  1.00 12.43 ? 73   VAL A O   1 
ATOM   298 C  CB  . VAL A 1 60  ? 5.446   5.496   -2.478  1.00 11.60 ? 73   VAL A CB  1 
ATOM   299 C  CG1 . VAL A 1 60  ? 5.710   5.331   -3.966  1.00 13.28 ? 73   VAL A CG1 1 
ATOM   300 C  CG2 . VAL A 1 60  ? 4.674   4.255   -1.989  1.00 12.99 ? 73   VAL A CG2 1 
ATOM   301 N  N   . THR A 1 61  ? 7.450   7.900   -2.276  1.00 12.59 ? 74   THR A N   1 
ATOM   302 C  CA  . THR A 1 61  ? 8.330   8.858   -2.905  1.00 13.30 ? 74   THR A CA  1 
ATOM   303 C  C   . THR A 1 61  ? 9.751   8.767   -2.322  1.00 13.86 ? 74   THR A C   1 
ATOM   304 O  O   . THR A 1 61  ? 10.755  8.829   -3.034  1.00 15.19 ? 74   THR A O   1 
ATOM   305 C  CB  . THR A 1 61  ? 7.730   10.253  -2.749  1.00 14.26 ? 74   THR A CB  1 
ATOM   306 O  OG1 . THR A 1 61  ? 6.451   10.296  -3.408  1.00 15.65 ? 74   THR A OG1 1 
ATOM   307 C  CG2 . THR A 1 61  ? 8.635   11.296  -3.338  1.00 16.31 ? 74   THR A CG2 1 
ATOM   308 N  N   . THR A 1 62  ? 9.817   8.604   -1.011  1.00 12.93 ? 75   THR A N   1 
ATOM   309 C  CA  . THR A 1 62  ? 11.103  8.529   -0.324  1.00 13.45 ? 75   THR A CA  1 
ATOM   310 C  C   . THR A 1 62  ? 11.879  7.264   -0.706  1.00 13.48 ? 75   THR A C   1 
ATOM   311 O  O   . THR A 1 62  ? 13.074  7.310   -1.004  1.00 15.40 ? 75   THR A O   1 
ATOM   312 C  CB  . THR A 1 62  ? 10.844  8.541   1.197   1.00 13.81 ? 75   THR A CB  1 
ATOM   313 O  OG1 . THR A 1 62  ? 10.215  9.777   1.576   1.00 15.58 ? 75   THR A OG1 1 
ATOM   314 C  CG2 . THR A 1 62  ? 12.116  8.336   1.985   1.00 14.41 ? 75   THR A CG2 1 
ATOM   315 N  N   . VAL A 1 63  ? 11.200  6.122   -0.684  1.00 14.19 ? 76   VAL A N   1 
ATOM   316 C  CA  . VAL A 1 63  ? 11.856  4.850   -0.953  1.00 15.38 ? 76   VAL A CA  1 
ATOM   317 C  C   . VAL A 1 63  ? 12.262  4.651   -2.402  1.00 16.07 ? 76   VAL A C   1 
ATOM   318 O  O   . VAL A 1 63  ? 13.337  4.118   -2.660  1.00 17.61 ? 76   VAL A O   1 
ATOM   319 C  CB  . VAL A 1 63  ? 10.965  3.677   -0.522  1.00 16.09 ? 76   VAL A CB  1 
ATOM   320 C  CG1 . VAL A 1 63  ? 11.471  2.331   -1.103  1.00 16.91 ? 76   VAL A CG1 1 
ATOM   321 C  CG2 . VAL A 1 63  ? 10.846  3.656   0.996   1.00 16.02 ? 76   VAL A CG2 1 
ATOM   322 N  N   . PHE A 1 64  ? 11.396  5.041   -3.337  1.00 16.07 ? 77   PHE A N   1 
ATOM   323 C  CA  . PHE A 1 64  ? 11.612  4.810   -4.755  1.00 17.64 ? 77   PHE A CA  1 
ATOM   324 C  C   . PHE A 1 64  ? 12.261  6.002   -5.434  1.00 19.04 ? 77   PHE A C   1 
ATOM   325 O  O   . PHE A 1 64  ? 12.654  5.898   -6.595  1.00 21.75 ? 77   PHE A O   1 
ATOM   326 C  CB  . PHE A 1 64  ? 10.288  4.405   -5.423  1.00 17.66 ? 77   PHE A CB  1 
ATOM   327 C  CG  . PHE A 1 64  ? 9.804   3.062   -4.969  1.00 16.26 ? 77   PHE A CG  1 
ATOM   328 C  CD1 . PHE A 1 64  ? 10.304  1.910   -5.538  1.00 16.47 ? 77   PHE A CD1 1 
ATOM   329 C  CD2 . PHE A 1 64  ? 8.904   2.933   -3.932  1.00 15.96 ? 77   PHE A CD2 1 
ATOM   330 C  CE1 . PHE A 1 64  ? 9.890   0.667   -5.114  1.00 16.82 ? 77   PHE A CE1 1 
ATOM   331 C  CE2 . PHE A 1 64  ? 8.511   1.673   -3.501  1.00 16.22 ? 77   PHE A CE2 1 
ATOM   332 C  CZ  . PHE A 1 64  ? 9.011   0.551   -4.092  1.00 17.37 ? 77   PHE A CZ  1 
ATOM   333 N  N   . GLY A 1 65  ? 12.391  7.120   -4.723  1.00 20.16 ? 78   GLY A N   1 
ATOM   334 C  CA  . GLY A 1 65  ? 13.106  8.279   -5.252  1.00 20.93 ? 78   GLY A CA  1 
ATOM   335 C  C   . GLY A 1 65  ? 12.352  9.058   -6.304  1.00 20.91 ? 78   GLY A C   1 
ATOM   336 O  O   . GLY A 1 65  ? 12.936  9.885   -7.003  1.00 22.52 ? 78   GLY A O   1 
ATOM   337 N  N   . GLN A 1 66  ? 11.047  8.807   -6.420  1.00 20.12 ? 79   GLN A N   1 
ATOM   338 C  CA  . GLN A 1 66  ? 10.187  9.500   -7.374  1.00 20.33 ? 79   GLN A CA  1 
ATOM   339 C  C   . GLN A 1 66  ? 8.755   9.242   -6.949  1.00 19.28 ? 79   GLN A C   1 
ATOM   340 O  O   . GLN A 1 66  ? 8.493   8.198   -6.341  1.00 18.22 ? 79   GLN A O   1 
ATOM   341 C  CB  . GLN A 1 66  ? 10.411  8.969   -8.791  1.00 21.11 ? 79   GLN A CB  1 
ATOM   342 C  CG  . GLN A 1 66  ? 10.199  7.460   -8.942  1.00 22.45 ? 79   GLN A CG  1 
ATOM   343 C  CD  . GLN A 1 66  ? 10.433  6.955   -10.358 1.00 23.38 ? 79   GLN A CD  1 
ATOM   344 O  OE1 . GLN A 1 66  ? 9.951   7.542   -11.327 1.00 27.57 ? 79   GLN A OE1 1 
ATOM   345 N  NE2 . GLN A 1 66  ? 11.164  5.855   -10.478 1.00 26.01 ? 79   GLN A NE2 1 
ATOM   346 N  N   . PRO A 1 67  ? 7.837   10.170  -7.266  1.00 19.35 ? 80   PRO A N   1 
ATOM   347 C  CA  . PRO A 1 67  ? 6.426   9.895   -6.965  1.00 18.84 ? 80   PRO A CA  1 
ATOM   348 C  C   . PRO A 1 67  ? 5.889   8.836   -7.897  1.00 17.98 ? 80   PRO A C   1 
ATOM   349 O  O   . PRO A 1 67  ? 6.201   8.827   -9.092  1.00 19.42 ? 80   PRO A O   1 
ATOM   350 C  CB  . PRO A 1 67  ? 5.724   11.226  -7.229  1.00 19.53 ? 80   PRO A CB  1 
ATOM   351 C  CG  . PRO A 1 67  ? 6.674   12.026  -8.063  1.00 20.96 ? 80   PRO A CG  1 
ATOM   352 C  CD  . PRO A 1 67  ? 8.046   11.501  -7.874  1.00 20.08 ? 80   PRO A CD  1 
ATOM   353 N  N   . LEU A 1 68  ? 5.076   7.951   -7.346  1.00 15.87 ? 81   LEU A N   1 
ATOM   354 C  CA  . LEU A 1 68  ? 4.448   6.870   -8.109  1.00 15.27 ? 81   LEU A CA  1 
ATOM   355 C  C   . LEU A 1 68  ? 3.017   6.709   -7.683  1.00 15.26 ? 81   LEU A C   1 
ATOM   356 O  O   . LEU A 1 68  ? 2.714   6.755   -6.490  1.00 16.72 ? 81   LEU A O   1 
ATOM   357 C  CB  . LEU A 1 68  ? 5.205   5.567   -7.855  1.00 15.25 ? 81   LEU A CB  1 
ATOM   358 C  CG  . LEU A 1 68  ? 6.666   5.577   -8.324  1.00 16.10 ? 81   LEU A CG  1 
ATOM   359 C  CD1 . LEU A 1 68  ? 7.419   4.370   -7.803  1.00 15.53 ? 81   LEU A CD1 1 
ATOM   360 C  CD2 . LEU A 1 68  ? 6.713   5.598   -9.844  1.00 17.44 ? 81   LEU A CD2 1 
ATOM   361 N  N   . ASP A 1 69  ? 2.132   6.459   -8.644  1.00 14.93 ? 82   ASP A N   1 
ATOM   362 C  CA  . ASP A 1 69  ? 0.723   6.245   -8.349  1.00 14.98 ? 82   ASP A CA  1 
ATOM   363 C  C   . ASP A 1 69  ? 0.508   4.862   -7.748  1.00 13.41 ? 82   ASP A C   1 
ATOM   364 O  O   . ASP A 1 69  ? 1.164   3.918   -8.148  1.00 13.77 ? 82   ASP A O   1 
ATOM   365 C  CB  . ASP A 1 69  ? -0.094  6.331   -9.637  1.00 16.26 ? 82   ASP A CB  1 
ATOM   366 C  CG  . ASP A 1 69  ? -0.142  7.724   -10.228 1.00 19.86 ? 82   ASP A CG  1 
ATOM   367 O  OD1 . ASP A 1 69  ? -0.016  8.709   -9.477  1.00 22.68 ? 82   ASP A OD1 1 
ATOM   368 O  OD2 . ASP A 1 69  ? -0.367  7.829   -11.458 1.00 25.00 ? 82   ASP A OD2 1 
ATOM   369 N  N   . LEU A 1 70  ? -0.431  4.775   -6.813  1.00 13.06 ? 83   LEU A N   1 
ATOM   370 C  CA  . LEU A 1 70  ? -0.770  3.534   -6.118  1.00 13.03 ? 83   LEU A CA  1 
ATOM   371 C  C   . LEU A 1 70  ? -1.961  2.845   -6.784  1.00 12.90 ? 83   LEU A C   1 
ATOM   372 O  O   . LEU A 1 70  ? -3.042  3.396   -6.831  1.00 13.16 ? 83   LEU A O   1 
ATOM   373 C  CB  . LEU A 1 70  ? -1.205  3.817   -4.681  1.00 14.04 ? 83   LEU A CB  1 
ATOM   374 C  CG  . LEU A 1 70  ? -0.336  4.729   -3.832  1.00 16.16 ? 83   LEU A CG  1 
ATOM   375 C  CD1 . LEU A 1 70  ? -1.088  5.156   -2.577  1.00 17.79 ? 83   LEU A CD1 1 
ATOM   376 C  CD2 . LEU A 1 70  ? 0.967   4.046   -3.492  1.00 18.11 ? 83   LEU A CD2 1 
ATOM   377 N  N   . HIS A 1 71  ? -1.761  1.631   -7.253  1.00 12.92 ? 84   HIS A N   1 
ATOM   378 C  CA  . HIS A 1 71  ? -2.844  0.862   -7.834  1.00 13.19 ? 84   HIS A CA  1 
ATOM   379 C  C   . HIS A 1 71  ? -3.032  -0.431  -7.043  1.00 12.64 ? 84   HIS A C   1 
ATOM   380 O  O   . HIS A 1 71  ? -2.152  -1.275  -7.041  1.00 14.11 ? 84   HIS A O   1 
ATOM   381 C  CB  . HIS A 1 71  ? -2.525  0.543   -9.292  1.00 13.66 ? 84   HIS A CB  1 
ATOM   382 C  CG  . HIS A 1 71  ? -2.392  1.741   -10.183 1.00 15.03 ? 84   HIS A CG  1 
ATOM   383 N  ND1 . HIS A 1 71  ? -3.386  2.136   -11.057 1.00 14.51 ? 84   HIS A ND1 1 
ATOM   384 C  CD2 . HIS A 1 71  ? -1.368  2.614   -10.354 1.00 15.71 ? 84   HIS A CD2 1 
ATOM   385 C  CE1 . HIS A 1 71  ? -2.989  3.219   -11.704 1.00 15.49 ? 84   HIS A CE1 1 
ATOM   386 N  NE2 . HIS A 1 71  ? -1.764  3.529   -11.299 1.00 16.54 ? 84   HIS A NE2 1 
ATOM   387 N  N   . TYR A 1 72  ? -4.150  -0.571  -6.352  1.00 12.12 ? 85   TYR A N   1 
ATOM   388 C  CA  . TYR A 1 72  ? -4.482  -1.830  -5.697  1.00 11.69 ? 85   TYR A CA  1 
ATOM   389 C  C   . TYR A 1 72  ? -4.645  -2.855  -6.783  1.00 11.56 ? 85   TYR A C   1 
ATOM   390 O  O   . TYR A 1 72  ? -5.324  -2.604  -7.747  1.00 12.37 ? 85   TYR A O   1 
ATOM   391 C  CB  . TYR A 1 72  ? -5.804  -1.742  -4.863  1.00 13.55 ? 85   TYR A CB  1 
ATOM   392 C  CG  . TYR A 1 72  ? -6.300  -3.133  -4.462  1.00 15.38 ? 85   TYR A CG  1 
ATOM   393 C  CD1 . TYR A 1 72  ? -5.672  -3.837  -3.428  1.00 14.23 ? 85   TYR A CD1 1 
ATOM   394 C  CD2 . TYR A 1 72  ? -7.301  -3.802  -5.206  1.00 18.35 ? 85   TYR A CD2 1 
ATOM   395 C  CE1 . TYR A 1 72  ? -6.070  -5.134  -3.103  1.00 16.38 ? 85   TYR A CE1 1 
ATOM   396 C  CE2 . TYR A 1 72  ? -7.702  -5.115  -4.884  1.00 18.98 ? 85   TYR A CE2 1 
ATOM   397 C  CZ  . TYR A 1 72  ? -7.071  -5.767  -3.849  1.00 17.13 ? 85   TYR A CZ  1 
ATOM   398 O  OH  . TYR A 1 72  ? -7.449  -7.057  -3.538  1.00 18.82 ? 85   TYR A OH  1 
HETATM 399 N  N   . MSE A 1 73  ? -4.057  -4.028  -6.606  1.00 11.60 ? 86   MSE A N   1 
HETATM 400 C  CA  . MSE A 1 73  ? -4.120  -5.048  -7.647  1.00 15.63 ? 86   MSE A CA  1 
HETATM 401 C  C   . MSE A 1 73  ? -4.505  -6.396  -7.079  1.00 13.84 ? 86   MSE A C   1 
HETATM 402 O  O   . MSE A 1 73  ? -4.051  -6.792  -6.009  1.00 13.23 ? 86   MSE A O   1 
HETATM 403 C  CB  A MSE A 1 73  ? -2.758  -5.166  -8.350  0.40 15.69 ? 86   MSE A CB  1 
HETATM 404 C  CB  B MSE A 1 73  ? -2.785  -5.172  -8.373  0.40 15.72 ? 86   MSE A CB  1 
HETATM 405 C  CB  C MSE A 1 73  ? -2.770  -5.122  -8.382  0.20 16.12 ? 86   MSE A CB  1 
HETATM 406 C  CG  A MSE A 1 73  ? -1.526  -5.422  -7.433  0.40 18.68 ? 86   MSE A CG  1 
HETATM 407 C  CG  B MSE A 1 73  ? -2.845  -6.092  -9.583  0.40 18.08 ? 86   MSE A CG  1 
HETATM 408 C  CG  C MSE A 1 73  ? -2.586  -6.269  -9.396  0.20 18.67 ? 86   MSE A CG  1 
HETATM 409 SE SE  A MSE A 1 73  ? 0.188   -5.888  -8.370  0.40 23.78 ? 86   MSE A SE  1 
HETATM 410 SE SE  B MSE A 1 73  ? -1.368  -5.814  -10.773 0.40 25.02 ? 86   MSE A SE  1 
HETATM 411 SE SE  C MSE A 1 73  ? -3.732  -6.281  -11.010 0.20 23.76 ? 86   MSE A SE  1 
HETATM 412 C  CE  A MSE A 1 73  ? -0.569  -6.096  -10.005 0.40 9.90  ? 86   MSE A CE  1 
HETATM 413 C  CE  B MSE A 1 73  ? -0.029  -6.246  -9.566  0.40 22.79 ? 86   MSE A CE  1 
HETATM 414 C  CE  C MSE A 1 73  ? -2.810  -7.705  -11.943 0.20 20.52 ? 86   MSE A CE  1 
ATOM   415 N  N   . ASN A 1 74  ? -5.326  -7.113  -7.836  1.00 14.71 ? 87   ASN A N   1 
ATOM   416 C  CA  . ASN A 1 74  ? -5.428  -8.542  -7.645  1.00 16.83 ? 87   ASN A CA  1 
ATOM   417 C  C   . ASN A 1 74  ? -4.993  -9.247  -8.925  1.00 18.27 ? 87   ASN A C   1 
ATOM   418 O  O   . ASN A 1 74  ? -4.368  -8.650  -9.770  1.00 19.24 ? 87   ASN A O   1 
ATOM   419 C  CB  . ASN A 1 74  ? -6.808  -8.922  -7.089  1.00 17.65 ? 87   ASN A CB  1 
ATOM   420 C  CG  . ASN A 1 74  ? -7.943  -8.642  -8.037  1.00 16.82 ? 87   ASN A CG  1 
ATOM   421 O  OD1 . ASN A 1 74  ? -7.796  -8.729  -9.251  1.00 18.94 ? 87   ASN A OD1 1 
ATOM   422 N  ND2 . ASN A 1 74  ? -9.125  -8.339  -7.475  1.00 20.36 ? 87   ASN A ND2 1 
ATOM   423 N  N   . ASN A 1 75  ? -5.289  -10.520 -9.087  1.00 20.34 ? 88   ASN A N   1 
ATOM   424 C  CA  . ASN A 1 75  ? -4.794  -11.207 -10.277 1.00 21.92 ? 88   ASN A CA  1 
ATOM   425 C  C   . ASN A 1 75  ? -5.436  -10.743 -11.579 1.00 22.22 ? 88   ASN A C   1 
ATOM   426 O  O   . ASN A 1 75  ? -4.847  -10.928 -12.668 1.00 24.52 ? 88   ASN A O   1 
ATOM   427 C  CB  . ASN A 1 75  ? -4.944  -12.722 -10.095 1.00 23.36 ? 88   ASN A CB  1 
ATOM   428 C  CG  . ASN A 1 75  ? -4.045  -13.258 -9.010  1.00 26.20 ? 88   ASN A CG  1 
ATOM   429 O  OD1 . ASN A 1 75  ? -2.892  -12.840 -8.886  1.00 26.68 ? 88   ASN A OD1 1 
ATOM   430 N  ND2 . ASN A 1 75  ? -4.552  -14.215 -8.233  1.00 30.90 ? 88   ASN A ND2 1 
ATOM   431 N  N   . GLU A 1 76  ? -6.622  -10.145 -11.478 1.00 20.55 ? 89   GLU A N   1 
ATOM   432 C  CA  . GLU A 1 76  ? -7.377  -9.736  -12.661 1.00 20.23 ? 89   GLU A CA  1 
ATOM   433 C  C   . GLU A 1 76  ? -7.575  -8.231  -12.819 1.00 17.34 ? 89   GLU A C   1 
ATOM   434 O  O   . GLU A 1 76  ? -7.693  -7.775  -13.929 1.00 17.73 ? 89   GLU A O   1 
ATOM   435 C  CB  . GLU A 1 76  ? -8.745  -10.390 -12.649 1.00 21.50 ? 89   GLU A CB  1 
ATOM   436 C  CG  . GLU A 1 76  ? -8.709  -11.897 -12.437 1.00 26.31 ? 89   GLU A CG  1 
ATOM   437 C  CD  . GLU A 1 76  ? -9.027  -12.662 -13.672 1.00 28.45 ? 89   GLU A CD  1 
ATOM   438 O  OE1 . GLU A 1 76  ? -10.129 -12.465 -14.219 1.00 35.91 ? 89   GLU A OE1 1 
ATOM   439 O  OE2 . GLU A 1 76  ? -8.175  -13.473 -14.093 1.00 36.80 ? 89   GLU A OE2 1 
ATOM   440 N  N   . LEU A 1 77  ? -7.665  -7.478  -11.726 1.00 15.07 ? 90   LEU A N   1 
ATOM   441 C  CA  . LEU A 1 77  ? -8.086  -6.078  -11.772 1.00 15.10 ? 90   LEU A CA  1 
ATOM   442 C  C   . LEU A 1 77  ? -7.072  -5.223  -11.028 1.00 13.66 ? 90   LEU A C   1 
ATOM   443 O  O   . LEU A 1 77  ? -6.442  -5.675  -10.080 1.00 15.25 ? 90   LEU A O   1 
ATOM   444 C  CB  . LEU A 1 77  ? -9.449  -5.915  -11.088 1.00 17.52 ? 90   LEU A CB  1 
ATOM   445 C  CG  . LEU A 1 77  ? -10.606 -6.684  -11.688 1.00 22.04 ? 90   LEU A CG  1 
ATOM   446 C  CD1 . LEU A 1 77  ? -11.837 -6.479  -10.810 1.00 24.81 ? 90   LEU A CD1 1 
ATOM   447 C  CD2 . LEU A 1 77  ? -10.839 -6.254  -13.119 1.00 23.44 ? 90   LEU A CD2 1 
ATOM   448 N  N   . SER A 1 78  ? -6.926  -3.970  -11.445 1.00 12.01 ? 91   SER A N   1 
ATOM   449 C  CA  . SER A 1 78  ? -6.286  -2.995  -10.594 1.00 12.34 ? 91   SER A CA  1 
ATOM   450 C  C   . SER A 1 78  ? -7.120  -1.730  -10.545 1.00 11.69 ? 91   SER A C   1 
ATOM   451 O  O   . SER A 1 78  ? -7.860  -1.422  -11.477 1.00 11.97 ? 91   SER A O   1 
ATOM   452 C  CB  . SER A 1 78  ? -4.845  -2.676  -10.980 1.00 13.34 ? 91   SER A CB  1 
ATOM   453 O  OG  . SER A 1 78  ? -4.763  -1.830  -12.108 1.00 15.46 ? 91   SER A OG  1 
ATOM   454 N  N   . ILE A 1 79  ? -6.965  -0.982  -9.452  1.00 10.97 ? 92   ILE A N   1 
ATOM   455 C  CA  . ILE A 1 79  ? -7.725  0.226   -9.228  1.00 12.64 ? 92   ILE A CA  1 
ATOM   456 C  C   . ILE A 1 79  ? -6.819  1.268   -8.596  1.00 10.24 ? 92   ILE A C   1 
ATOM   457 O  O   . ILE A 1 79  ? -6.201  1.015   -7.583  1.00 11.15 ? 92   ILE A O   1 
ATOM   458 C  CB  . ILE A 1 79  ? -8.939  -0.078  -8.292  1.00 14.48 ? 92   ILE A CB  1 
ATOM   459 C  CG1 . ILE A 1 79  ? -9.812  -1.255  -8.788  1.00 18.12 ? 92   ILE A CG1 1 
ATOM   460 C  CG2 . ILE A 1 79  ? -9.754  1.193   -8.092  1.00 17.83 ? 92   ILE A CG2 1 
ATOM   461 C  CD1 . ILE A 1 79  ? -10.725 -1.827  -7.741  1.00 18.85 ? 92   ILE A CD1 1 
ATOM   462 N  N   . LEU A 1 80  ? -6.790  2.456   -9.186  1.00 10.47 ? 93   LEU A N   1 
ATOM   463 C  CA  . LEU A 1 80  ? -6.022  3.556   -8.646  1.00 11.62 ? 93   LEU A CA  1 
ATOM   464 C  C   . LEU A 1 80  ? -6.592  3.967   -7.308  1.00 11.82 ? 93   LEU A C   1 
ATOM   465 O  O   . LEU A 1 80  ? -7.785  4.194   -7.175  1.00 13.22 ? 93   LEU A O   1 
ATOM   466 C  CB  . LEU A 1 80  ? -6.112  4.742   -9.619  1.00 12.68 ? 93   LEU A CB  1 
ATOM   467 C  CG  . LEU A 1 80  ? -5.420  6.034   -9.223  1.00 14.33 ? 93   LEU A CG  1 
ATOM   468 C  CD1 . LEU A 1 80  ? -3.933  5.923   -9.256  1.00 16.76 ? 93   LEU A CD1 1 
ATOM   469 C  CD2 . LEU A 1 80  ? -5.854  7.168   -10.114 1.00 15.29 ? 93   LEU A CD2 1 
ATOM   470 N  N   . LEU A 1 81  ? -5.718  4.127   -6.323  1.00 10.70 ? 94   LEU A N   1 
ATOM   471 C  CA  . LEU A 1 81  ? -6.109  4.642   -5.004  1.00 11.34 ? 94   LEU A CA  1 
ATOM   472 C  C   . LEU A 1 81  ? -5.806  6.134   -4.963  1.00 11.73 ? 94   LEU A C   1 
ATOM   473 O  O   . LEU A 1 81  ? -4.638  6.539   -4.997  1.00 12.71 ? 94   LEU A O   1 
ATOM   474 C  CB  . LEU A 1 81  ? -5.360  3.902   -3.899  1.00 11.56 ? 94   LEU A CB  1 
ATOM   475 C  CG  . LEU A 1 81  ? -5.503  2.379   -3.915  1.00 10.68 ? 94   LEU A CG  1 
ATOM   476 C  CD1 . LEU A 1 81  ? -4.726  1.791   -2.766  1.00 12.47 ? 94   LEU A CD1 1 
ATOM   477 C  CD2 . LEU A 1 81  ? -6.930  1.917   -3.887  1.00 12.68 ? 94   LEU A CD2 1 
ATOM   478 N  N   . LYS A 1 82  ? -6.871  6.936   -4.912  1.00 12.34 ? 95   LYS A N   1 
ATOM   479 C  CA  . LYS A 1 82  ? -6.782  8.371   -5.120  1.00 13.62 ? 95   LYS A CA  1 
ATOM   480 C  C   . LYS A 1 82  ? -6.750  9.157   -3.824  1.00 13.03 ? 95   LYS A C   1 
ATOM   481 O  O   . LYS A 1 82  ? -6.364  10.333  -3.815  1.00 13.21 ? 95   LYS A O   1 
ATOM   482 C  CB  . LYS A 1 82  ? -7.985  8.866   -5.943  1.00 14.31 ? 95   LYS A CB  1 
ATOM   483 C  CG  . LYS A 1 82  ? -8.163  8.160   -7.250  1.00 16.40 ? 95   LYS A CG  1 
ATOM   484 C  CD  . LYS A 1 82  ? -9.402  8.546   -8.024  1.00 18.01 ? 95   LYS A CD  1 
ATOM   485 C  CE  . LYS A 1 82  ? -10.691 8.181   -7.343  1.00 21.19 ? 95   LYS A CE  1 
ATOM   486 N  NZ  . LYS A 1 82  ? -10.865 6.737   -7.077  1.00 23.38 ? 95   LYS A NZ  1 
ATOM   487 N  N   . ASN A 1 83  ? -7.181  8.536   -2.730  1.00 11.79 ? 96   ASN A N   1 
ATOM   488 C  CA  . ASN A 1 83  ? -7.418  9.267   -1.495  1.00 12.31 ? 96   ASN A CA  1 
ATOM   489 C  C   . ASN A 1 83  ? -7.559  8.285   -0.331  1.00 11.84 ? 96   ASN A C   1 
ATOM   490 O  O   . ASN A 1 83  ? -7.531  7.067   -0.510  1.00 11.19 ? 96   ASN A O   1 
ATOM   491 C  CB  . ASN A 1 83  ? -8.663  10.160  -1.646  1.00 12.84 ? 96   ASN A CB  1 
ATOM   492 C  CG  . ASN A 1 83  ? -9.879  9.390   -2.078  1.00 13.36 ? 96   ASN A CG  1 
ATOM   493 O  OD1 . ASN A 1 83  ? -10.106 8.279   -1.627  1.00 15.35 ? 96   ASN A OD1 1 
ATOM   494 N  ND2 . ASN A 1 83  ? -10.640 9.951   -3.020  1.00 19.22 ? 96   ASN A ND2 1 
ATOM   495 N  N   . GLN A 1 84  ? -7.736  8.837   0.857   1.00 12.08 ? 97   GLN A N   1 
ATOM   496 C  CA  . GLN A 1 84  ? -7.888  8.054   2.070   1.00 12.41 ? 97   GLN A CA  1 
ATOM   497 C  C   . GLN A 1 84  ? -9.040  7.063   1.983   1.00 12.62 ? 97   GLN A C   1 
ATOM   498 O  O   . GLN A 1 84  ? -8.928  5.928   2.443   1.00 12.86 ? 97   GLN A O   1 
ATOM   499 C  CB  . GLN A 1 84  ? -8.091  8.992   3.269   1.00 13.10 ? 97   GLN A CB  1 
ATOM   500 C  CG  . GLN A 1 84  ? -8.077  8.278   4.577   1.00 12.55 ? 97   GLN A CG  1 
ATOM   501 C  CD  . GLN A 1 84  ? -6.710  7.736   4.929   1.00 12.96 ? 97   GLN A CD  1 
ATOM   502 O  OE1 . GLN A 1 84  ? -5.730  8.476   4.908   1.00 15.37 ? 97   GLN A OE1 1 
ATOM   503 N  NE2 . GLN A 1 84  ? -6.620  6.442   5.220   1.00 14.54 ? 97   GLN A NE2 1 
ATOM   504 N  N   . ASP A 1 85  ? -10.169 7.478   1.422   1.00 13.17 ? 98   ASP A N   1 
ATOM   505 C  CA  . ASP A 1 85  ? -11.331 6.580   1.347   1.00 14.45 ? 98   ASP A CA  1 
ATOM   506 C  C   . ASP A 1 85  ? -11.011 5.357   0.504   1.00 13.12 ? 98   ASP A C   1 
ATOM   507 O  O   . ASP A 1 85  ? -11.363 4.236   0.863   1.00 13.06 ? 98   ASP A O   1 
ATOM   508 C  CB  . ASP A 1 85  ? -12.562 7.317   0.767   1.00 16.41 ? 98   ASP A CB  1 
ATOM   509 C  CG  . ASP A 1 85  ? -13.185 8.307   1.731   1.00 21.96 ? 98   ASP A CG  1 
ATOM   510 O  OD1 . ASP A 1 85  ? -12.943 8.247   2.954   1.00 26.75 ? 98   ASP A OD1 1 
ATOM   511 O  OD2 . ASP A 1 85  ? -13.945 9.167   1.244   1.00 30.97 ? 98   ASP A OD2 1 
ATOM   512 N  N   . ASP A 1 86  ? -10.347 5.567   -0.631  1.00 11.57 ? 99   ASP A N   1 
ATOM   513 C  CA  . ASP A 1 86  ? -9.966  4.433   -1.473  1.00 11.91 ? 99   ASP A CA  1 
ATOM   514 C  C   . ASP A 1 86  ? -9.007  3.511   -0.726  1.00 10.77 ? 99   ASP A C   1 
ATOM   515 O  O   . ASP A 1 86  ? -9.126  2.298   -0.784  1.00 10.38 ? 99   ASP A O   1 
ATOM   516 C  CB  . ASP A 1 86  ? -9.265  4.896   -2.763  1.00 11.92 ? 99   ASP A CB  1 
ATOM   517 C  CG  . ASP A 1 86  ? -10.163 5.634   -3.753  1.00 13.92 ? 99   ASP A CG  1 
ATOM   518 O  OD1 . ASP A 1 86  ? -11.409 5.580   -3.659  1.00 17.42 ? 99   ASP A OD1 1 
ATOM   519 O  OD2 . ASP A 1 86  ? -9.550  6.230   -4.682  1.00 15.87 ? 99   ASP A OD2 1 
ATOM   520 N  N   . LEU A 1 87  ? -8.025  4.088   -0.056  1.00 10.28 ? 100  LEU A N   1 
ATOM   521 C  CA  . LEU A 1 87  ? -7.057  3.289   0.695   1.00 9.94  ? 100  LEU A CA  1 
ATOM   522 C  C   . LEU A 1 87  ? -7.744  2.487   1.810   1.00 9.58  ? 100  LEU A C   1 
ATOM   523 O  O   . LEU A 1 87  ? -7.470  1.301   2.011   1.00 9.66  ? 100  LEU A O   1 
ATOM   524 C  CB  . LEU A 1 87  ? -5.947  4.164   1.269   1.00 10.43 ? 100  LEU A CB  1 
ATOM   525 C  CG  . LEU A 1 87  ? -4.905  3.450   2.134   1.00 11.28 ? 100  LEU A CG  1 
ATOM   526 C  CD1 . LEU A 1 87  ? -4.137  2.353   1.369   1.00 12.89 ? 100  LEU A CD1 1 
ATOM   527 C  CD2 . LEU A 1 87  ? -3.940  4.450   2.698   1.00 12.93 ? 100  LEU A CD2 1 
ATOM   528 N  N   . ASP A 1 88  ? -8.674  3.136   2.517   1.00 10.92 ? 101  ASP A N   1 
ATOM   529 C  CA  . ASP A 1 88  ? -9.403  2.441   3.588   1.00 11.17 ? 101  ASP A CA  1 
ATOM   530 C  C   . ASP A 1 88  ? -10.186 1.244   3.041   1.00 10.48 ? 101  ASP A C   1 
ATOM   531 O  O   . ASP A 1 88  ? -10.235 0.171   3.661   1.00 10.74 ? 101  ASP A O   1 
ATOM   532 C  CB  . ASP A 1 88  ? -10.371 3.388   4.317   1.00 12.21 ? 101  ASP A CB  1 
ATOM   533 C  CG  . ASP A 1 88  ? -9.681  4.484   5.077   1.00 16.06 ? 101  ASP A CG  1 
ATOM   534 O  OD1 . ASP A 1 88  ? -8.495  4.337   5.405   1.00 17.10 ? 101  ASP A OD1 1 
ATOM   535 O  OD2 . ASP A 1 88  ? -10.357 5.493   5.379   1.00 19.35 ? 101  ASP A OD2 1 
ATOM   536 N  N   . LYS A 1 89  ? -10.787 1.394   1.863   1.00 10.95 ? 102  LYS A N   1 
ATOM   537 C  CA  . LYS A 1 89  ? -11.537 0.297   1.254   1.00 11.70 ? 102  LYS A CA  1 
ATOM   538 C  C   . LYS A 1 89  ? -10.610 -0.818  0.817   1.00 10.78 ? 102  LYS A C   1 
ATOM   539 O  O   . LYS A 1 89  ? -10.957 -1.990  0.967   1.00 11.78 ? 102  LYS A O   1 
ATOM   540 C  CB  . LYS A 1 89  ? -12.370 0.826   0.074   1.00 13.03 ? 102  LYS A CB  1 
ATOM   541 C  CG  . LYS A 1 89  ? -13.586 1.621   0.535   1.00 15.92 ? 102  LYS A CG  1 
ATOM   542 C  CD  . LYS A 1 89  ? -14.586 0.712   1.221   1.00 20.89 ? 102  LYS A CD  1 
ATOM   543 N  N   . ALA A 1 90  ? -9.418  -0.489  0.337   1.00 9.82  ? 103  ALA A N   1 
ATOM   544 C  CA  . ALA A 1 90  ? -8.462  -1.524  -0.023  1.00 10.50 ? 103  ALA A CA  1 
ATOM   545 C  C   . ALA A 1 90  ? -7.967  -2.288  1.205   1.00 10.56 ? 103  ALA A C   1 
ATOM   546 O  O   . ALA A 1 90  ? -7.906  -3.521  1.188   1.00 10.75 ? 103  ALA A O   1 
ATOM   547 C  CB  . ALA A 1 90  ? -7.319  -0.914  -0.793  1.00 10.83 ? 103  ALA A CB  1 
ATOM   548 N  N   . ILE A 1 91  ? -7.699  -1.569  2.295   1.00 10.40 ? 104  ILE A N   1 
ATOM   549 C  CA  . ILE A 1 91  ? -7.296  -2.212  3.531   1.00 11.21 ? 104  ILE A CA  1 
ATOM   550 C  C   . ILE A 1 91  ? -8.420  -3.095  4.062   1.00 11.13 ? 104  ILE A C   1 
ATOM   551 O  O   . ILE A 1 91  ? -8.164  -4.153  4.667   1.00 12.32 ? 104  ILE A O   1 
ATOM   552 C  CB  . ILE A 1 91  ? -6.780  -1.183  4.558   1.00 10.84 ? 104  ILE A CB  1 
ATOM   553 C  CG1 . ILE A 1 91  ? -5.435  -0.605  4.077   1.00 12.91 ? 104  ILE A CG1 1 
ATOM   554 C  CG2 . ILE A 1 91  ? -6.660  -1.824  5.939   1.00 12.31 ? 104  ILE A CG2 1 
ATOM   555 C  CD1 . ILE A 1 91  ? -4.926  0.620   4.823   1.00 14.17 ? 104  ILE A CD1 1 
ATOM   556 N  N   . ASP A 1 92  ? -9.662  -2.689  3.840   1.00 11.63 ? 105  ASP A N   1 
ATOM   557 C  CA  . ASP A 1 92  ? -10.751 -3.524  4.270   1.00 12.45 ? 105  ASP A CA  1 
ATOM   558 C  C   . ASP A 1 92  ? -10.840 -4.832  3.508   1.00 12.76 ? 105  ASP A C   1 
ATOM   559 O  O   . ASP A 1 92  ? -11.230 -5.837  4.078   1.00 13.46 ? 105  ASP A O   1 
ATOM   560 C  CB  . ASP A 1 92  ? -12.081 -2.814  4.271   1.00 13.22 ? 105  ASP A CB  1 
ATOM   561 C  CG  . ASP A 1 92  ? -13.080 -3.518  5.188   1.00 16.47 ? 105  ASP A CG  1 
ATOM   562 O  OD1 . ASP A 1 92  ? -12.711 -3.874  6.342   1.00 19.69 ? 105  ASP A OD1 1 
ATOM   563 O  OD2 . ASP A 1 92  ? -14.212 -3.768  4.759   1.00 21.50 ? 105  ASP A OD2 1 
ATOM   564 N  N   . ILE A 1 93  ? -10.463 -4.843  2.226   1.00 12.50 ? 106  ILE A N   1 
ATOM   565 C  CA  . ILE A 1 93  ? -10.368 -6.108  1.490   1.00 13.38 ? 106  ILE A CA  1 
ATOM   566 C  C   . ILE A 1 93  ? -9.376  -7.034  2.167   1.00 13.27 ? 106  ILE A C   1 
ATOM   567 O  O   . ILE A 1 93  ? -9.658  -8.215  2.433   1.00 13.90 ? 106  ILE A O   1 
ATOM   568 C  CB  . ILE A 1 93  ? -9.970  -5.902  0.034   1.00 14.66 ? 106  ILE A CB  1 
ATOM   569 C  CG1 . ILE A 1 93  ? -11.026 -5.090  -0.682  1.00 15.60 ? 106  ILE A CG1 1 
ATOM   570 C  CG2 . ILE A 1 93  ? -9.754  -7.247  -0.667  1.00 16.59 ? 106  ILE A CG2 1 
ATOM   571 C  CD1 . ILE A 1 93  ? -10.570 -4.674  -2.097  1.00 17.47 ? 106  ILE A CD1 1 
ATOM   572 N  N   . LEU A 1 94  ? -8.204  -6.498  2.446   1.00 12.62 ? 107  LEU A N   1 
ATOM   573 C  CA  . LEU A 1 94  ? -7.166  -7.208  3.172   1.00 13.16 ? 107  LEU A CA  1 
ATOM   574 C  C   . LEU A 1 94  ? -7.704  -7.780  4.484   1.00 12.62 ? 107  LEU A C   1 
ATOM   575 O  O   . LEU A 1 94  ? -7.544  -8.963  4.785   1.00 13.58 ? 107  LEU A O   1 
ATOM   576 C  CB  . LEU A 1 94  ? -5.993  -6.268  3.450   1.00 12.94 ? 107  LEU A CB  1 
ATOM   577 C  CG  . LEU A 1 94  ? -4.934  -6.766  4.415   1.00 13.10 ? 107  LEU A CG  1 
ATOM   578 C  CD1 . LEU A 1 94  ? -4.141  -7.929  3.874   1.00 14.95 ? 107  LEU A CD1 1 
ATOM   579 C  CD2 . LEU A 1 94  ? -4.019  -5.643  4.829   1.00 14.74 ? 107  LEU A CD2 1 
ATOM   580 N  N   . ASP A 1 95  ? -8.381  -6.954  5.256   1.00 12.59 ? 108  ASP A N   1 
ATOM   581 C  CA  . ASP A 1 95  ? -8.837  -7.379  6.565   1.00 14.21 ? 108  ASP A CA  1 
ATOM   582 C  C   . ASP A 1 95  ? -9.958  -8.403  6.513   1.00 14.20 ? 108  ASP A C   1 
ATOM   583 O  O   . ASP A 1 95  ? -10.071 -9.253  7.412   1.00 16.05 ? 108  ASP A O   1 
ATOM   584 C  CB  . ASP A 1 95  ? -9.270  -6.180  7.397   1.00 14.06 ? 108  ASP A CB  1 
ATOM   585 C  CG  . ASP A 1 95  ? -8.109  -5.283  7.796   1.00 13.72 ? 108  ASP A CG  1 
ATOM   586 O  OD1 . ASP A 1 95  ? -6.926  -5.728  7.725   1.00 14.45 ? 108  ASP A OD1 1 
ATOM   587 O  OD2 . ASP A 1 95  ? -8.379  -4.112  8.171   1.00 14.07 ? 108  ASP A OD2 1 
ATOM   588 N  N   . ARG A 1 96  ? -10.782 -8.358  5.481   1.00 14.84 ? 109  ARG A N   1 
ATOM   589 C  CA  . ARG A 1 96  ? -11.855 -9.334  5.333   1.00 16.76 ? 109  ARG A CA  1 
ATOM   590 C  C   . ARG A 1 96  ? -11.393 -10.669 4.790   1.00 17.64 ? 109  ARG A C   1 
ATOM   591 O  O   . ARG A 1 96  ? -12.116 -11.659 4.901   1.00 20.48 ? 109  ARG A O   1 
ATOM   592 C  CB  . ARG A 1 96  ? -12.980 -8.790  4.470   1.00 17.22 ? 109  ARG A CB  1 
ATOM   593 C  CG  . ARG A 1 96  ? -13.738 -7.714  5.173   1.00 19.81 ? 109  ARG A CG  1 
ATOM   594 C  CD  . ARG A 1 96  ? -14.734 -7.051  4.249   1.00 25.26 ? 109  ARG A CD  1 
ATOM   595 N  NE  . ARG A 1 96  ? -15.600 -6.164  5.012   1.00 27.52 ? 109  ARG A NE  1 
ATOM   596 C  CZ  . ARG A 1 96  ? -16.756 -6.521  5.562   1.00 29.31 ? 109  ARG A CZ  1 
ATOM   597 N  NH1 . ARG A 1 96  ? -17.212 -7.768  5.464   1.00 30.27 ? 109  ARG A NH1 1 
ATOM   598 N  NH2 . ARG A 1 96  ? -17.448 -5.615  6.234   1.00 29.92 ? 109  ARG A NH2 1 
ATOM   599 N  N   . SER A 1 97  ? -10.201 -10.724 4.211   1.00 16.80 ? 110  SER A N   1 
ATOM   600 C  CA  . SER A 1 97  ? -9.707  -11.962 3.617   1.00 18.26 ? 110  SER A CA  1 
ATOM   601 C  C   . SER A 1 97  ? -8.874  -12.746 4.609   1.00 18.47 ? 110  SER A C   1 
ATOM   602 O  O   . SER A 1 97  ? -7.909  -12.234 5.157   1.00 19.41 ? 110  SER A O   1 
ATOM   603 C  CB  . SER A 1 97  ? -8.839  -11.655 2.408   1.00 18.10 ? 110  SER A CB  1 
ATOM   604 O  OG  . SER A 1 97  ? -8.154  -12.838 2.017   1.00 19.38 ? 110  SER A OG  1 
ATOM   605 N  N   . SER A 1 98  ? -9.197  -14.016 4.806   1.00 19.46 ? 111  SER A N   1 
ATOM   606 C  CA  . SER A 1 98  ? -8.374  -14.859 5.682   1.00 20.16 ? 111  SER A CA  1 
ATOM   607 C  C   . SER A 1 98  ? -7.008  -15.216 5.081   1.00 18.73 ? 111  SER A C   1 
ATOM   608 O  O   . SER A 1 98  ? -6.025  -15.385 5.803   1.00 20.61 ? 111  SER A O   1 
ATOM   609 C  CB  . SER A 1 98  ? -9.101  -16.152 6.082   1.00 21.55 ? 111  SER A CB  1 
ATOM   610 O  OG  . SER A 1 98  ? -9.618  -16.818 4.958   1.00 25.18 ? 111  SER A OG  1 
ATOM   611 N  N   . SER A 1 99  ? -6.929  -15.290 3.761   1.00 18.10 ? 112  SER A N   1 
ATOM   612 C  CA  . SER A 1 99  ? -5.692  -15.703 3.119   1.00 18.60 ? 112  SER A CA  1 
ATOM   613 C  C   . SER A 1 99  ? -4.740  -14.582 2.785   1.00 17.85 ? 112  SER A C   1 
ATOM   614 O  O   . SER A 1 99  ? -3.535  -14.831 2.689   1.00 19.02 ? 112  SER A O   1 
ATOM   615 C  CB  . SER A 1 99  ? -6.000  -16.471 1.839   1.00 19.66 ? 112  SER A CB  1 
ATOM   616 O  OG  . SER A 1 99  ? -6.837  -15.707 1.014   1.00 23.37 ? 112  SER A OG  1 
HETATM 617 N  N   . MSE A 1 100 ? -5.262  -13.373 2.590   1.00 16.86 ? 113  MSE A N   1 
HETATM 618 C  CA  . MSE A 1 100 ? -4.410  -12.242 2.214   1.00 17.89 ? 113  MSE A CA  1 
HETATM 619 C  C   . MSE A 1 100 ? -3.651  -11.741 3.427   1.00 15.60 ? 113  MSE A C   1 
HETATM 620 O  O   . MSE A 1 100 ? -4.245  -11.399 4.446   1.00 16.49 ? 113  MSE A O   1 
HETATM 621 C  CB  A MSE A 1 100 ? -5.285  -11.161 1.596   0.60 17.33 ? 113  MSE A CB  1 
HETATM 622 C  CB  B MSE A 1 100 ? -5.238  -11.078 1.708   0.40 18.50 ? 113  MSE A CB  1 
HETATM 623 C  CG  A MSE A 1 100 ? -4.514  -10.078 0.919   0.60 17.37 ? 113  MSE A CG  1 
HETATM 624 C  CG  B MSE A 1 100 ? -5.853  -11.238 0.372   0.40 20.44 ? 113  MSE A CG  1 
HETATM 625 SE SE  A MSE A 1 100 ? -5.641  -8.753  0.178   0.60 19.92 ? 113  MSE A SE  1 
HETATM 626 SE SE  B MSE A 1 100 ? -6.486  -9.497  -0.116  0.40 23.70 ? 113  MSE A SE  1 
HETATM 627 C  CE  A MSE A 1 100 ? -6.576  -9.861  -1.252  0.60 18.89 ? 113  MSE A CE  1 
HETATM 628 C  CE  B MSE A 1 100 ? -7.482  -9.959  -1.655  0.40 22.26 ? 113  MSE A CE  1 
ATOM   629 N  N   . LYS A 1 101 ? -2.332  -11.681 3.316   1.00 15.05 ? 114  LYS A N   1 
ATOM   630 C  CA  . LYS A 1 101 ? -1.461  -11.286 4.412   1.00 15.03 ? 114  LYS A CA  1 
ATOM   631 C  C   . LYS A 1 101 ? -0.717  -9.970  4.132   1.00 14.55 ? 114  LYS A C   1 
ATOM   632 O  O   . LYS A 1 101 ? -0.056  -9.412  5.029   1.00 14.89 ? 114  LYS A O   1 
ATOM   633 C  CB  . LYS A 1 101 ? -0.469  -12.410 4.756   1.00 16.56 ? 114  LYS A CB  1 
ATOM   634 C  CG  . LYS A 1 101 ? -1.102  -13.775 5.111   1.00 18.91 ? 114  LYS A CG  1 
ATOM   635 C  CD  . LYS A 1 101 ? -1.933  -13.692 6.350   1.00 18.90 ? 114  LYS A CD  1 
ATOM   636 C  CE  . LYS A 1 101 ? -2.519  -15.060 6.768   1.00 18.65 ? 114  LYS A CE  1 
ATOM   637 N  NZ  . LYS A 1 101 ? -1.562  -16.078 7.316   1.00 17.86 ? 114  LYS A NZ  1 
ATOM   638 N  N   . SER A 1 102 ? -0.827  -9.487  2.894   1.00 13.86 ? 115  SER A N   1 
ATOM   639 C  CA  . SER A 1 102 ? -0.299  -8.183  2.541   1.00 13.15 ? 115  SER A CA  1 
ATOM   640 C  C   . SER A 1 102 ? -1.184  -7.559  1.474   1.00 12.68 ? 115  SER A C   1 
ATOM   641 O  O   . SER A 1 102 ? -1.936  -8.256  0.769   1.00 14.34 ? 115  SER A O   1 
ATOM   642 C  CB  . SER A 1 102 ? 1.153   -8.275  2.070   1.00 14.52 ? 115  SER A CB  1 
ATOM   643 O  OG  . SER A 1 102 ? 1.280   -9.045  0.911   1.00 16.95 ? 115  SER A OG  1 
ATOM   644 N  N   . LEU A 1 103 ? -1.116  -6.248  1.382   1.00 12.22 ? 116  LEU A N   1 
ATOM   645 C  CA  . LEU A 1 103 ? -1.887  -5.489  0.437   1.00 12.58 ? 116  LEU A CA  1 
ATOM   646 C  C   . LEU A 1 103 ? -1.060  -5.289  -0.831  1.00 12.87 ? 116  LEU A C   1 
ATOM   647 O  O   . LEU A 1 103 ? -0.019  -4.651  -0.780  1.00 12.55 ? 116  LEU A O   1 
ATOM   648 C  CB  . LEU A 1 103 ? -2.264  -4.143  1.040   1.00 13.65 ? 116  LEU A CB  1 
ATOM   649 C  CG  . LEU A 1 103 ? -3.242  -3.343  0.193   1.00 14.23 ? 116  LEU A CG  1 
ATOM   650 C  CD1 . LEU A 1 103 ? -4.610  -4.016  0.175   1.00 16.19 ? 116  LEU A CD1 1 
ATOM   651 C  CD2 . LEU A 1 103 ? -3.326  -1.924  0.702   1.00 15.63 ? 116  LEU A CD2 1 
ATOM   652 N  N   . ARG A 1 104 ? -1.519  -5.827  -1.960  1.00 13.21 ? 117  ARG A N   1 
ATOM   653 C  CA  . ARG A 1 104 ? -0.765  -5.734  -3.211  1.00 14.45 ? 117  ARG A CA  1 
ATOM   654 C  C   . ARG A 1 104 ? -0.995  -4.381  -3.879  1.00 12.72 ? 117  ARG A C   1 
ATOM   655 O  O   . ARG A 1 104 ? -2.116  -4.088  -4.311  1.00 12.62 ? 117  ARG A O   1 
ATOM   656 C  CB  A ARG A 1 104 ? -1.166  -6.848  -4.191  0.50 15.48 ? 117  ARG A CB  1 
ATOM   657 C  CB  B ARG A 1 104 ? -1.189  -6.892  -4.127  0.50 15.53 ? 117  ARG A CB  1 
ATOM   658 C  CG  A ARG A 1 104 ? -0.668  -8.231  -3.806  0.50 17.88 ? 117  ARG A CG  1 
ATOM   659 C  CG  B ARG A 1 104 ? -0.511  -6.937  -5.477  0.50 17.88 ? 117  ARG A CG  1 
ATOM   660 C  CD  A ARG A 1 104 ? -1.208  -9.320  -4.729  0.50 18.46 ? 117  ARG A CD  1 
ATOM   661 C  CD  B ARG A 1 104 ? -0.207  -8.365  -5.947  0.50 20.92 ? 117  ARG A CD  1 
ATOM   662 N  NE  A ARG A 1 104 ? -0.686  -9.250  -6.101  0.50 21.80 ? 117  ARG A NE  1 
ATOM   663 N  NE  B ARG A 1 104 ? -1.339  -9.287  -5.857  0.50 24.36 ? 117  ARG A NE  1 
ATOM   664 C  CZ  A ARG A 1 104 ? -1.217  -9.892  -7.145  0.50 22.95 ? 117  ARG A CZ  1 
ATOM   665 C  CZ  B ARG A 1 104 ? -1.861  -9.993  -6.868  0.50 23.87 ? 117  ARG A CZ  1 
ATOM   666 N  NH1 A ARG A 1 104 ? -2.310  -10.639 -7.002  0.50 22.82 ? 117  ARG A NH1 1 
ATOM   667 N  NH1 B ARG A 1 104 ? -1.384  -9.918  -8.107  0.50 23.49 ? 117  ARG A NH1 1 
ATOM   668 N  NH2 A ARG A 1 104 ? -0.674  -9.771  -8.349  0.50 22.80 ? 117  ARG A NH2 1 
ATOM   669 N  NH2 B ARG A 1 104 ? -2.889  -10.794 -6.625  0.50 22.18 ? 117  ARG A NH2 1 
ATOM   670 N  N   . ILE A 1 105 ? 0.061   -3.604  -4.043  1.00 11.62 ? 118  ILE A N   1 
ATOM   671 C  CA  . ILE A 1 105 ? 0.010   -2.312  -4.699  1.00 12.44 ? 118  ILE A CA  1 
ATOM   672 C  C   . ILE A 1 105 ? 1.010   -2.256  -5.843  1.00 12.62 ? 118  ILE A C   1 
ATOM   673 O  O   . ILE A 1 105 ? 2.214   -2.431  -5.625  1.00 14.29 ? 118  ILE A O   1 
ATOM   674 C  CB  . ILE A 1 105 ? 0.306   -1.165  -3.703  1.00 12.58 ? 118  ILE A CB  1 
ATOM   675 C  CG1 A ILE A 1 105 ? -0.697  -1.138  -2.553  0.50 12.49 ? 118  ILE A CG1 1 
ATOM   676 C  CG1 B ILE A 1 105 ? -0.807  -1.129  -2.632  0.50 13.81 ? 118  ILE A CG1 1 
ATOM   677 C  CG2 . ILE A 1 105 ? 0.419   0.159   -4.454  1.00 13.27 ? 118  ILE A CG2 1 
ATOM   678 C  CD1 A ILE A 1 105 ? -2.074  -0.781  -2.945  0.50 10.68 ? 118  ILE A CD1 1 
ATOM   679 C  CD1 B ILE A 1 105 ? -0.946  0.178   -1.785  0.50 14.43 ? 118  ILE A CD1 1 
ATOM   680 N  N   . LEU A 1 106 ? 0.498   -2.038  -7.050  1.00 11.89 ? 119  LEU A N   1 
ATOM   681 C  CA  . LEU A 1 106 ? 1.320   -1.819  -8.230  1.00 12.73 ? 119  LEU A CA  1 
ATOM   682 C  C   . LEU A 1 106 ? 1.620   -0.327  -8.316  1.00 11.87 ? 119  LEU A C   1 
ATOM   683 O  O   . LEU A 1 106 ? 0.703   0.496   -8.235  1.00 12.79 ? 119  LEU A O   1 
ATOM   684 C  CB  . LEU A 1 106 ? 0.544   -2.269  -9.465  1.00 13.49 ? 119  LEU A CB  1 
ATOM   685 C  CG  . LEU A 1 106 ? 1.204   -1.956  -10.795 1.00 14.76 ? 119  LEU A CG  1 
ATOM   686 C  CD1 . LEU A 1 106 ? 2.483   -2.733  -10.984 1.00 15.43 ? 119  LEU A CD1 1 
ATOM   687 C  CD2 . LEU A 1 106 ? 0.235   -2.320  -11.908 1.00 17.10 ? 119  LEU A CD2 1 
ATOM   688 N  N   . LEU A 1 107 ? 2.901   0.031   -8.436  1.00 11.66 ? 120  LEU A N   1 
ATOM   689 C  CA  . LEU A 1 107 ? 3.326   1.416   -8.559  1.00 11.59 ? 120  LEU A CA  1 
ATOM   690 C  C   . LEU A 1 107 ? 3.614   1.738   -10.018 1.00 12.60 ? 120  LEU A C   1 
ATOM   691 O  O   . LEU A 1 107 ? 4.374   1.022   -10.689 1.00 14.44 ? 120  LEU A O   1 
ATOM   692 C  CB  . LEU A 1 107 ? 4.598   1.614   -7.742  1.00 11.71 ? 120  LEU A CB  1 
ATOM   693 C  CG  . LEU A 1 107 ? 4.401   1.418   -6.233  1.00 11.78 ? 120  LEU A CG  1 
ATOM   694 C  CD1 . LEU A 1 107 ? 5.738   1.514   -5.530  1.00 12.04 ? 120  LEU A CD1 1 
ATOM   695 C  CD2 . LEU A 1 107 ? 3.452   2.424   -5.638  1.00 10.92 ? 120  LEU A CD2 1 
ATOM   696 N  N   . LEU A 1 108 ? 3.002   2.803   -10.499 1.00 13.45 ? 121  LEU A N   1 
ATOM   697 C  CA  . LEU A 1 108 ? 3.201   3.249   -11.880 1.00 15.36 ? 121  LEU A CA  1 
ATOM   698 C  C   . LEU A 1 108 ? 3.524   4.724   -11.907 1.00 17.77 ? 121  LEU A C   1 
ATOM   699 O  O   . LEU A 1 108 ? 2.925   5.510   -11.169 1.00 17.87 ? 121  LEU A O   1 
ATOM   700 C  CB  . LEU A 1 108 ? 1.938   2.989   -12.710 1.00 15.63 ? 121  LEU A CB  1 
ATOM   701 C  CG  . LEU A 1 108 ? 1.584   1.515   -12.960 1.00 16.20 ? 121  LEU A CG  1 
ATOM   702 C  CD1 . LEU A 1 108 ? 0.231   1.388   -13.652 1.00 18.72 ? 121  LEU A CD1 1 
ATOM   703 C  CD2 . LEU A 1 108 ? 2.683   0.791   -13.729 1.00 17.53 ? 121  LEU A CD2 1 
ATOM   704 N  N   . SER A 1 109 ? 4.470   5.105   -12.762 1.00 20.49 ? 122  SER A N   1 
ATOM   705 C  CA  . SER A 1 109 ? 4.806   6.510   -12.943 1.00 22.73 ? 122  SER A CA  1 
ATOM   706 C  C   . SER A 1 109 ? 3.714   7.100   -13.803 1.00 23.88 ? 122  SER A C   1 
ATOM   707 O  O   . SER A 1 109 ? 3.356   6.515   -14.842 1.00 25.05 ? 122  SER A O   1 
ATOM   708 C  CB  . SER A 1 109 ? 6.178   6.667   -13.604 1.00 24.13 ? 122  SER A CB  1 
ATOM   709 O  OG  . SER A 1 109 ? 6.632   8.008   -13.521 1.00 27.72 ? 122  SER A OG  1 
HETATM 710 CA CA  . CA  B 2 .   ? -6.085  -10.681 6.165   1.00 16.02 ? 1123 CA  A CA  1 
HETATM 711 C  C1  . GOL C 3 .   ? -7.305  0.995   11.606  1.00 23.55 ? 1124 GOL A C1  1 
HETATM 712 O  O1  . GOL C 3 .   ? -7.703  2.181   12.187  1.00 22.50 ? 1124 GOL A O1  1 
HETATM 713 C  C2  . GOL C 3 .   ? -7.241  1.151   10.119  1.00 25.12 ? 1124 GOL A C2  1 
HETATM 714 O  O2  . GOL C 3 .   ? -8.063  0.149   9.815   1.00 19.96 ? 1124 GOL A O2  1 
HETATM 715 C  C3  . GOL C 3 .   ? -5.955  0.862   9.375   1.00 23.07 ? 1124 GOL A C3  1 
HETATM 716 O  O3  . GOL C 3 .   ? -5.659  1.837   8.443   1.00 22.91 ? 1124 GOL A O3  1 
HETATM 717 O  O   A HOH D 4 .   ? -13.509 4.198   -5.821  0.50 33.15 ? 2001 HOH A O   1 
HETATM 718 O  O   . HOH D 4 .   ? 7.808   0.674   20.931  1.00 35.46 ? 2002 HOH A O   1 
HETATM 719 O  O   . HOH D 4 .   ? 6.811   9.257   18.135  1.00 42.01 ? 2003 HOH A O   1 
HETATM 720 O  O   . HOH D 4 .   ? 9.349   10.153  16.536  1.00 40.08 ? 2004 HOH A O   1 
HETATM 721 O  O   . HOH D 4 .   ? 8.986   6.558   23.474  1.00 50.12 ? 2005 HOH A O   1 
HETATM 722 O  O   . HOH D 4 .   ? 3.319   6.959   13.816  1.00 48.00 ? 2006 HOH A O   1 
HETATM 723 O  O   B HOH D 4 .   ? -15.244 4.560   -7.143  0.50 35.76 ? 2007 HOH A O   1 
HETATM 724 O  O   . HOH D 4 .   ? -0.715  -1.008  13.709  1.00 22.10 ? 2008 HOH A O   1 
HETATM 725 O  O   . HOH D 4 .   ? 2.384   -5.733  13.388  1.00 34.14 ? 2009 HOH A O   1 
HETATM 726 O  O   . HOH D 4 .   ? 5.552   -0.297  12.483  1.00 33.82 ? 2010 HOH A O   1 
HETATM 727 O  O   . HOH D 4 .   ? 5.621   -4.253  11.667  1.00 31.47 ? 2011 HOH A O   1 
HETATM 728 O  O   . HOH D 4 .   ? -2.817  -6.290  10.207  1.00 18.45 ? 2012 HOH A O   1 
HETATM 729 O  O   . HOH D 4 .   ? 6.472   -6.692  7.976   1.00 44.97 ? 2013 HOH A O   1 
HETATM 730 O  O   . HOH D 4 .   ? 7.466   -9.332  6.469   1.00 45.71 ? 2014 HOH A O   1 
HETATM 731 O  O   . HOH D 4 .   ? 2.593   -5.974  -5.419  1.00 25.20 ? 2015 HOH A O   1 
HETATM 732 O  O   . HOH D 4 .   ? 1.133   -11.426 -2.645  1.00 44.75 ? 2016 HOH A O   1 
HETATM 733 O  O   . HOH D 4 .   ? 5.572   -8.220  -12.529 1.00 34.14 ? 2017 HOH A O   1 
HETATM 734 O  O   . HOH D 4 .   ? 5.664   -3.842  -12.267 1.00 18.29 ? 2018 HOH A O   1 
HETATM 735 O  O   . HOH D 4 .   ? 12.199  0.746   -8.445  1.00 34.77 ? 2019 HOH A O   1 
HETATM 736 O  O   . HOH D 4 .   ? 8.049   4.097   -13.148 1.00 36.79 ? 2020 HOH A O   1 
HETATM 737 O  O   . HOH D 4 .   ? 12.868  0.174   -11.020 1.00 39.63 ? 2021 HOH A O   1 
HETATM 738 O  O   . HOH D 4 .   ? 6.139   0.417   -14.258 1.00 20.03 ? 2022 HOH A O   1 
HETATM 739 O  O   . HOH D 4 .   ? -2.972  -7.843  7.885   1.00 18.57 ? 2023 HOH A O   1 
HETATM 740 O  O   . HOH D 4 .   ? 9.774   -8.553  4.148   1.00 39.40 ? 2024 HOH A O   1 
HETATM 741 O  O   . HOH D 4 .   ? 9.624   -2.851  -5.134  1.00 30.28 ? 2025 HOH A O   1 
HETATM 742 O  O   . HOH D 4 .   ? 12.916  -5.880  -4.165  1.00 42.04 ? 2026 HOH A O   1 
HETATM 743 O  O   . HOH D 4 .   ? 10.921  -8.949  -6.379  1.00 31.80 ? 2027 HOH A O   1 
HETATM 744 O  O   . HOH D 4 .   ? 2.540   -8.273  -6.485  1.00 38.84 ? 2028 HOH A O   1 
HETATM 745 O  O   . HOH D 4 .   ? 13.966  1.755   -6.765  1.00 37.59 ? 2029 HOH A O   1 
HETATM 746 O  O   . HOH D 4 .   ? 8.842   4.476   -15.286 1.00 44.11 ? 2030 HOH A O   1 
HETATM 747 O  O   . HOH D 4 .   ? 7.951   -9.096  -1.550  1.00 33.46 ? 2031 HOH A O   1 
HETATM 748 O  O   . HOH D 4 .   ? 12.530  -5.867  1.476   1.00 31.24 ? 2032 HOH A O   1 
HETATM 749 O  O   . HOH D 4 .   ? 10.288  -7.405  1.242   1.00 24.27 ? 2033 HOH A O   1 
HETATM 750 O  O   . HOH D 4 .   ? 11.161  -3.497  2.084   1.00 24.54 ? 2034 HOH A O   1 
HETATM 751 O  O   . HOH D 4 .   ? 9.395   -5.996  4.963   1.00 27.70 ? 2035 HOH A O   1 
HETATM 752 O  O   . HOH D 4 .   ? 8.413   0.792   7.856   1.00 30.63 ? 2036 HOH A O   1 
HETATM 753 O  O   . HOH D 4 .   ? 6.505   2.418   6.830   1.00 27.23 ? 2037 HOH A O   1 
HETATM 754 O  O   . HOH D 4 .   ? 8.567   -2.117  6.951   1.00 19.69 ? 2038 HOH A O   1 
HETATM 755 O  O   . HOH D 4 .   ? 3.856   3.332   10.368  1.00 33.88 ? 2039 HOH A O   1 
HETATM 756 O  O   . HOH D 4 .   ? 4.643   3.868   12.910  1.00 40.06 ? 2040 HOH A O   1 
HETATM 757 O  O   . HOH D 4 .   ? 1.165   4.257   8.897   1.00 24.01 ? 2041 HOH A O   1 
HETATM 758 O  O   . HOH D 4 .   ? 4.494   13.088  -0.504  1.00 34.10 ? 2042 HOH A O   1 
HETATM 759 O  O   . HOH D 4 .   ? -3.846  13.842  -2.010  1.00 31.99 ? 2043 HOH A O   1 
HETATM 760 O  O   . HOH D 4 .   ? -10.830 10.346  5.852   1.00 38.69 ? 2044 HOH A O   1 
HETATM 761 O  O   . HOH D 4 .   ? -1.239  0.974   15.577  1.00 35.35 ? 2045 HOH A O   1 
HETATM 762 O  O   . HOH D 4 .   ? 10.795  12.954  -5.750  1.00 36.94 ? 2046 HOH A O   1 
HETATM 763 O  O   . HOH D 4 .   ? 6.416   14.539  -4.179  1.00 37.98 ? 2047 HOH A O   1 
HETATM 764 O  O   . HOH D 4 .   ? 14.217  11.248  2.413   1.00 24.31 ? 2048 HOH A O   1 
HETATM 765 O  O   . HOH D 4 .   ? 2.595   -14.727 5.338   1.00 35.71 ? 2049 HOH A O   1 
HETATM 766 O  O   . HOH D 4 .   ? -0.813  6.522   11.290  1.00 44.00 ? 2050 HOH A O   1 
HETATM 767 O  O   . HOH D 4 .   ? 2.217   12.792  0.938   1.00 28.03 ? 2051 HOH A O   1 
HETATM 768 O  O   . HOH D 4 .   ? -9.343  -10.807 -3.976  1.00 36.71 ? 2052 HOH A O   1 
HETATM 769 O  O   . HOH D 4 .   ? -12.850 -9.014  -12.798 1.00 49.97 ? 2053 HOH A O   1 
HETATM 770 O  O   . HOH D 4 .   ? -0.079  6.516   8.571   1.00 25.65 ? 2054 HOH A O   1 
HETATM 771 O  O   . HOH D 4 .   ? 5.135   10.639  6.569   1.00 27.65 ? 2055 HOH A O   1 
HETATM 772 O  O   . HOH D 4 .   ? 3.149   12.452  5.386   1.00 43.14 ? 2056 HOH A O   1 
HETATM 773 O  O   . HOH D 4 .   ? 5.441   8.050   5.726   1.00 22.70 ? 2057 HOH A O   1 
HETATM 774 O  O   . HOH D 4 .   ? -2.281  12.747  -3.988  1.00 28.01 ? 2058 HOH A O   1 
HETATM 775 O  O   . HOH D 4 .   ? -0.210  8.617   -4.510  1.00 32.41 ? 2059 HOH A O   1 
HETATM 776 O  O   . HOH D 4 .   ? -8.017  12.378  4.827   1.00 40.62 ? 2060 HOH A O   1 
HETATM 777 O  O   . HOH D 4 .   ? -13.989 1.928   4.431   1.00 39.07 ? 2061 HOH A O   1 
HETATM 778 O  O   . HOH D 4 .   ? -7.521  7.571   8.609   1.00 36.67 ? 2062 HOH A O   1 
HETATM 779 O  O   . HOH D 4 .   ? -13.618 -8.053  0.340   1.00 36.07 ? 2063 HOH A O   1 
HETATM 780 O  O   . HOH D 4 .   ? -9.154  -13.288 8.697   1.00 30.54 ? 2064 HOH A O   1 
HETATM 781 O  O   . HOH D 4 .   ? -4.464  -11.551 8.211   1.00 23.70 ? 2065 HOH A O   1 
HETATM 782 O  O   . HOH D 4 .   ? -5.037  -13.707 9.727   1.00 31.60 ? 2066 HOH A O   1 
HETATM 783 O  O   . HOH D 4 .   ? 5.185   12.585  -2.968  1.00 32.89 ? 2067 HOH A O   1 
HETATM 784 O  O   . HOH D 4 .   ? 12.282  11.043  -3.480  1.00 29.85 ? 2068 HOH A O   1 
HETATM 785 O  O   . HOH D 4 .   ? 4.426   8.638   -4.482  1.00 17.79 ? 2069 HOH A O   1 
HETATM 786 O  O   . HOH D 4 .   ? -1.995  -10.451 8.205   1.00 27.30 ? 2070 HOH A O   1 
HETATM 787 O  O   . HOH D 4 .   ? 1.874   -12.616 7.589   1.00 36.21 ? 2071 HOH A O   1 
HETATM 788 O  O   . HOH D 4 .   ? 11.580  12.041  2.028   1.00 27.50 ? 2072 HOH A O   1 
HETATM 789 O  O   B HOH D 4 .   ? 14.829  9.353   -0.306  0.30 16.46 ? 2073 HOH A O   1 
HETATM 790 O  O   A HOH D 4 .   ? 14.379  9.561   -1.661  0.70 24.05 ? 2074 HOH A O   1 
HETATM 791 O  O   . HOH D 4 .   ? 14.634  1.845   -3.450  1.00 28.45 ? 2075 HOH A O   1 
HETATM 792 O  O   . HOH D 4 .   ? 12.569  12.025  -8.823  1.00 44.20 ? 2076 HOH A O   1 
HETATM 793 O  O   . HOH D 4 .   ? 4.427   9.573   -11.023 1.00 33.13 ? 2077 HOH A O   1 
HETATM 794 O  O   . HOH D 4 .   ? 2.209   7.157   -3.822  1.00 20.28 ? 2078 HOH A O   1 
HETATM 795 O  O   . HOH D 4 .   ? 2.649   10.126  -5.920  1.00 31.46 ? 2079 HOH A O   1 
HETATM 796 O  O   . HOH D 4 .   ? -0.821  5.575   -12.879 1.00 21.63 ? 2080 HOH A O   1 
HETATM 797 O  O   . HOH D 4 .   ? 2.420   9.953   -8.667  1.00 27.74 ? 2081 HOH A O   1 
HETATM 798 O  O   . HOH D 4 .   ? -1.620  9.044   -7.487  1.00 25.54 ? 2082 HOH A O   1 
HETATM 799 O  O   . HOH D 4 .   ? -2.023  7.054   -6.111  1.00 19.64 ? 2083 HOH A O   1 
HETATM 800 O  O   . HOH D 4 .   ? -9.451  -8.264  -4.588  1.00 21.35 ? 2084 HOH A O   1 
HETATM 801 O  O   . HOH D 4 .   ? -4.946  -8.402  -4.002  1.00 16.80 ? 2085 HOH A O   1 
HETATM 802 O  O   . HOH D 4 .   ? -11.691 -8.976  -9.034  1.00 38.97 ? 2086 HOH A O   1 
HETATM 803 O  O   . HOH D 4 .   ? -7.796  -12.165 -7.654  1.00 36.29 ? 2087 HOH A O   1 
HETATM 804 O  O   . HOH D 4 .   ? -1.042  -11.595 -10.742 1.00 34.24 ? 2088 HOH A O   1 
HETATM 805 O  O   . HOH D 4 .   ? -5.572  -12.421 -6.519  1.00 40.65 ? 2089 HOH A O   1 
HETATM 806 O  O   . HOH D 4 .   ? -6.058  -14.221 -13.301 1.00 39.11 ? 2090 HOH A O   1 
HETATM 807 O  O   . HOH D 4 .   ? -5.448  0.771   -12.138 1.00 14.34 ? 2091 HOH A O   1 
HETATM 808 O  O   . HOH D 4 .   ? -6.007  12.507  -2.005  1.00 23.99 ? 2092 HOH A O   1 
HETATM 809 O  O   . HOH D 4 .   ? -9.873  4.883   -8.867  1.00 28.52 ? 2093 HOH A O   1 
HETATM 810 O  O   . HOH D 4 .   ? -5.723  11.131  5.413   1.00 28.77 ? 2094 HOH A O   1 
HETATM 811 O  O   . HOH D 4 .   ? -6.947  11.696  0.966   1.00 21.72 ? 2095 HOH A O   1 
HETATM 812 O  O   . HOH D 4 .   ? -13.956 4.110   2.934   1.00 36.11 ? 2096 HOH A O   1 
HETATM 813 O  O   . HOH D 4 .   ? -10.857 10.460  1.149   1.00 20.91 ? 2097 HOH A O   1 
HETATM 814 O  O   . HOH D 4 .   ? -12.650 7.968   -3.985  1.00 30.83 ? 2098 HOH A O   1 
HETATM 815 O  O   . HOH D 4 .   ? -13.775 4.673   -2.042  1.00 37.27 ? 2099 HOH A O   1 
HETATM 816 O  O   . HOH D 4 .   ? -9.688  7.036   7.494   1.00 28.57 ? 2100 HOH A O   1 
HETATM 817 O  O   . HOH D 4 .   ? -6.589  3.487   6.588   1.00 34.62 ? 2101 HOH A O   1 
HETATM 818 O  O   . HOH D 4 .   ? -12.769 6.063   4.973   1.00 37.57 ? 2102 HOH A O   1 
HETATM 819 O  O   . HOH D 4 .   ? -10.184 -0.237  6.459   1.00 21.33 ? 2103 HOH A O   1 
HETATM 820 O  O   . HOH D 4 .   ? -13.607 -2.526  0.556   1.00 20.33 ? 2104 HOH A O   1 
HETATM 821 O  O   . HOH D 4 .   ? -14.859 -4.503  7.841   1.00 24.78 ? 2105 HOH A O   1 
HETATM 822 O  O   . HOH D 4 .   ? -15.060 -3.609  2.406   1.00 35.49 ? 2106 HOH A O   1 
HETATM 823 O  O   . HOH D 4 .   ? -11.764 -9.643  1.197   1.00 24.47 ? 2107 HOH A O   1 
HETATM 824 O  O   . HOH D 4 .   ? -5.647  -8.179  7.740   1.00 16.40 ? 2108 HOH A O   1 
HETATM 825 O  O   . HOH D 4 .   ? -8.099  -10.899 8.252   1.00 24.77 ? 2109 HOH A O   1 
HETATM 826 O  O   . HOH D 4 .   ? -14.533 -11.582 6.296   1.00 34.17 ? 2110 HOH A O   1 
HETATM 827 O  O   . HOH D 4 .   ? -11.738 -13.429 7.306   1.00 39.02 ? 2111 HOH A O   1 
HETATM 828 O  O   . HOH D 4 .   ? -6.675  -15.279 8.333   1.00 26.16 ? 2112 HOH A O   1 
HETATM 829 O  O   . HOH D 4 .   ? -1.724  -16.939 2.902   1.00 28.86 ? 2113 HOH A O   1 
HETATM 830 O  O   . HOH D 4 .   ? -0.776  -7.027  6.393   1.00 17.72 ? 2114 HOH A O   1 
HETATM 831 O  O   . HOH D 4 .   ? -1.350  -17.981 5.241   1.00 25.66 ? 2115 HOH A O   1 
HETATM 832 O  O   . HOH D 4 .   ? -0.887  -12.826 1.047   1.00 29.41 ? 2116 HOH A O   1 
HETATM 833 O  O   . HOH D 4 .   ? 0.495   -10.313 7.734   1.00 33.42 ? 2117 HOH A O   1 
HETATM 834 O  O   . HOH D 4 .   ? -2.819  -10.876 -0.840  1.00 20.78 ? 2118 HOH A O   1 
HETATM 835 O  O   . HOH D 4 .   ? 1.968   -11.540 1.732   1.00 28.04 ? 2119 HOH A O   1 
HETATM 836 O  O   . HOH D 4 .   ? 0.434   -9.253  -1.437  1.00 34.76 ? 2120 HOH A O   1 
HETATM 837 O  O   . HOH D 4 .   ? -3.598  -7.802  -1.762  1.00 22.26 ? 2121 HOH A O   1 
HETATM 838 O  O   . HOH D 4 .   ? -4.810  -10.869 -4.639  1.00 32.19 ? 2122 HOH A O   1 
HETATM 839 O  O   . HOH D 4 .   ? 5.486   -1.046  -12.044 1.00 16.28 ? 2123 HOH A O   1 
HETATM 840 O  O   . HOH D 4 .   ? 5.860   3.122   -14.283 1.00 26.34 ? 2124 HOH A O   1 
HETATM 841 O  O   . HOH D 4 .   ? 7.609   9.022   -11.346 1.00 33.84 ? 2125 HOH A O   1 
HETATM 842 O  O   . HOH D 4 .   ? 0.755   5.539   -15.272 1.00 31.84 ? 2126 HOH A O   1 
HETATM 843 O  O   . HOH D 4 .   ? 4.017   9.311   -16.180 1.00 41.40 ? 2127 HOH A O   1 
HETATM 844 O  O   . HOH D 4 .   ? -10.455 1.955   7.962   1.00 37.37 ? 2128 HOH A O   1 
# 
loop_
_atom_site_anisotrop.id 
_atom_site_anisotrop.type_symbol 
_atom_site_anisotrop.pdbx_label_atom_id 
_atom_site_anisotrop.pdbx_label_alt_id 
_atom_site_anisotrop.pdbx_label_comp_id 
_atom_site_anisotrop.pdbx_label_asym_id 
_atom_site_anisotrop.pdbx_label_seq_id 
_atom_site_anisotrop.pdbx_PDB_ins_code 
_atom_site_anisotrop.U[1][1] 
_atom_site_anisotrop.U[2][2] 
_atom_site_anisotrop.U[3][3] 
_atom_site_anisotrop.U[1][2] 
_atom_site_anisotrop.U[1][3] 
_atom_site_anisotrop.U[2][3] 
_atom_site_anisotrop.pdbx_auth_seq_id 
_atom_site_anisotrop.pdbx_auth_comp_id 
_atom_site_anisotrop.pdbx_auth_asym_id 
_atom_site_anisotrop.pdbx_auth_atom_id 
1   N  N   . GLY A 14  ? 0.4080 0.4229 0.4212 -0.0008 0.0026  -0.0066 -10  GLY A N   
2   C  CA  . GLY A 14  ? 0.4038 0.4179 0.4229 -0.0040 -0.0008 -0.0072 -10  GLY A CA  
3   C  C   . GLY A 14  ? 0.3979 0.4088 0.4241 -0.0032 -0.0006 -0.0091 -10  GLY A C   
4   O  O   . GLY A 14  ? 0.3928 0.4073 0.4378 0.0000  -0.0046 -0.0137 -10  GLY A O   
5   N  N   . THR A 15  ? 0.3851 0.3964 0.4138 -0.0035 0.0023  -0.0086 -9   THR A N   
6   C  CA  . THR A 15  ? 0.3821 0.3907 0.4072 -0.0037 0.0027  -0.0063 -9   THR A CA  
7   C  C   . THR A 15  ? 0.3814 0.3966 0.4163 -0.0035 0.0050  -0.0031 -9   THR A C   
8   O  O   . THR A 15  ? 0.3792 0.3907 0.4199 -0.0016 0.0078  -0.0059 -9   THR A O   
9   C  CB  . THR A 15  ? 0.3784 0.3855 0.4009 -0.0030 0.0018  -0.0048 -9   THR A CB  
10  O  OG1 . THR A 15  ? 0.3655 0.3840 0.3874 0.0018  -0.0026 -0.0094 -9   THR A OG1 
11  C  CG2 . THR A 15  ? 0.3824 0.3786 0.3917 -0.0020 -0.0007 -0.0063 -9   THR A CG2 
12  N  N   . GLU A 16  ? 0.3832 0.4041 0.4267 -0.0042 0.0052  0.0024  -8   GLU A N   
13  C  CA  . GLU A 16  ? 0.3793 0.4073 0.4209 -0.0033 0.0062  0.0033  -8   GLU A CA  
14  C  C   . GLU A 16  ? 0.3730 0.4049 0.4195 -0.0016 0.0072  0.0057  -8   GLU A C   
15  O  O   . GLU A 16  ? 0.3652 0.4109 0.4174 0.0028  0.0291  0.0126  -8   GLU A O   
16  C  CB  . GLU A 16  ? 0.3807 0.4095 0.4228 -0.0021 0.0037  0.0027  -8   GLU A CB  
17  N  N   . ASN A 17  ? 0.3674 0.4002 0.4182 -0.0025 0.0075  0.0058  -7   ASN A N   
18  C  CA  . ASN A 17  ? 0.3603 0.3935 0.4154 -0.0030 0.0042  0.0066  -7   ASN A CA  
19  C  C   . ASN A 17  ? 0.3513 0.3809 0.4073 -0.0064 0.0060  0.0060  -7   ASN A C   
20  O  O   . ASN A 17  ? 0.3573 0.3873 0.4270 -0.0029 0.0107  0.0081  -7   ASN A O   
21  C  CB  . ASN A 17  ? 0.3579 0.3943 0.4162 0.0011  0.0055  0.0073  -7   ASN A CB  
22  N  N   . LEU A 18  ? 0.3329 0.3677 0.3868 -0.0003 0.0005  0.0043  -6   LEU A N   
23  C  CA  . LEU A 18  ? 0.3339 0.3534 0.3684 -0.0018 0.0029  0.0027  -6   LEU A CA  
24  C  C   . LEU A 18  ? 0.3286 0.3501 0.3697 -0.0056 0.0068  0.0096  -6   LEU A C   
25  O  O   . LEU A 18  ? 0.3419 0.3442 0.3779 -0.0168 0.0261  0.0083  -6   LEU A O   
26  C  CB  . LEU A 18  ? 0.3181 0.3474 0.3631 0.0039  -0.0026 0.0007  -6   LEU A CB  
27  C  CG  . LEU A 18  ? 0.3141 0.3426 0.3344 0.0030  -0.0162 -0.0083 -6   LEU A CG  
28  C  CD1 . LEU A 18  ? 0.3059 0.3455 0.3370 0.0088  -0.0197 -0.0107 -6   LEU A CD1 
29  C  CD2 . LEU A 18  ? 0.3257 0.3412 0.3336 0.0088  -0.0003 -0.0005 -6   LEU A CD2 
30  N  N   . SER A 30  ? 0.2599 0.3061 0.2433 -0.0082 0.0017  0.0388  43   SER A N   
31  C  CA  . SER A 30  ? 0.2509 0.2922 0.2262 -0.0113 -0.0019 0.0284  43   SER A CA  
32  C  C   . SER A 30  ? 0.2203 0.2648 0.2135 -0.0083 -0.0060 0.0259  43   SER A C   
33  O  O   . SER A 30  ? 0.2120 0.2762 0.2089 0.0022  -0.0065 0.0214  43   SER A O   
34  C  CB  . SER A 30  ? 0.2604 0.3031 0.2371 -0.0132 -0.0017 0.0259  43   SER A CB  
35  O  OG  . SER A 30  ? 0.3184 0.3208 0.2712 -0.0235 0.0052  0.0274  43   SER A OG  
36  N  N   . ASP A 31  ? 0.2103 0.2590 0.1933 -0.0015 -0.0075 0.0221  44   ASP A N   
37  C  CA  . ASP A 31  ? 0.2037 0.2319 0.1844 -0.0061 -0.0170 0.0106  44   ASP A CA  
38  C  C   . ASP A 31  ? 0.1943 0.1977 0.1771 -0.0040 -0.0166 0.0039  44   ASP A C   
39  O  O   . ASP A 31  ? 0.2322 0.2054 0.1861 -0.0176 -0.0140 0.0198  44   ASP A O   
40  C  CB  . ASP A 31  ? 0.2014 0.2521 0.1912 -0.0050 -0.0106 0.0081  44   ASP A CB  
41  C  CG  . ASP A 31  ? 0.2419 0.2785 0.2226 -0.0075 -0.0313 0.0058  44   ASP A CG  
42  O  OD1 . ASP A 31  ? 0.2809 0.3128 0.2377 0.0129  -0.0542 -0.0197 44   ASP A OD1 
43  O  OD2 . ASP A 31  ? 0.2628 0.3627 0.3203 -0.0331 -0.0254 -0.0060 44   ASP A OD2 
44  N  N   . VAL A 32  ? 0.1793 0.1698 0.1608 -0.0078 -0.0106 -0.0093 45   VAL A N   
45  C  CA  . VAL A 32  ? 0.1554 0.1566 0.1561 -0.0192 -0.0048 -0.0076 45   VAL A CA  
46  C  C   . VAL A 32  ? 0.1603 0.1425 0.1491 -0.0200 -0.0077 -0.0117 45   VAL A C   
47  O  O   . VAL A 32  ? 0.1655 0.1403 0.1760 -0.0351 0.0017  -0.0140 45   VAL A O   
48  C  CB  . VAL A 32  ? 0.1483 0.1775 0.1678 -0.0155 0.0014  -0.0035 45   VAL A CB  
49  C  CG1 . VAL A 32  ? 0.1412 0.1885 0.1852 -0.0154 -0.0107 0.0002  45   VAL A CG1 
50  C  CG2 . VAL A 32  ? 0.1565 0.1895 0.1670 -0.0112 0.0132  0.0131  45   VAL A CG2 
51  N  N   . ARG A 33  ? 0.1697 0.1495 0.1542 -0.0097 -0.0088 -0.0063 46   ARG A N   
52  C  CA  . ARG A 33  ? 0.1833 0.1705 0.1584 -0.0067 -0.0148 -0.0090 46   ARG A CA  
53  C  C   . ARG A 33  ? 0.1570 0.1539 0.1491 -0.0140 -0.0212 -0.0080 46   ARG A C   
54  O  O   . ARG A 33  ? 0.1862 0.1694 0.1534 -0.0430 -0.0324 -0.0126 46   ARG A O   
55  C  CB  . ARG A 33  ? 0.1920 0.1747 0.1644 -0.0007 -0.0067 -0.0028 46   ARG A CB  
56  C  CG  . ARG A 33  ? 0.2503 0.2292 0.2064 0.0254  -0.0275 0.0089  46   ARG A CG  
57  C  CD  . ARG A 33  ? 0.3062 0.2468 0.2594 0.0093  -0.0244 0.0310  46   ARG A CD  
58  N  NE  . ARG A 33  ? 0.3469 0.3265 0.3326 0.0114  0.0016  0.0207  46   ARG A NE  
59  C  CZ  . ARG A 33  ? 0.3665 0.3502 0.3639 0.0029  0.0043  -0.0038 46   ARG A CZ  
60  N  NH1 . ARG A 33  ? 0.3650 0.3615 0.4084 -0.0029 0.0020  0.0066  46   ARG A NH1 
61  N  NH2 . ARG A 33  ? 0.3671 0.3671 0.4030 0.0143  0.0022  -0.0139 46   ARG A NH2 
62  N  N   . ILE A 34  ? 0.1299 0.1475 0.1312 -0.0064 -0.0242 -0.0053 47   ILE A N   
63  C  CA  . ILE A 34  ? 0.1384 0.1489 0.1432 -0.0072 -0.0147 -0.0104 47   ILE A CA  
64  C  C   . ILE A 34  ? 0.1294 0.1590 0.1480 -0.0101 -0.0123 -0.0060 47   ILE A C   
65  O  O   . ILE A 34  ? 0.1370 0.1892 0.1503 -0.0131 -0.0137 -0.0138 47   ILE A O   
66  C  CB  . ILE A 34  ? 0.1401 0.1444 0.1474 -0.0080 -0.0150 -0.0167 47   ILE A CB  
67  C  CG1 . ILE A 34  ? 0.1597 0.1564 0.1668 -0.0018 -0.0126 -0.0104 47   ILE A CG1 
68  C  CG2 . ILE A 34  ? 0.1508 0.1585 0.1640 -0.0032 -0.0243 0.0067  47   ILE A CG2 
69  C  CD1 . ILE A 34  ? 0.1753 0.1553 0.1844 0.0033  -0.0118 -0.0208 47   ILE A CD1 
70  N  N   . LYS A 35  ? 0.1317 0.1692 0.1523 -0.0096 -0.0110 -0.0146 48   LYS A N   
71  C  CA  . LYS A 35  ? 0.1333 0.1702 0.1709 -0.0031 -0.0068 -0.0175 48   LYS A CA  
72  C  C   . LYS A 35  ? 0.1251 0.1835 0.1576 0.0017  -0.0070 -0.0196 48   LYS A C   
73  O  O   . LYS A 35  ? 0.1362 0.1984 0.1673 -0.0007 -0.0249 -0.0110 48   LYS A O   
74  C  CB  . LYS A 35  ? 0.1536 0.1823 0.1854 0.0010  -0.0036 -0.0250 48   LYS A CB  
75  C  CG  . LYS A 35  ? 0.1933 0.1932 0.1759 0.0098  0.0019  -0.0356 48   LYS A CG  
76  C  CD  . LYS A 35  ? 0.2482 0.2064 0.2546 -0.0002 0.0129  -0.0358 48   LYS A CD  
77  C  CE  . LYS A 35  ? 0.3206 0.2548 0.2771 -0.0012 0.0260  -0.0248 48   LYS A CE  
78  N  NZ  . LYS A 35  ? 0.3662 0.2753 0.3429 -0.0193 0.0328  -0.0481 48   LYS A NZ  
79  N  N   . PHE A 36  ? 0.1226 0.1742 0.1397 0.0002  -0.0106 -0.0172 49   PHE A N   
80  C  CA  . PHE A 36  ? 0.1350 0.1679 0.1438 0.0068  0.0004  -0.0148 49   PHE A CA  
81  C  C   . PHE A 36  ? 0.1399 0.1841 0.1521 0.0140  0.0030  -0.0171 49   PHE A C   
82  O  O   . PHE A 36  ? 0.1725 0.2350 0.1670 0.0329  -0.0007 -0.0083 49   PHE A O   
83  C  CB  . PHE A 36  ? 0.1319 0.1739 0.1543 0.0029  -0.0015 0.0013  49   PHE A CB  
84  C  CG  . PHE A 36  ? 0.1306 0.1604 0.1379 -0.0056 -0.0025 0.0072  49   PHE A CG  
85  C  CD1 . PHE A 36  ? 0.1284 0.1841 0.1588 0.0105  -0.0134 -0.0080 49   PHE A CD1 
86  C  CD2 . PHE A 36  ? 0.1436 0.1783 0.1433 0.0258  -0.0094 -0.0008 49   PHE A CD2 
87  C  CE1 . PHE A 36  ? 0.1428 0.1626 0.1770 0.0115  -0.0056 0.0035  49   PHE A CE1 
88  C  CE2 . PHE A 36  ? 0.1982 0.2150 0.1138 0.0265  -0.0140 -0.0072 49   PHE A CE2 
89  C  CZ  . PHE A 36  ? 0.1730 0.1661 0.1613 0.0033  0.0099  -0.0026 49   PHE A CZ  
90  N  N   . GLU A 37  ? 0.1407 0.2020 0.1566 0.0230  0.0017  -0.0268 50   GLU A N   
91  C  CA  . GLU A 37  ? 0.1656 0.2155 0.1638 0.0182  0.0049  -0.0271 50   GLU A CA  
92  C  C   . GLU A 37  ? 0.1582 0.2238 0.1617 0.0056  0.0019  -0.0268 50   GLU A C   
93  O  O   . GLU A 37  ? 0.1756 0.2009 0.1631 0.0050  0.0051  -0.0168 50   GLU A O   
94  C  CB  . GLU A 37  ? 0.1835 0.2155 0.1814 0.0115  -0.0014 -0.0265 50   GLU A CB  
95  C  CG  . GLU A 37  ? 0.2194 0.2507 0.1977 0.0201  0.0126  -0.0348 50   GLU A CG  
96  C  CD  . GLU A 37  ? 0.2588 0.2588 0.2138 0.0088  0.0070  -0.0407 50   GLU A CD  
97  O  OE1 . GLU A 37  ? 0.3398 0.3049 0.2830 -0.0346 0.0376  -0.0447 50   GLU A OE1 
98  O  OE2 . GLU A 37  ? 0.3247 0.3203 0.2183 0.0055  -0.0244 -0.0400 50   GLU A OE2 
99  N  N   . HIS A 38  ? 0.1607 0.2426 0.1477 0.0035  -0.0039 -0.0265 51   HIS A N   
100 C  CA  . HIS A 38  ? 0.1749 0.2529 0.1648 -0.0051 -0.0010 -0.0252 51   HIS A CA  
101 C  C   . HIS A 38  ? 0.1797 0.2755 0.1525 0.0036  -0.0019 -0.0269 51   HIS A C   
102 O  O   . HIS A 38  ? 0.1874 0.3038 0.1695 0.0150  -0.0070 -0.0398 51   HIS A O   
103 C  CB  . HIS A 38  ? 0.1797 0.2629 0.1670 -0.0082 0.0037  -0.0283 51   HIS A CB  
104 C  CG  . HIS A 38  ? 0.2170 0.2590 0.1909 -0.0372 0.0172  -0.0321 51   HIS A CG  
105 N  ND1 . HIS A 38  ? 0.2616 0.3105 0.2464 -0.0624 0.0429  -0.0193 51   HIS A ND1 
106 C  CD2 . HIS A 38  ? 0.2366 0.2712 0.2035 -0.0241 0.0325  -0.0251 51   HIS A CD2 
107 C  CE1 . HIS A 38  ? 0.2777 0.2955 0.2508 -0.0516 0.0468  -0.0034 51   HIS A CE1 
108 N  NE2 . HIS A 38  ? 0.2925 0.2809 0.2165 -0.0339 0.0454  -0.0234 51   HIS A NE2 
109 N  N   . ASN A 39  ? 0.1802 0.2843 0.1453 0.0106  0.0080  -0.0319 52   ASN A N   
110 C  CA  . ASN A 39  ? 0.2072 0.2954 0.1621 0.0118  0.0153  -0.0352 52   ASN A CA  
111 C  C   . ASN A 39  ? 0.2222 0.3040 0.1701 0.0269  0.0196  -0.0384 52   ASN A C   
112 O  O   . ASN A 39  ? 0.2273 0.3340 0.2090 0.0509  0.0325  -0.0343 52   ASN A O   
113 C  CB  . ASN A 39  ? 0.2159 0.3002 0.1674 0.0085  0.0139  -0.0318 52   ASN A CB  
114 C  CG  . ASN A 39  ? 0.2536 0.2989 0.2037 -0.0026 0.0129  -0.0266 52   ASN A CG  
115 O  OD1 . ASN A 39  ? 0.2828 0.3329 0.2215 -0.0124 0.0018  -0.0440 52   ASN A OD1 
116 N  ND2 . ASN A 39  ? 0.3191 0.3410 0.2997 -0.0444 0.0118  -0.0227 52   ASN A ND2 
117 N  N   . GLY A 40  ? 0.2357 0.3007 0.1922 0.0282  0.0252  -0.0255 53   GLY A N   
118 C  CA  . GLY A 40  ? 0.2554 0.3052 0.2291 0.0304  0.0262  -0.0200 53   GLY A CA  
119 C  C   . GLY A 40  ? 0.2632 0.3032 0.2630 0.0371  0.0160  -0.0080 53   GLY A C   
120 O  O   . GLY A 40  ? 0.3237 0.3128 0.3086 0.0279  0.0143  0.0000  53   GLY A O   
121 N  N   . GLU A 41  ? 0.2581 0.3097 0.2527 0.0455  0.0252  -0.0141 54   GLU A N   
122 C  CA  . GLU A 41  ? 0.2541 0.3130 0.2502 0.0411  0.0318  -0.0120 54   GLU A CA  
123 C  C   . GLU A 41  ? 0.2422 0.3041 0.2424 0.0468  0.0286  -0.0120 54   GLU A C   
124 O  O   . GLU A 41  ? 0.2283 0.3078 0.2332 0.0547  0.0403  -0.0140 54   GLU A O   
125 C  CB  . GLU A 41  ? 0.2620 0.3205 0.2546 0.0374  0.0293  -0.0128 54   GLU A CB  
126 N  N   . ARG A 42  ? 0.2254 0.2946 0.2352 0.0498  0.0250  -0.0161 55   ARG A N   
127 C  CA  . ARG A 42  ? 0.2334 0.3026 0.2312 0.0412  0.0155  -0.0134 55   ARG A CA  
128 C  C   . ARG A 42  ? 0.1988 0.2949 0.2233 0.0501  0.0103  -0.0165 55   ARG A C   
129 O  O   . ARG A 42  ? 0.2132 0.3248 0.2445 0.0719  -0.0055 -0.0100 55   ARG A O   
130 C  CB  . ARG A 42  ? 0.2435 0.3027 0.2397 0.0390  0.0240  -0.0132 55   ARG A CB  
131 C  CG  . ARG A 42  ? 0.2835 0.3291 0.2719 0.0219  0.0013  -0.0121 55   ARG A CG  
132 C  CD  . ARG A 42  ? 0.3098 0.3456 0.3084 0.0104  0.0012  -0.0127 55   ARG A CD  
133 N  NE  . ARG A 42  ? 0.3740 0.3997 0.3376 0.0192  -0.0184 -0.0254 55   ARG A NE  
134 C  CZ  . ARG A 42  ? 0.3969 0.4219 0.3481 0.0173  -0.0050 -0.0306 55   ARG A CZ  
135 N  NH1 . ARG A 42  ? 0.4045 0.4124 0.3174 0.0438  -0.0216 -0.0499 55   ARG A NH1 
136 N  NH2 . ARG A 42  ? 0.3771 0.4279 0.3627 0.0239  -0.0166 -0.0354 55   ARG A NH2 
137 N  N   . ARG A 43  ? 0.1801 0.2928 0.1833 0.0417  -0.0015 -0.0141 56   ARG A N   
138 C  CA  . ARG A 43  ? 0.1842 0.2887 0.1890 0.0287  -0.0041 -0.0121 56   ARG A CA  
139 C  C   . ARG A 43  ? 0.1691 0.2732 0.1769 0.0316  -0.0094 -0.0057 56   ARG A C   
140 O  O   . ARG A 43  ? 0.1598 0.3178 0.1794 0.0308  -0.0206 0.0096  56   ARG A O   
141 C  CB  . ARG A 43  ? 0.2002 0.2958 0.1841 0.0164  -0.0131 -0.0131 56   ARG A CB  
142 C  CG  . ARG A 43  ? 0.2061 0.2930 0.2118 0.0127  -0.0167 -0.0265 56   ARG A CG  
143 C  CD  . ARG A 43  ? 0.2662 0.3224 0.2526 -0.0109 -0.0094 -0.0231 56   ARG A CD  
144 N  NE  . ARG A 43  ? 0.2790 0.3442 0.2539 0.0019  0.0037  -0.0328 56   ARG A NE  
145 C  CZ  . ARG A 43  ? 0.3003 0.3542 0.2791 -0.0137 -0.0087 -0.0232 56   ARG A CZ  
146 N  NH1 . ARG A 43  ? 0.2642 0.3357 0.2866 -0.0140 -0.0216 -0.0206 56   ARG A NH1 
147 N  NH2 . ARG A 43  ? 0.3122 0.3922 0.2965 -0.0166 0.0099  -0.0138 56   ARG A NH2 
148 N  N   . ILE A 44  ? 0.1554 0.2421 0.1691 0.0284  -0.0138 -0.0061 57   ILE A N   
149 C  CA  . ILE A 44  ? 0.1534 0.2130 0.1742 0.0265  -0.0154 -0.0118 57   ILE A CA  
150 C  C   . ILE A 44  ? 0.1371 0.1916 0.1771 0.0194  -0.0219 -0.0153 57   ILE A C   
151 O  O   . ILE A 44  ? 0.1499 0.2066 0.2131 0.0398  -0.0325 -0.0284 57   ILE A O   
152 C  CB  . ILE A 44  ? 0.1906 0.2204 0.2043 0.0254  -0.0064 -0.0098 57   ILE A CB  
153 C  CG1 . ILE A 44  ? 0.2522 0.2538 0.2564 0.0073  -0.0079 -0.0202 57   ILE A CG1 
154 C  CG2 . ILE A 44  ? 0.2251 0.2239 0.2201 0.0202  0.0106  0.0030  57   ILE A CG2 
155 C  CD1 . ILE A 44  ? 0.3043 0.2891 0.2841 -0.0011 0.0034  0.0009  57   ILE A CD1 
156 N  N   . ILE A 45  ? 0.1216 0.1706 0.1582 0.0037  -0.0317 -0.0169 58   ILE A N   
157 C  CA  . ILE A 45  ? 0.1374 0.1773 0.1620 -0.0093 -0.0252 -0.0221 58   ILE A CA  
158 C  C   . ILE A 45  ? 0.1435 0.1670 0.1611 -0.0088 -0.0275 -0.0274 58   ILE A C   
159 O  O   . ILE A 45  ? 0.1406 0.1616 0.1651 -0.0081 -0.0301 -0.0367 58   ILE A O   
160 C  CB  . ILE A 45  ? 0.1428 0.1765 0.1810 -0.0088 -0.0203 -0.0270 58   ILE A CB  
161 C  CG1 . ILE A 45  ? 0.1854 0.2078 0.1707 -0.0213 -0.0064 -0.0140 58   ILE A CG1 
162 C  CG2 . ILE A 45  ? 0.1549 0.1915 0.1862 -0.0166 -0.0126 -0.0295 58   ILE A CG2 
163 C  CD1 . ILE A 45  ? 0.1749 0.1981 0.2065 -0.0140 -0.0192 -0.0091 58   ILE A CD1 
164 N  N   . ALA A 46  ? 0.1537 0.1590 0.1596 -0.0195 -0.0196 -0.0249 59   ALA A N   
165 C  CA  . ALA A 46  ? 0.1658 0.1686 0.1725 -0.0123 -0.0132 -0.0152 59   ALA A CA  
166 C  C   . ALA A 46  ? 0.1584 0.1662 0.1520 -0.0162 -0.0184 -0.0169 59   ALA A C   
167 O  O   . ALA A 46  ? 0.1651 0.1915 0.2066 -0.0256 -0.0161 -0.0354 59   ALA A O   
168 C  CB  . ALA A 46  ? 0.1913 0.1756 0.1769 -0.0022 -0.0047 -0.0055 59   ALA A CB  
169 N  N   . PHE A 47  ? 0.1577 0.1599 0.1698 -0.0241 -0.0091 -0.0213 60   PHE A N   
170 C  CA  . PHE A 47  ? 0.1668 0.1674 0.1704 -0.0150 -0.0097 -0.0179 60   PHE A CA  
171 C  C   . PHE A 47  ? 0.1805 0.1839 0.1606 -0.0208 -0.0081 -0.0205 60   PHE A C   
172 O  O   . PHE A 47  ? 0.1982 0.1833 0.1594 -0.0213 0.0144  -0.0301 60   PHE A O   
173 C  CB  . PHE A 47  ? 0.1581 0.1571 0.1728 -0.0125 -0.0121 -0.0126 60   PHE A CB  
174 C  CG  . PHE A 47  ? 0.1526 0.1621 0.1716 -0.0084 -0.0263 -0.0052 60   PHE A CG  
175 C  CD1 . PHE A 47  ? 0.1748 0.1670 0.1761 -0.0103 -0.0272 0.0005  60   PHE A CD1 
176 C  CD2 . PHE A 47  ? 0.1696 0.1589 0.1842 -0.0193 -0.0123 -0.0127 60   PHE A CD2 
177 C  CE1 . PHE A 47  ? 0.1656 0.1611 0.1845 -0.0320 -0.0148 0.0000  60   PHE A CE1 
178 C  CE2 . PHE A 47  ? 0.1752 0.1762 0.1588 -0.0162 -0.0288 -0.0097 60   PHE A CE2 
179 C  CZ  . PHE A 47  ? 0.1580 0.1734 0.1741 -0.0223 -0.0224 0.0063  60   PHE A CZ  
180 N  N   . SER A 48  ? 0.2048 0.2142 0.1697 -0.0171 -0.0051 -0.0276 61   SER A N   
181 C  CA  . SER A 48  ? 0.2194 0.2387 0.1795 -0.0128 -0.0109 -0.0232 61   SER A CA  
182 C  C   . SER A 48  ? 0.2164 0.2241 0.1720 -0.0077 -0.0046 -0.0248 61   SER A C   
183 O  O   . SER A 48  ? 0.2115 0.2291 0.1798 -0.0148 -0.0013 -0.0186 61   SER A O   
184 C  CB  A SER A 48  ? 0.2318 0.2515 0.1914 -0.0102 -0.0100 -0.0300 61   SER A CB  
185 C  CB  B SER A 48  ? 0.2346 0.2523 0.1911 -0.0125 -0.0080 -0.0287 61   SER A CB  
186 O  OG  A SER A 48  ? 0.2624 0.2563 0.2222 -0.0195 -0.0199 -0.0241 61   SER A OG  
187 O  OG  B SER A 48  ? 0.2415 0.3046 0.2221 -0.0064 -0.0160 -0.0180 61   SER A OG  
188 N  N   . ARG A 49  ? 0.2122 0.2299 0.1570 -0.0063 -0.0105 -0.0179 62   ARG A N   
189 C  CA  . ARG A 49  ? 0.2222 0.2141 0.1618 0.0012  0.0054  -0.0154 62   ARG A CA  
190 C  C   . ARG A 49  ? 0.2393 0.2286 0.1706 0.0104  0.0036  -0.0199 62   ARG A C   
191 O  O   . ARG A 49  ? 0.2851 0.2539 0.1721 0.0086  0.0041  -0.0234 62   ARG A O   
192 C  CB  . ARG A 49  ? 0.2129 0.2172 0.1684 -0.0060 0.0015  -0.0234 62   ARG A CB  
193 C  CG  . ARG A 49  ? 0.2109 0.2012 0.1697 0.0011  0.0148  -0.0116 62   ARG A CG  
194 C  CD  . ARG A 49  ? 0.1995 0.2129 0.1809 0.0011  0.0155  0.0053  62   ARG A CD  
195 N  NE  . ARG A 49  ? 0.1733 0.2117 0.1946 0.0126  0.0166  0.0067  62   ARG A NE  
196 C  CZ  . ARG A 49  ? 0.1521 0.2007 0.1642 0.0156  0.0399  -0.0034 62   ARG A CZ  
197 N  NH1 . ARG A 49  ? 0.1706 0.2158 0.1572 0.0158  0.0288  -0.0174 62   ARG A NH1 
198 N  NH2 . ARG A 49  ? 0.1606 0.2095 0.1676 -0.0035 0.0246  0.0036  62   ARG A NH2 
199 N  N   . PRO A 50  ? 0.2529 0.2246 0.1861 0.0146  0.0130  -0.0230 63   PRO A N   
200 C  CA  . PRO A 50  ? 0.2420 0.2202 0.1898 0.0109  0.0147  -0.0150 63   PRO A CA  
201 C  C   . PRO A 50  ? 0.2430 0.2030 0.1829 -0.0003 0.0112  -0.0097 63   PRO A C   
202 O  O   . PRO A 50  ? 0.2676 0.2284 0.1859 -0.0212 0.0197  -0.0224 63   PRO A O   
203 C  CB  . PRO A 50  ? 0.2452 0.2233 0.2052 0.0155  0.0184  -0.0072 63   PRO A CB  
204 C  CG  . PRO A 50  ? 0.2853 0.2491 0.2268 0.0253  0.0103  -0.0137 63   PRO A CG  
205 C  CD  . PRO A 50  ? 0.2620 0.2331 0.1786 0.0196  0.0174  -0.0313 63   PRO A CD  
206 N  N   . VAL A 51  ? 0.2201 0.1840 0.1649 -0.0056 0.0098  -0.0048 64   VAL A N   
207 C  CA  . VAL A 51  ? 0.1990 0.1722 0.1598 -0.0055 -0.0011 -0.0026 64   VAL A CA  
208 C  C   . VAL A 51  ? 0.1981 0.1773 0.1630 -0.0020 -0.0014 -0.0086 64   VAL A C   
209 O  O   . VAL A 51  ? 0.2058 0.1685 0.1965 -0.0016 -0.0273 -0.0178 64   VAL A O   
210 C  CB  . VAL A 51  ? 0.1843 0.1736 0.1592 0.0036  0.0009  -0.0075 64   VAL A CB  
211 C  CG1 . VAL A 51  ? 0.1937 0.1894 0.1474 0.0167  -0.0036 0.0048  64   VAL A CG1 
212 C  CG2 . VAL A 51  ? 0.1907 0.1798 0.1509 -0.0039 0.0098  -0.0038 64   VAL A CG2 
213 N  N   . LYS A 52  ? 0.2096 0.1808 0.1643 -0.0113 -0.0131 -0.0109 65   LYS A N   
214 C  CA  . LYS A 52  ? 0.2034 0.1675 0.1699 -0.0091 -0.0014 -0.0167 65   LYS A CA  
215 C  C   . LYS A 52  ? 0.1916 0.1511 0.1670 -0.0107 0.0016  -0.0160 65   LYS A C   
216 O  O   . LYS A 52  ? 0.1913 0.1564 0.1630 -0.0022 0.0003  -0.0150 65   LYS A O   
217 C  CB  . LYS A 52  ? 0.2269 0.2025 0.1899 -0.0151 -0.0109 -0.0208 65   LYS A CB  
218 C  CG  . LYS A 52  ? 0.2846 0.2604 0.2138 -0.0099 0.0058  -0.0257 65   LYS A CG  
219 C  CD  . LYS A 52  ? 0.3080 0.3168 0.2823 -0.0007 0.0028  -0.0016 65   LYS A CD  
220 N  N   . TYR A 53  ? 0.1881 0.1596 0.1525 -0.0063 0.0117  -0.0172 66   TYR A N   
221 C  CA  . TYR A 53  ? 0.1916 0.1646 0.1566 -0.0038 -0.0045 -0.0099 66   TYR A CA  
222 C  C   . TYR A 53  ? 0.1900 0.1558 0.1602 -0.0010 -0.0017 -0.0098 66   TYR A C   
223 O  O   . TYR A 53  ? 0.1797 0.1405 0.1601 0.0079  -0.0060 -0.0040 66   TYR A O   
224 C  CB  . TYR A 53  ? 0.1957 0.1719 0.1663 -0.0059 -0.0124 -0.0127 66   TYR A CB  
225 C  CG  . TYR A 53  ? 0.2039 0.1547 0.1618 0.0088  -0.0219 -0.0203 66   TYR A CG  
226 C  CD1 . TYR A 53  ? 0.2050 0.1407 0.1802 -0.0286 -0.0279 -0.0099 66   TYR A CD1 
227 C  CD2 . TYR A 53  ? 0.2086 0.1348 0.1579 0.0139  -0.0171 -0.0308 66   TYR A CD2 
228 C  CE1 . TYR A 53  ? 0.2309 0.1465 0.1708 -0.0031 -0.0215 -0.0376 66   TYR A CE1 
229 C  CE2 . TYR A 53  ? 0.2570 0.1359 0.1604 -0.0211 -0.0073 -0.0044 66   TYR A CE2 
230 C  CZ  . TYR A 53  ? 0.2375 0.1614 0.1681 -0.0027 -0.0080 -0.0252 66   TYR A CZ  
231 O  OH  . TYR A 53  ? 0.2759 0.1915 0.1694 0.0028  0.0022  -0.0279 66   TYR A OH  
232 N  N   . GLU A 54  ? 0.1964 0.1644 0.1877 0.0031  0.0026  -0.0134 67   GLU A N   
233 C  CA  . GLU A 54  ? 0.2117 0.1763 0.2097 -0.0031 0.0001  -0.0215 67   GLU A CA  
234 C  C   . GLU A 54  ? 0.2049 0.1773 0.2036 -0.0102 -0.0035 -0.0299 67   GLU A C   
235 O  O   . GLU A 54  ? 0.1893 0.1776 0.2185 -0.0171 -0.0073 -0.0327 67   GLU A O   
236 C  CB  A GLU A 54  ? 0.2239 0.1841 0.2226 -0.0032 0.0044  -0.0201 67   GLU A CB  
237 C  CB  B GLU A 54  ? 0.2236 0.1811 0.2212 -0.0012 0.0034  -0.0201 67   GLU A CB  
238 C  CG  A GLU A 54  ? 0.2447 0.2127 0.2456 0.0076  -0.0028 -0.0172 67   GLU A CG  
239 C  CG  B GLU A 54  ? 0.2564 0.2013 0.2245 0.0127  -0.0026 -0.0281 67   GLU A CG  
240 C  CD  A GLU A 54  ? 0.2439 0.2439 0.2706 0.0162  -0.0016 -0.0263 67   GLU A CD  
241 C  CD  B GLU A 54  ? 0.2624 0.2308 0.2319 0.0129  0.0038  -0.0388 67   GLU A CD  
242 O  OE1 A GLU A 54  ? 0.2541 0.2255 0.2467 0.0613  -0.0124 -0.0457 67   GLU A OE1 
243 O  OE1 B GLU A 54  ? 0.2695 0.2279 0.2310 0.0394  -0.0062 -0.0446 67   GLU A OE1 
244 O  OE2 A GLU A 54  ? 0.2945 0.2633 0.2631 0.0050  -0.0279 -0.0571 67   GLU A OE2 
245 O  OE2 B GLU A 54  ? 0.3104 0.2524 0.2466 0.0226  0.0165  -0.0513 67   GLU A OE2 
246 N  N   . ASP A 55  ? 0.1965 0.1834 0.1921 -0.0084 -0.0127 -0.0399 68   ASP A N   
247 C  CA  . ASP A 55  ? 0.2001 0.1902 0.1983 -0.0133 -0.0204 -0.0272 68   ASP A CA  
248 C  C   . ASP A 55  ? 0.1770 0.1713 0.1872 -0.0112 -0.0175 -0.0180 68   ASP A C   
249 O  O   . ASP A 55  ? 0.1700 0.1731 0.1716 -0.0140 -0.0232 -0.0240 68   ASP A O   
250 C  CB  . ASP A 55  ? 0.2141 0.2104 0.2080 -0.0086 -0.0187 -0.0194 68   ASP A CB  
251 C  CG  . ASP A 55  ? 0.2606 0.2341 0.2405 -0.0299 -0.0155 -0.0369 68   ASP A CG  
252 O  OD1 . ASP A 55  ? 0.3519 0.2493 0.2604 -0.0488 -0.0111 -0.0536 68   ASP A OD1 
253 O  OD2 . ASP A 55  ? 0.3282 0.2707 0.2534 -0.0458 -0.0164 -0.0346 68   ASP A OD2 
254 N  N   . VAL A 56  ? 0.1542 0.1541 0.1624 -0.0027 -0.0157 -0.0241 69   VAL A N   
255 C  CA  . VAL A 56  ? 0.1526 0.1457 0.1590 -0.0034 -0.0122 -0.0184 69   VAL A CA  
256 C  C   . VAL A 56  ? 0.1506 0.1410 0.1600 -0.0125 -0.0083 -0.0225 69   VAL A C   
257 O  O   . VAL A 56  ? 0.1356 0.1446 0.1519 -0.0115 -0.0141 -0.0312 69   VAL A O   
258 C  CB  . VAL A 56  ? 0.1574 0.1446 0.1592 -0.0008 -0.0043 -0.0266 69   VAL A CB  
259 C  CG1 . VAL A 56  ? 0.1729 0.1629 0.1599 0.0036  0.0033  -0.0299 69   VAL A CG1 
260 C  CG2 . VAL A 56  ? 0.1753 0.1412 0.1709 -0.0025 -0.0054 -0.0173 69   VAL A CG2 
261 N  N   . GLU A 57  ? 0.1507 0.1512 0.1631 -0.0091 -0.0165 -0.0159 70   GLU A N   
262 C  CA  . GLU A 57  ? 0.1621 0.1608 0.1701 -0.0115 -0.0116 -0.0065 70   GLU A CA  
263 C  C   . GLU A 57  ? 0.1564 0.1493 0.1610 -0.0116 -0.0190 -0.0006 70   GLU A C   
264 O  O   . GLU A 57  ? 0.1545 0.1493 0.1711 -0.0157 -0.0174 0.0063  70   GLU A O   
265 C  CB  A GLU A 57  ? 0.1828 0.1812 0.1941 -0.0084 -0.0162 -0.0081 70   GLU A CB  
266 C  CB  B GLU A 57  ? 0.1596 0.1609 0.1655 -0.0123 -0.0133 -0.0060 70   GLU A CB  
267 C  CG  A GLU A 57  ? 0.2323 0.2064 0.2447 -0.0184 -0.0169 0.0090  70   GLU A CG  
268 C  CG  B GLU A 57  ? 0.1562 0.1518 0.1566 -0.0131 -0.0138 -0.0024 70   GLU A CG  
269 C  CD  A GLU A 57  ? 0.2925 0.2442 0.3126 0.0180  -0.0258 0.0152  70   GLU A CD  
270 C  CD  B GLU A 57  ? 0.1596 0.1575 0.1684 -0.0111 -0.0111 -0.0001 70   GLU A CD  
271 O  OE1 A GLU A 57  ? 0.3052 0.3085 0.3470 -0.0002 -0.0359 0.0291  70   GLU A OE1 
272 O  OE1 B GLU A 57  ? 0.1620 0.1497 0.1615 0.0263  -0.0157 0.0158  70   GLU A OE1 
273 O  OE2 A GLU A 57  ? 0.3625 0.2775 0.3789 0.0190  -0.0340 -0.0128 70   GLU A OE2 
274 O  OE2 B GLU A 57  ? 0.1854 0.1641 0.1701 -0.0114 -0.0069 0.0171  70   GLU A OE2 
275 N  N   . HIS A 58  ? 0.1568 0.1459 0.1720 -0.0208 -0.0227 0.0007  71   HIS A N   
276 C  CA  . HIS A 58  ? 0.1618 0.1596 0.1810 -0.0241 -0.0256 -0.0054 71   HIS A CA  
277 C  C   . HIS A 58  ? 0.1576 0.1510 0.1688 -0.0267 -0.0342 -0.0058 71   HIS A C   
278 O  O   . HIS A 58  ? 0.1487 0.1415 0.1798 -0.0207 -0.0381 0.0009  71   HIS A O   
279 C  CB  . HIS A 58  ? 0.1824 0.1765 0.2026 -0.0235 -0.0215 -0.0163 71   HIS A CB  
280 C  CG  . HIS A 58  ? 0.2098 0.2409 0.2463 -0.0140 -0.0427 -0.0194 71   HIS A CG  
281 N  ND1 . HIS A 58  ? 0.2376 0.2649 0.3043 -0.0500 -0.0617 -0.0290 71   HIS A ND1 
282 C  CD2 . HIS A 58  ? 0.2487 0.2609 0.2778 -0.0254 -0.0686 -0.0269 71   HIS A CD2 
283 C  CE1 . HIS A 58  ? 0.2378 0.2583 0.2779 -0.0610 -0.0787 -0.0275 71   HIS A CE1 
284 N  NE2 . HIS A 58  ? 0.2408 0.2823 0.2931 -0.0435 -0.0667 -0.0181 71   HIS A NE2 
285 N  N   . LYS A 59  ? 0.1458 0.1459 0.1505 -0.0214 -0.0302 -0.0103 72   LYS A N   
286 C  CA  . LYS A 59  ? 0.1411 0.1504 0.1594 -0.0199 -0.0256 -0.0112 72   LYS A CA  
287 C  C   . LYS A 59  ? 0.1327 0.1406 0.1591 -0.0245 -0.0216 -0.0099 72   LYS A C   
288 O  O   . LYS A 59  ? 0.1354 0.1485 0.1691 -0.0271 -0.0204 -0.0129 72   LYS A O   
289 C  CB  . LYS A 59  ? 0.1400 0.1516 0.1431 -0.0241 -0.0154 -0.0186 72   LYS A CB  
290 C  CG  . LYS A 59  ? 0.1458 0.1324 0.1661 -0.0343 -0.0135 -0.0110 72   LYS A CG  
291 C  CD  . LYS A 59  ? 0.1430 0.1516 0.1702 -0.0274 -0.0207 -0.0013 72   LYS A CD  
292 C  CE  . LYS A 59  ? 0.1714 0.1245 0.1727 -0.0344 -0.0208 -0.0131 72   LYS A CE  
293 N  NZ  . LYS A 59  ? 0.1639 0.1395 0.1711 -0.0358 -0.0353 -0.0126 72   LYS A NZ  
294 N  N   . VAL A 60  ? 0.1362 0.1487 0.1512 -0.0170 -0.0163 -0.0112 73   VAL A N   
295 C  CA  . VAL A 60  ? 0.1486 0.1500 0.1447 -0.0206 -0.0158 -0.0144 73   VAL A CA  
296 C  C   . VAL A 60  ? 0.1496 0.1614 0.1619 -0.0237 -0.0217 -0.0142 73   VAL A C   
297 O  O   . VAL A 60  ? 0.1379 0.1767 0.1577 -0.0315 -0.0133 -0.0159 73   VAL A O   
298 C  CB  . VAL A 60  ? 0.1535 0.1453 0.1421 -0.0182 -0.0162 -0.0234 73   VAL A CB  
299 C  CG1 . VAL A 60  ? 0.1664 0.1790 0.1590 -0.0297 -0.0011 -0.0109 73   VAL A CG1 
300 C  CG2 . VAL A 60  ? 0.1564 0.1716 0.1655 -0.0319 -0.0064 -0.0408 73   VAL A CG2 
301 N  N   . THR A 61  ? 0.1458 0.1657 0.1669 -0.0355 -0.0239 -0.0096 74   THR A N   
302 C  CA  . THR A 61  ? 0.1490 0.1726 0.1836 -0.0327 -0.0276 0.0033  74   THR A CA  
303 C  C   . THR A 61  ? 0.1475 0.1903 0.1888 -0.0332 -0.0214 -0.0034 74   THR A C   
304 O  O   . THR A 61  ? 0.1610 0.2195 0.1963 -0.0441 -0.0162 0.0085  74   THR A O   
305 C  CB  . THR A 61  ? 0.1592 0.1831 0.1996 -0.0346 -0.0208 0.0017  74   THR A CB  
306 O  OG1 . THR A 61  ? 0.1948 0.1969 0.2027 -0.0282 -0.0561 0.0156  74   THR A OG1 
307 C  CG2 . THR A 61  ? 0.1960 0.1820 0.2418 -0.0438 -0.0149 0.0108  74   THR A CG2 
308 N  N   . THR A 62  ? 0.1396 0.1654 0.1860 -0.0303 -0.0256 0.0066  75   THR A N   
309 C  CA  . THR A 62  ? 0.1360 0.1751 0.1997 -0.0374 -0.0305 0.0006  75   THR A CA  
310 C  C   . THR A 62  ? 0.1225 0.1879 0.2015 -0.0263 -0.0319 -0.0009 75   THR A C   
311 O  O   . THR A 62  ? 0.1350 0.2065 0.2436 -0.0367 -0.0218 -0.0025 75   THR A O   
312 C  CB  . THR A 62  ? 0.1418 0.1862 0.1967 -0.0226 -0.0417 -0.0032 75   THR A CB  
313 O  OG1 . THR A 62  ? 0.1994 0.1884 0.2038 -0.0086 -0.0352 -0.0233 75   THR A OG1 
314 C  CG2 . THR A 62  ? 0.1523 0.1994 0.1955 -0.0306 -0.0503 -0.0031 75   THR A CG2 
315 N  N   . VAL A 63  ? 0.1344 0.1904 0.2143 -0.0206 -0.0265 -0.0031 76   VAL A N   
316 C  CA  . VAL A 63  ? 0.1556 0.2031 0.2256 -0.0115 -0.0208 -0.0047 76   VAL A CA  
317 C  C   . VAL A 63  ? 0.1599 0.2158 0.2346 -0.0114 -0.0106 -0.0161 76   VAL A C   
318 O  O   . VAL A 63  ? 0.1668 0.2450 0.2570 0.0052  -0.0262 -0.0254 76   VAL A O   
319 C  CB  . VAL A 63  ? 0.1656 0.2013 0.2445 -0.0113 -0.0073 -0.0061 76   VAL A CB  
320 C  CG1 . VAL A 63  ? 0.1647 0.2165 0.2611 -0.0091 -0.0197 -0.0078 76   VAL A CG1 
321 C  CG2 . VAL A 63  ? 0.1763 0.1869 0.2454 -0.0056 -0.0399 0.0123  76   VAL A CG2 
322 N  N   . PHE A 64  ? 0.1596 0.2228 0.2281 -0.0103 -0.0081 -0.0121 77   PHE A N   
323 C  CA  . PHE A 64  ? 0.1889 0.2448 0.2364 -0.0116 -0.0064 -0.0116 77   PHE A CA  
324 C  C   . PHE A 64  ? 0.2114 0.2622 0.2498 -0.0197 0.0050  -0.0043 77   PHE A C   
325 O  O   . PHE A 64  ? 0.2511 0.3102 0.2649 -0.0197 0.0145  -0.0143 77   PHE A O   
326 C  CB  . PHE A 64  ? 0.2028 0.2463 0.2216 -0.0007 -0.0178 -0.0202 77   PHE A CB  
327 C  CG  . PHE A 64  ? 0.1870 0.2337 0.1970 -0.0068 -0.0333 -0.0193 77   PHE A CG  
328 C  CD1 . PHE A 64  ? 0.1941 0.2517 0.1800 0.0080  0.0128  -0.0281 77   PHE A CD1 
329 C  CD2 . PHE A 64  ? 0.1515 0.2340 0.2206 -0.0152 -0.0374 -0.0316 77   PHE A CD2 
330 C  CE1 . PHE A 64  ? 0.2108 0.2199 0.2083 0.0171  -0.0120 -0.0662 77   PHE A CE1 
331 C  CE2 . PHE A 64  ? 0.1625 0.2264 0.2271 -0.0043 -0.0494 -0.0345 77   PHE A CE2 
332 C  CZ  . PHE A 64  ? 0.1917 0.2324 0.2356 -0.0187 -0.0402 -0.0371 77   PHE A CZ  
333 N  N   . GLY A 65  ? 0.2295 0.2685 0.2677 -0.0406 0.0145  0.0048  78   GLY A N   
334 C  CA  . GLY A 65  ? 0.2372 0.2758 0.2819 -0.0491 0.0139  0.0105  78   GLY A CA  
335 C  C   . GLY A 65  ? 0.2418 0.2734 0.2790 -0.0553 0.0117  0.0119  78   GLY A C   
336 O  O   . GLY A 65  ? 0.2547 0.2947 0.3062 -0.0684 0.0267  0.0193  78   GLY A O   
337 N  N   . GLN A 66  ? 0.2319 0.2613 0.2712 -0.0556 0.0170  0.0196  79   GLN A N   
338 C  CA  . GLN A 66  ? 0.2416 0.2598 0.2711 -0.0518 0.0083  0.0125  79   GLN A CA  
339 C  C   . GLN A 66  ? 0.2376 0.2356 0.2594 -0.0493 -0.0013 0.0058  79   GLN A C   
340 O  O   . GLN A 66  ? 0.2449 0.2139 0.2332 -0.0555 -0.0032 0.0022  79   GLN A O   
341 C  CB  . GLN A 66  ? 0.2479 0.2749 0.2790 -0.0517 0.0090  0.0100  79   GLN A CB  
342 C  CG  . GLN A 66  ? 0.2724 0.2889 0.2916 -0.0402 0.0080  -0.0001 79   GLN A CG  
343 C  CD  . GLN A 66  ? 0.2812 0.3131 0.2938 -0.0352 0.0092  -0.0008 79   GLN A CD  
344 O  OE1 . GLN A 66  ? 0.3383 0.4072 0.3018 -0.0299 0.0152  0.0257  79   GLN A OE1 
345 N  NE2 . GLN A 66  ? 0.3325 0.3310 0.3245 -0.0150 0.0016  0.0063  79   GLN A NE2 
346 N  N   . PRO A 67  ? 0.2432 0.2268 0.2652 -0.0510 -0.0064 0.0109  80   PRO A N   
347 C  CA  . PRO A 67  ? 0.2374 0.2294 0.2489 -0.0441 -0.0099 0.0076  80   PRO A CA  
348 C  C   . PRO A 67  ? 0.2281 0.2312 0.2237 -0.0479 -0.0082 0.0054  80   PRO A C   
349 O  O   . PRO A 67  ? 0.2531 0.2530 0.2316 -0.0484 -0.0061 0.0142  80   PRO A O   
350 C  CB  . PRO A 67  ? 0.2428 0.2305 0.2688 -0.0424 -0.0165 0.0005  80   PRO A CB  
351 C  CG  . PRO A 67  ? 0.2687 0.2333 0.2941 -0.0355 -0.0078 0.0167  80   PRO A CG  
352 C  CD  . PRO A 67  ? 0.2596 0.2230 0.2801 -0.0453 -0.0033 0.0138  80   PRO A CD  
353 N  N   . LEU A 68  ? 0.2086 0.2117 0.1825 -0.0532 -0.0132 -0.0048 81   LEU A N   
354 C  CA  . LEU A 68  ? 0.1984 0.2206 0.1609 -0.0496 -0.0171 -0.0173 81   LEU A CA  
355 C  C   . LEU A 68  ? 0.2053 0.2094 0.1649 -0.0417 -0.0145 -0.0161 81   LEU A C   
356 O  O   . LEU A 68  ? 0.2108 0.2568 0.1674 -0.0599 -0.0115 -0.0325 81   LEU A O   
357 C  CB  . LEU A 68  ? 0.1909 0.2257 0.1626 -0.0515 -0.0187 -0.0215 81   LEU A CB  
358 C  CG  . LEU A 68  ? 0.1947 0.2458 0.1708 -0.0492 -0.0007 -0.0168 81   LEU A CG  
359 C  CD1 . LEU A 68  ? 0.1648 0.2456 0.1797 -0.0511 -0.0037 -0.0210 81   LEU A CD1 
360 C  CD2 . LEU A 68  ? 0.2172 0.2661 0.1792 -0.0371 -0.0121 -0.0131 81   LEU A CD2 
361 N  N   . ASP A 69  ? 0.1921 0.2006 0.1744 -0.0458 -0.0177 -0.0121 82   ASP A N   
362 C  CA  . ASP A 69  ? 0.1946 0.1916 0.1829 -0.0297 -0.0167 -0.0076 82   ASP A CA  
363 C  C   . ASP A 69  ? 0.1712 0.1639 0.1744 -0.0221 -0.0275 -0.0150 82   ASP A C   
364 O  O   . ASP A 69  ? 0.1802 0.1711 0.1718 -0.0281 -0.0236 -0.0190 82   ASP A O   
365 C  CB  . ASP A 69  ? 0.1993 0.2113 0.2072 -0.0324 -0.0297 -0.0097 82   ASP A CB  
366 C  CG  . ASP A 69  ? 0.2640 0.2397 0.2507 -0.0409 -0.0168 0.0043  82   ASP A CG  
367 O  OD1 . ASP A 69  ? 0.3275 0.2296 0.3046 -0.0406 -0.0309 -0.0008 82   ASP A OD1 
368 O  OD2 . ASP A 69  ? 0.3728 0.3039 0.2732 -0.0413 -0.0364 -0.0055 82   ASP A OD2 
369 N  N   . LEU A 70  ? 0.1701 0.1374 0.1886 -0.0192 -0.0179 -0.0211 83   LEU A N   
370 C  CA  . LEU A 70  ? 0.1601 0.1601 0.1747 -0.0196 -0.0233 -0.0152 83   LEU A CA  
371 C  C   . LEU A 70  ? 0.1495 0.1647 0.1757 -0.0178 -0.0236 -0.0120 83   LEU A C   
372 O  O   . LEU A 70  ? 0.1551 0.1690 0.1756 -0.0096 -0.0276 -0.0255 83   LEU A O   
373 C  CB  . LEU A 70  ? 0.1724 0.1760 0.1849 -0.0105 -0.0186 -0.0189 83   LEU A CB  
374 C  CG  . LEU A 70  ? 0.2005 0.2156 0.1978 0.0027  -0.0207 -0.0358 83   LEU A CG  
375 C  CD1 . LEU A 70  ? 0.2228 0.2394 0.2136 0.0029  -0.0058 -0.0427 83   LEU A CD1 
376 C  CD2 . LEU A 70  ? 0.1972 0.2506 0.2402 0.0046  -0.0245 -0.0460 83   LEU A CD2 
377 N  N   . HIS A 71  ? 0.1424 0.1627 0.1858 -0.0110 -0.0428 -0.0069 84   HIS A N   
378 C  CA  . HIS A 71  ? 0.1482 0.1591 0.1938 -0.0168 -0.0354 0.0010  84   HIS A CA  
379 C  C   . HIS A 71  ? 0.1402 0.1493 0.1906 -0.0146 -0.0321 -0.0066 84   HIS A C   
380 O  O   . HIS A 71  ? 0.1377 0.1549 0.2432 -0.0032 -0.0331 0.0037  84   HIS A O   
381 C  CB  . HIS A 71  ? 0.1566 0.1683 0.1940 -0.0224 -0.0452 -0.0108 84   HIS A CB  
382 C  CG  . HIS A 71  ? 0.1719 0.2002 0.1990 -0.0215 -0.0396 0.0056  84   HIS A CG  
383 N  ND1 . HIS A 71  ? 0.1680 0.1901 0.1931 -0.0118 -0.0369 -0.0212 84   HIS A ND1 
384 C  CD2 . HIS A 71  ? 0.1535 0.2249 0.2184 -0.0330 -0.0679 -0.0006 84   HIS A CD2 
385 C  CE1 . HIS A 71  ? 0.1877 0.2232 0.1776 -0.0263 -0.0318 -0.0078 84   HIS A CE1 
386 N  NE2 . HIS A 71  ? 0.2028 0.2086 0.2171 -0.0498 -0.0583 -0.0065 84   HIS A NE2 
387 N  N   . TYR A 72  ? 0.1542 0.1516 0.1544 -0.0018 -0.0140 -0.0184 85   TYR A N   
388 C  CA  . TYR A 72  ? 0.1490 0.1564 0.1386 0.0009  -0.0124 -0.0139 85   TYR A CA  
389 C  C   . TYR A 72  ? 0.1528 0.1454 0.1408 0.0018  -0.0049 -0.0123 85   TYR A C   
390 O  O   . TYR A 72  ? 0.1785 0.1554 0.1360 0.0116  -0.0223 -0.0305 85   TYR A O   
391 C  CB  . TYR A 72  ? 0.1724 0.1824 0.1600 0.0250  0.0088  -0.0158 85   TYR A CB  
392 C  CG  . TYR A 72  ? 0.1953 0.2167 0.1723 0.0037  0.0284  0.0103  85   TYR A CG  
393 C  CD1 . TYR A 72  ? 0.1748 0.2010 0.1650 0.0131  0.0045  -0.0201 85   TYR A CD1 
394 C  CD2 . TYR A 72  ? 0.2043 0.2290 0.2638 -0.0073 0.0285  0.0187  85   TYR A CD2 
395 C  CE1 . TYR A 72  ? 0.2212 0.2433 0.1578 -0.0053 0.0084  0.0446  85   TYR A CE1 
396 C  CE2 . TYR A 72  ? 0.2335 0.2464 0.2410 0.0037  0.0194  0.0307  85   TYR A CE2 
397 C  CZ  . TYR A 72  ? 0.2217 0.2248 0.2041 -0.0034 0.0224  0.0302  85   TYR A CZ  
398 O  OH  . TYR A 72  ? 0.2562 0.2276 0.2310 -0.0216 0.0136  0.0203  85   TYR A OH  
399 N  N   . MSE A 73  ? 0.1547 0.1438 0.1421 0.0028  0.0026  -0.0085 86   MSE A N   
400 C  CA  . MSE A 73  ? 0.2152 0.1902 0.1881 0.0013  0.0086  -0.0068 86   MSE A CA  
401 C  C   . MSE A 73  ? 0.2030 0.1647 0.1581 0.0018  -0.0004 -0.0041 86   MSE A C   
402 O  O   . MSE A 73  ? 0.1968 0.1477 0.1580 -0.0149 -0.0163 -0.0151 86   MSE A O   
403 C  CB  A MSE A 73  ? 0.2159 0.1914 0.1888 0.0034  0.0132  -0.0091 86   MSE A CB  
404 C  CB  B MSE A 73  ? 0.2129 0.1914 0.1928 0.0060  0.0149  -0.0067 86   MSE A CB  
405 C  CB  C MSE A 73  ? 0.2144 0.1967 0.2013 0.0042  0.0091  -0.0025 86   MSE A CB  
406 C  CG  A MSE A 73  ? 0.2477 0.2348 0.2271 -0.0019 -0.0034 0.0023  86   MSE A CG  
407 C  CG  B MSE A 73  ? 0.2470 0.2204 0.2194 0.0071  0.0214  -0.0157 86   MSE A CG  
408 C  CG  C MSE A 73  ? 0.2523 0.2121 0.2447 0.0103  0.0252  -0.0150 86   MSE A CG  
409 SE SE  A MSE A 73  ? 0.2781 0.3369 0.2884 0.0172  0.0108  0.0046  86   MSE A SE  
410 SE SE  B MSE A 73  ? 0.3010 0.3135 0.3361 0.0194  0.0970  0.0033  86   MSE A SE  
411 SE SE  C MSE A 73  ? 0.3147 0.2794 0.3085 0.0294  -0.0009 -0.0299 86   MSE A SE  
412 C  CE  A MSE A 73  ? 0.0546 0.1309 0.1905 0.0297  0.0597  0.0034  86   MSE A CE  
413 C  CE  B MSE A 73  ? 0.3132 0.2667 0.2859 -0.0031 0.0710  -0.0283 86   MSE A CE  
414 C  CE  C MSE A 73  ? 0.2854 0.2548 0.2395 0.0010  0.0025  -0.0218 86   MSE A CE  
415 N  N   . ASN A 74  ? 0.2280 0.1651 0.1657 -0.0060 -0.0106 0.0107  87   ASN A N   
416 C  CA  . ASN A 74  ? 0.2580 0.1881 0.1931 -0.0008 -0.0061 0.0017  87   ASN A CA  
417 C  C   . ASN A 74  ? 0.2815 0.1990 0.2134 0.0025  -0.0022 -0.0042 87   ASN A C   
418 O  O   . ASN A 74  ? 0.3021 0.2117 0.2172 0.0014  0.0038  -0.0220 87   ASN A O   
419 C  CB  . ASN A 74  ? 0.2578 0.1992 0.2136 -0.0008 0.0005  0.0002  87   ASN A CB  
420 C  CG  . ASN A 74  ? 0.2555 0.2077 0.1757 -0.0298 0.0040  -0.0052 87   ASN A CG  
421 O  OD1 . ASN A 74  ? 0.2897 0.2424 0.1872 -0.0096 -0.0005 -0.0001 87   ASN A OD1 
422 N  ND2 . ASN A 74  ? 0.2923 0.2626 0.2186 -0.0146 0.0194  -0.0209 87   ASN A ND2 
423 N  N   . ASN A 75  ? 0.3151 0.2158 0.2419 0.0044  -0.0078 -0.0052 88   ASN A N   
424 C  CA  . ASN A 75  ? 0.3274 0.2394 0.2657 0.0153  -0.0093 -0.0078 88   ASN A CA  
425 C  C   . ASN A 75  ? 0.3247 0.2624 0.2571 0.0148  -0.0042 -0.0095 88   ASN A C   
426 O  O   . ASN A 75  ? 0.3378 0.3159 0.2778 0.0301  0.0042  -0.0323 88   ASN A O   
427 C  CB  . ASN A 75  ? 0.3510 0.2443 0.2923 0.0048  -0.0102 -0.0093 88   ASN A CB  
428 C  CG  . ASN A 75  ? 0.3695 0.2800 0.3456 0.0092  -0.0250 0.0072  88   ASN A CG  
429 O  OD1 . ASN A 75  ? 0.3872 0.2361 0.3904 0.0083  -0.0475 -0.0035 88   ASN A OD1 
430 N  ND2 . ASN A 75  ? 0.4264 0.3489 0.3988 -0.0191 -0.0114 0.0354  88   ASN A ND2 
431 N  N   . GLU A 76  ? 0.3108 0.2330 0.2368 0.0144  -0.0135 -0.0108 89   GLU A N   
432 C  CA  . GLU A 76  ? 0.3060 0.2279 0.2345 0.0147  -0.0095 -0.0014 89   GLU A CA  
433 C  C   . GLU A 76  ? 0.2731 0.1997 0.1860 0.0110  -0.0105 -0.0101 89   GLU A C   
434 O  O   . GLU A 76  ? 0.2936 0.2020 0.1779 0.0171  0.0191  0.0005  89   GLU A O   
435 C  CB  . GLU A 76  ? 0.3122 0.2495 0.2551 0.0136  -0.0183 -0.0081 89   GLU A CB  
436 C  CG  . GLU A 76  ? 0.3662 0.2872 0.3459 0.0145  -0.0129 0.0090  89   GLU A CG  
437 C  CD  . GLU A 76  ? 0.3560 0.3545 0.3703 0.0506  -0.0199 -0.0363 89   GLU A CD  
438 O  OE1 . GLU A 76  ? 0.4330 0.4618 0.4695 0.0206  -0.0199 -0.0127 89   GLU A OE1 
439 O  OE2 . GLU A 76  ? 0.4722 0.4475 0.4783 0.0461  -0.0012 -0.0269 89   GLU A OE2 
440 N  N   . LEU A 77  ? 0.2437 0.1620 0.1669 -0.0029 -0.0143 -0.0021 90   LEU A N   
441 C  CA  . LEU A 77  ? 0.2321 0.1707 0.1708 -0.0050 -0.0198 -0.0011 90   LEU A CA  
442 C  C   . LEU A 77  ? 0.2276 0.1559 0.1355 -0.0041 -0.0266 0.0021  90   LEU A C   
443 O  O   . LEU A 77  ? 0.2576 0.1516 0.1699 -0.0158 -0.0520 0.0172  90   LEU A O   
444 C  CB  . LEU A 77  ? 0.2552 0.2070 0.2034 0.0001  -0.0128 -0.0015 90   LEU A CB  
445 C  CG  . LEU A 77  ? 0.2793 0.2724 0.2856 -0.0141 -0.0078 -0.0062 90   LEU A CG  
446 C  CD1 . LEU A 77  ? 0.3007 0.3234 0.3187 0.0111  0.0048  -0.0003 90   LEU A CD1 
447 C  CD2 . LEU A 77  ? 0.2804 0.3085 0.3015 -0.0153 0.0016  0.0061  90   LEU A CD2 
448 N  N   . SER A 78  ? 0.2014 0.1271 0.1276 -0.0013 -0.0235 -0.0105 91   SER A N   
449 C  CA  . SER A 78  ? 0.1928 0.1454 0.1303 -0.0001 -0.0139 -0.0136 91   SER A CA  
450 C  C   . SER A 78  ? 0.1708 0.1399 0.1331 0.0014  -0.0149 -0.0170 91   SER A C   
451 O  O   . SER A 78  ? 0.1901 0.1258 0.1389 0.0029  -0.0068 -0.0078 91   SER A O   
452 C  CB  . SER A 78  ? 0.1893 0.1563 0.1611 -0.0010 -0.0173 -0.0211 91   SER A CB  
453 O  OG  . SER A 78  ? 0.2221 0.1703 0.1950 0.0034  0.0207  -0.0093 91   SER A OG  
454 N  N   . ILE A 79  ? 0.1662 0.1247 0.1259 0.0066  -0.0157 -0.0162 92   ILE A N   
455 C  CA  . ILE A 79  ? 0.1687 0.1512 0.1602 0.0022  -0.0071 -0.0236 92   ILE A CA  
456 C  C   . ILE A 79  ? 0.1483 0.1204 0.1201 0.0252  -0.0027 -0.0305 92   ILE A C   
457 O  O   . ILE A 79  ? 0.1715 0.1295 0.1224 0.0200  -0.0131 -0.0182 92   ILE A O   
458 C  CB  . ILE A 79  ? 0.1673 0.1852 0.1977 -0.0043 0.0039  -0.0335 92   ILE A CB  
459 C  CG1 . ILE A 79  ? 0.2128 0.2282 0.2474 -0.0271 0.0065  -0.0250 92   ILE A CG1 
460 C  CG2 . ILE A 79  ? 0.1893 0.2163 0.2716 0.0057  0.0107  -0.0310 92   ILE A CG2 
461 C  CD1 . ILE A 79  ? 0.2441 0.2392 0.2329 -0.0138 0.0139  -0.0124 92   ILE A CD1 
462 N  N   . LEU A 80  ? 0.1630 0.1219 0.1126 0.0127  -0.0113 -0.0220 93   LEU A N   
463 C  CA  . LEU A 80  ? 0.1778 0.1353 0.1283 0.0139  -0.0131 -0.0168 93   LEU A CA  
464 C  C   . LEU A 80  ? 0.1782 0.1344 0.1363 0.0148  -0.0118 -0.0171 93   LEU A C   
465 O  O   . LEU A 80  ? 0.1867 0.1660 0.1493 0.0217  -0.0168 -0.0354 93   LEU A O   
466 C  CB  . LEU A 80  ? 0.2032 0.1400 0.1387 0.0063  -0.0128 -0.0083 93   LEU A CB  
467 C  CG  . LEU A 80  ? 0.2450 0.1454 0.1541 0.0041  -0.0087 -0.0119 93   LEU A CG  
468 C  CD1 . LEU A 80  ? 0.2534 0.1910 0.1922 -0.0161 -0.0096 0.0075  93   LEU A CD1 
469 C  CD2 . LEU A 80  ? 0.2566 0.1555 0.1685 0.0066  -0.0085 0.0022  93   LEU A CD2 
470 N  N   . LEU A 81  ? 0.1645 0.1163 0.1256 0.0183  -0.0116 -0.0113 94   LEU A N   
471 C  CA  . LEU A 81  ? 0.1825 0.1202 0.1280 0.0190  0.0043  -0.0149 94   LEU A CA  
472 C  C   . LEU A 81  ? 0.1823 0.1298 0.1334 0.0133  -0.0062 -0.0114 94   LEU A C   
473 O  O   . LEU A 81  ? 0.1889 0.1533 0.1407 0.0015  -0.0064 -0.0252 94   LEU A O   
474 C  CB  . LEU A 81  ? 0.1751 0.1327 0.1315 0.0232  0.0043  -0.0199 94   LEU A CB  
475 C  CG  . LEU A 81  ? 0.1730 0.1251 0.1075 0.0320  0.0174  -0.0244 94   LEU A CG  
476 C  CD1 . LEU A 81  ? 0.1723 0.1631 0.1382 0.0313  -0.0086 -0.0159 94   LEU A CD1 
477 C  CD2 . LEU A 81  ? 0.1710 0.1519 0.1586 0.0396  0.0091  -0.0264 94   LEU A CD2 
478 N  N   . LYS A 82  ? 0.2014 0.1165 0.1508 0.0125  0.0082  -0.0172 95   LYS A N   
479 C  CA  . LYS A 82  ? 0.2291 0.1227 0.1655 0.0081  0.0120  -0.0046 95   LYS A CA  
480 C  C   . LYS A 82  ? 0.2110 0.1191 0.1650 0.0113  0.0170  -0.0063 95   LYS A C   
481 O  O   . LYS A 82  ? 0.2304 0.1024 0.1689 0.0063  0.0213  0.0008  95   LYS A O   
482 C  CB  . LYS A 82  ? 0.2368 0.1324 0.1742 0.0094  0.0096  -0.0062 95   LYS A CB  
483 C  CG  . LYS A 82  ? 0.2690 0.1531 0.2011 0.0067  -0.0046 -0.0118 95   LYS A CG  
484 C  CD  . LYS A 82  ? 0.2917 0.1887 0.2038 0.0141  -0.0221 -0.0096 95   LYS A CD  
485 C  CE  . LYS A 82  ? 0.2906 0.2469 0.2674 0.0040  -0.0349 -0.0150 95   LYS A CE  
486 N  NZ  . LYS A 82  ? 0.3324 0.2572 0.2987 0.0095  -0.0523 -0.0057 95   LYS A NZ  
487 N  N   . ASN A 83  ? 0.1958 0.0958 0.1562 0.0128  0.0199  -0.0079 96   ASN A N   
488 C  CA  . ASN A 83  ? 0.1941 0.1161 0.1572 0.0204  0.0203  -0.0102 96   ASN A CA  
489 C  C   . ASN A 83  ? 0.1786 0.1123 0.1588 0.0202  0.0226  -0.0150 96   ASN A C   
490 O  O   . ASN A 83  ? 0.1813 0.0983 0.1457 0.0323  0.0187  -0.0114 96   ASN A O   
491 C  CB  . ASN A 83  ? 0.2011 0.1244 0.1621 0.0249  0.0240  -0.0100 96   ASN A CB  
492 C  CG  . ASN A 83  ? 0.1995 0.1227 0.1850 0.0386  0.0091  -0.0075 96   ASN A CG  
493 O  OD1 . ASN A 83  ? 0.2165 0.1377 0.2287 0.0266  0.0004  0.0189  96   ASN A OD1 
494 N  ND2 . ASN A 83  ? 0.2616 0.2193 0.2493 0.0391  -0.0495 0.0234  96   ASN A ND2 
495 N  N   . GLN A 84  ? 0.1908 0.1116 0.1564 0.0219  0.0252  -0.0245 97   GLN A N   
496 C  CA  . GLN A 84  ? 0.1870 0.1234 0.1609 0.0203  0.0231  -0.0224 97   GLN A CA  
497 C  C   . GLN A 84  ? 0.1863 0.1238 0.1692 0.0201  0.0284  -0.0168 97   GLN A C   
498 O  O   . GLN A 84  ? 0.1928 0.1219 0.1738 0.0275  0.0303  -0.0085 97   GLN A O   
499 C  CB  . GLN A 84  ? 0.1995 0.1263 0.1718 0.0285  0.0304  -0.0244 97   GLN A CB  
500 C  CG  . GLN A 84  ? 0.1832 0.1519 0.1414 0.0145  0.0160  -0.0449 97   GLN A CG  
501 C  CD  . GLN A 84  ? 0.1791 0.1791 0.1343 0.0255  0.0092  -0.0336 97   GLN A CD  
502 O  OE1 . GLN A 84  ? 0.1977 0.1844 0.2016 0.0071  0.0228  -0.0389 97   GLN A OE1 
503 N  NE2 . GLN A 84  ? 0.1933 0.1796 0.1793 -0.0007 0.0217  -0.0349 97   GLN A NE2 
504 N  N   . ASP A 85  ? 0.1883 0.1340 0.1778 0.0242  0.0259  -0.0096 98   ASP A N   
505 C  CA  . ASP A 85  ? 0.1911 0.1543 0.2036 0.0230  0.0193  -0.0107 98   ASP A CA  
506 C  C   . ASP A 85  ? 0.1732 0.1428 0.1820 0.0201  0.0194  -0.0047 98   ASP A C   
507 O  O   . ASP A 85  ? 0.1799 0.1370 0.1790 0.0063  0.0216  -0.0050 98   ASP A O   
508 C  CB  . ASP A 85  ? 0.1963 0.1861 0.2408 0.0264  0.0182  0.0067  98   ASP A CB  
509 C  CG  . ASP A 85  ? 0.2841 0.2565 0.2935 0.0452  0.0249  -0.0113 98   ASP A CG  
510 O  OD1 . ASP A 85  ? 0.3647 0.3455 0.3060 0.0833  0.0245  -0.0441 98   ASP A OD1 
511 O  OD2 . ASP A 85  ? 0.3770 0.3627 0.4369 0.0934  0.0093  0.0305  98   ASP A OD2 
512 N  N   . ASP A 86  ? 0.1538 0.1144 0.1714 0.0143  0.0205  -0.0039 99   ASP A N   
513 C  CA  . ASP A 86  ? 0.1583 0.1244 0.1699 0.0147  0.0084  -0.0101 99   ASP A CA  
514 C  C   . ASP A 86  ? 0.1511 0.1086 0.1495 0.0087  0.0100  -0.0130 99   ASP A C   
515 O  O   . ASP A 86  ? 0.1565 0.1024 0.1353 0.0038  0.0094  -0.0128 99   ASP A O   
516 C  CB  . ASP A 86  ? 0.1621 0.1278 0.1629 0.0212  0.0077  -0.0030 99   ASP A CB  
517 C  CG  . ASP A 86  ? 0.1824 0.1630 0.1835 0.0220  0.0089  0.0100  99   ASP A CG  
518 O  OD1 . ASP A 86  ? 0.1961 0.2248 0.2408 0.0217  0.0079  0.0157  99   ASP A OD1 
519 O  OD2 . ASP A 86  ? 0.2339 0.1623 0.2068 0.0104  0.0086  0.0279  99   ASP A OD2 
520 N  N   . LEU A 87  ? 0.1459 0.1072 0.1375 0.0179  0.0076  -0.0164 100  LEU A N   
521 C  CA  . LEU A 87  ? 0.1467 0.1085 0.1222 0.0117  0.0159  -0.0140 100  LEU A CA  
522 C  C   . LEU A 87  ? 0.1449 0.0901 0.1289 0.0017  0.0138  -0.0208 100  LEU A C   
523 O  O   . LEU A 87  ? 0.1491 0.0894 0.1284 -0.0028 0.0166  -0.0097 100  LEU A O   
524 C  CB  . LEU A 87  ? 0.1513 0.1236 0.1213 0.0094  0.0144  -0.0133 100  LEU A CB  
525 C  CG  . LEU A 87  ? 0.1590 0.1282 0.1411 0.0022  0.0066  -0.0074 100  LEU A CG  
526 C  CD1 . LEU A 87  ? 0.1622 0.1580 0.1692 0.0230  0.0037  0.0026  100  LEU A CD1 
527 C  CD2 . LEU A 87  ? 0.1702 0.1657 0.1554 -0.0179 0.0062  -0.0086 100  LEU A CD2 
528 N  N   . ASP A 88  ? 0.1542 0.1193 0.1412 0.0102  0.0270  -0.0138 101  ASP A N   
529 C  CA  . ASP A 88  ? 0.1528 0.1273 0.1441 0.0108  0.0233  -0.0062 101  ASP A CA  
530 C  C   . ASP A 88  ? 0.1462 0.1174 0.1343 0.0150  0.0235  -0.0059 101  ASP A C   
531 O  O   . ASP A 88  ? 0.1548 0.1205 0.1327 0.0164  0.0224  0.0046  101  ASP A O   
532 C  CB  . ASP A 88  ? 0.1653 0.1444 0.1539 0.0258  0.0311  -0.0023 101  ASP A CB  
533 C  CG  . ASP A 88  ? 0.2150 0.1995 0.1955 -0.0038 0.0372  -0.0116 101  ASP A CG  
534 O  OD1 . ASP A 88  ? 0.2290 0.2160 0.2045 -0.0220 0.0245  -0.0311 101  ASP A OD1 
535 O  OD2 . ASP A 88  ? 0.2378 0.2364 0.2607 0.0066  0.0605  -0.0308 101  ASP A OD2 
536 N  N   . LYS A 89  ? 0.1370 0.1389 0.1401 0.0118  0.0230  -0.0096 102  LYS A N   
537 C  CA  . LYS A 89  ? 0.1403 0.1432 0.1607 0.0073  0.0209  -0.0072 102  LYS A CA  
538 C  C   . LYS A 89  ? 0.1429 0.1284 0.1380 0.0025  0.0200  -0.0044 102  LYS A C   
539 O  O   . LYS A 89  ? 0.1672 0.1102 0.1701 0.0065  0.0300  -0.0106 102  LYS A O   
540 C  CB  . LYS A 89  ? 0.1643 0.1595 0.1710 0.0092  0.0193  0.0009  102  LYS A CB  
541 C  CG  . LYS A 89  ? 0.1815 0.1991 0.2242 0.0326  0.0076  0.0004  102  LYS A CG  
542 C  CD  . LYS A 89  ? 0.2332 0.2770 0.2834 0.0035  0.0219  0.0039  102  LYS A CD  
543 N  N   . ALA A 90  ? 0.1317 0.1172 0.1240 0.0058  0.0112  -0.0107 103  ALA A N   
544 C  CA  . ALA A 90  ? 0.1451 0.1218 0.1319 0.0083  0.0039  -0.0080 103  ALA A CA  
545 C  C   . ALA A 90  ? 0.1544 0.1158 0.1310 0.0158  0.0133  -0.0056 103  ALA A C   
546 O  O   . ALA A 90  ? 0.1585 0.1141 0.1358 0.0129  0.0161  -0.0027 103  ALA A O   
547 C  CB  . ALA A 90  ? 0.1389 0.1340 0.1385 0.0118  0.0112  -0.0168 103  ALA A CB  
548 N  N   . ILE A 91  ? 0.1607 0.1024 0.1321 0.0134  0.0104  -0.0043 104  ILE A N   
549 C  CA  . ILE A 91  ? 0.1647 0.1309 0.1303 0.0139  0.0020  -0.0084 104  ILE A CA  
550 C  C   . ILE A 91  ? 0.1673 0.1206 0.1350 0.0123  0.0003  -0.0052 104  ILE A C   
551 O  O   . ILE A 91  ? 0.1925 0.1246 0.1510 0.0117  0.0084  0.0011  104  ILE A O   
552 C  CB  . ILE A 91  ? 0.1519 0.1383 0.1216 0.0072  0.0042  -0.0151 104  ILE A CB  
553 C  CG1 . ILE A 91  ? 0.1605 0.1789 0.1510 -0.0028 -0.0192 0.0055  104  ILE A CG1 
554 C  CG2 . ILE A 91  ? 0.1807 0.1496 0.1372 -0.0065 -0.0249 -0.0188 104  ILE A CG2 
555 C  CD1 . ILE A 91  ? 0.1971 0.1953 0.1457 -0.0129 -0.0192 0.0001  104  ILE A CD1 
556 N  N   . ASP A 92  ? 0.1712 0.1265 0.1441 0.0048  0.0114  0.0020  105  ASP A N   
557 C  CA  . ASP A 92  ? 0.1778 0.1363 0.1588 -0.0001 0.0131  -0.0010 105  ASP A CA  
558 C  C   . ASP A 92  ? 0.2000 0.1271 0.1575 -0.0093 0.0138  0.0079  105  ASP A C   
559 O  O   . ASP A 92  ? 0.2064 0.1340 0.1708 -0.0083 0.0248  0.0245  105  ASP A O   
560 C  CB  . ASP A 92  ? 0.1749 0.1532 0.1741 0.0004  0.0257  -0.0146 105  ASP A CB  
561 C  CG  . ASP A 92  ? 0.1956 0.2340 0.1961 -0.0155 0.0277  -0.0055 105  ASP A CG  
562 O  OD1 . ASP A 92  ? 0.2423 0.3131 0.1927 -0.0303 0.0202  -0.0175 105  ASP A OD1 
563 O  OD2 . ASP A 92  ? 0.1956 0.3466 0.2747 -0.0088 0.0222  -0.0084 105  ASP A OD2 
564 N  N   . ILE A 93  ? 0.2127 0.1118 0.1504 -0.0131 0.0186  0.0055  106  ILE A N   
565 C  CA  . ILE A 93  ? 0.2154 0.1216 0.1713 -0.0210 0.0185  -0.0043 106  ILE A CA  
566 C  C   . ILE A 93  ? 0.2075 0.1232 0.1735 -0.0069 0.0328  -0.0066 106  ILE A C   
567 O  O   . ILE A 93  ? 0.2217 0.1157 0.1905 -0.0059 0.0361  -0.0019 106  ILE A O   
568 C  CB  . ILE A 93  ? 0.2371 0.1442 0.1755 -0.0187 0.0140  -0.0056 106  ILE A CB  
569 C  CG1 . ILE A 93  ? 0.2650 0.1414 0.1862 -0.0107 0.0029  -0.0143 106  ILE A CG1 
570 C  CG2 . ILE A 93  ? 0.2552 0.1658 0.2092 -0.0187 0.0180  -0.0152 106  ILE A CG2 
571 C  CD1 . ILE A 93  ? 0.2858 0.1864 0.1914 -0.0186 -0.0058 -0.0066 106  ILE A CD1 
572 N  N   . LEU A 94  ? 0.2020 0.1165 0.1609 -0.0103 0.0339  -0.0012 107  LEU A N   
573 C  CA  . LEU A 94  ? 0.1929 0.1332 0.1736 -0.0014 0.0321  -0.0045 107  LEU A CA  
574 C  C   . LEU A 94  ? 0.1869 0.1210 0.1716 0.0085  0.0444  -0.0017 107  LEU A C   
575 O  O   . LEU A 94  ? 0.2053 0.1133 0.1973 0.0089  0.0514  0.0081  107  LEU A O   
576 C  CB  . LEU A 94  ? 0.1944 0.1348 0.1624 -0.0067 0.0364  -0.0165 107  LEU A CB  
577 C  CG  . LEU A 94  ? 0.1884 0.1316 0.1777 -0.0023 0.0333  -0.0119 107  LEU A CG  
578 C  CD1 . LEU A 94  ? 0.1874 0.1602 0.2202 -0.0107 0.0207  -0.0192 107  LEU A CD1 
579 C  CD2 . LEU A 94  ? 0.1973 0.1652 0.1974 -0.0056 0.0116  -0.0058 107  LEU A CD2 
580 N  N   . ASP A 95  ? 0.1736 0.1254 0.1791 0.0198  0.0428  -0.0023 108  ASP A N   
581 C  CA  . ASP A 95  ? 0.1936 0.1566 0.1896 0.0231  0.0367  0.0099  108  ASP A CA  
582 C  C   . ASP A 95  ? 0.1964 0.1511 0.1917 0.0193  0.0387  0.0151  108  ASP A C   
583 O  O   . ASP A 95  ? 0.2254 0.1878 0.1965 0.0033  0.0500  0.0370  108  ASP A O   
584 C  CB  . ASP A 95  ? 0.1855 0.1704 0.1782 0.0297  0.0371  0.0017  108  ASP A CB  
585 C  CG  . ASP A 95  ? 0.1952 0.1564 0.1697 0.0456  0.0125  -0.0023 108  ASP A CG  
586 O  OD1 . ASP A 95  ? 0.1923 0.1745 0.1819 0.0611  0.0047  0.0017  108  ASP A OD1 
587 O  OD2 . ASP A 95  ? 0.1993 0.1662 0.1687 0.0341  0.0245  -0.0119 108  ASP A OD2 
588 N  N   . ARG A 96  ? 0.1962 0.1634 0.2041 0.0048  0.0349  0.0220  109  ARG A N   
589 C  CA  . ARG A 96  ? 0.2103 0.1787 0.2476 -0.0069 0.0238  0.0269  109  ARG A CA  
590 C  C   . ARG A 96  ? 0.2208 0.1750 0.2743 -0.0121 0.0200  0.0213  109  ARG A C   
591 O  O   . ARG A 96  ? 0.2476 0.1835 0.3469 -0.0246 0.0261  0.0204  109  ARG A O   
592 C  CB  . ARG A 96  ? 0.2146 0.1879 0.2516 -0.0169 0.0210  0.0311  109  ARG A CB  
593 C  CG  . ARG A 96  ? 0.2208 0.2463 0.2856 0.0031  0.0239  0.0221  109  ARG A CG  
594 C  CD  . ARG A 96  ? 0.3105 0.3167 0.3323 0.0249  -0.0102 0.0308  109  ARG A CD  
595 N  NE  . ARG A 96  ? 0.3222 0.3586 0.3647 0.0278  0.0079  0.0204  109  ARG A NE  
596 C  CZ  . ARG A 96  ? 0.3583 0.3777 0.3776 0.0158  0.0243  0.0196  109  ARG A CZ  
597 N  NH1 . ARG A 96  ? 0.3644 0.3879 0.3976 0.0023  0.0212  0.0212  109  ARG A NH1 
598 N  NH2 . ARG A 96  ? 0.3475 0.3817 0.4074 0.0290  0.0353  0.0257  109  ARG A NH2 
599 N  N   . SER A 97  ? 0.2135 0.1513 0.2735 -0.0020 0.0154  0.0216  110  SER A N   
600 C  CA  . SER A 97  ? 0.2355 0.1762 0.2819 0.0052  0.0102  0.0100  110  SER A CA  
601 C  C   . SER A 97  ? 0.2481 0.1729 0.2806 0.0007  0.0076  0.0150  110  SER A C   
602 O  O   . SER A 97  ? 0.2640 0.1581 0.3151 0.0058  -0.0185 0.0196  110  SER A O   
603 C  CB  . SER A 97  ? 0.2381 0.1764 0.2732 0.0124  0.0056  0.0185  110  SER A CB  
604 O  OG  . SER A 97  ? 0.2721 0.1719 0.2920 0.0112  0.0321  0.0009  110  SER A OG  
605 N  N   . SER A 98  ? 0.2676 0.1757 0.2957 -0.0007 0.0126  0.0093  111  SER A N   
606 C  CA  . SER A 98  ? 0.2846 0.1973 0.2840 0.0025  0.0148  0.0056  111  SER A CA  
607 C  C   . SER A 98  ? 0.2775 0.1720 0.2618 -0.0001 0.0177  -0.0061 111  SER A C   
608 O  O   . SER A 98  ? 0.3102 0.1947 0.2783 0.0436  0.0212  -0.0089 111  SER A O   
609 C  CB  . SER A 98  ? 0.2976 0.2205 0.3003 -0.0057 0.0189  0.0115  111  SER A CB  
610 O  OG  . SER A 98  ? 0.3462 0.2566 0.3538 -0.0017 0.0122  -0.0160 111  SER A OG  
611 N  N   . SER A 99  ? 0.2721 0.1597 0.2556 -0.0123 0.0153  -0.0099 112  SER A N   
612 C  CA  . SER A 99  ? 0.2668 0.1792 0.2603 -0.0240 0.0200  -0.0075 112  SER A CA  
613 C  C   . SER A 99  ? 0.2520 0.1737 0.2525 -0.0223 0.0266  -0.0076 112  SER A C   
614 O  O   . SER A 99  ? 0.2559 0.1921 0.2747 -0.0208 0.0294  0.0032  112  SER A O   
615 C  CB  . SER A 99  ? 0.2837 0.2012 0.2619 -0.0291 0.0185  -0.0151 112  SER A CB  
616 O  OG  . SER A 99  ? 0.3194 0.2694 0.2989 -0.0145 -0.0045 -0.0109 112  SER A OG  
617 N  N   . MSE A 100 ? 0.2350 0.1737 0.2316 -0.0268 0.0267  -0.0047 113  MSE A N   
618 C  CA  . MSE A 100 ? 0.2447 0.2037 0.2311 -0.0275 0.0276  -0.0167 113  MSE A CA  
619 C  C   . MSE A 100 ? 0.2208 0.1618 0.2099 -0.0141 0.0302  -0.0081 113  MSE A C   
620 O  O   . MSE A 100 ? 0.2339 0.1727 0.2195 -0.0039 0.0345  -0.0234 113  MSE A O   
621 C  CB  A MSE A 100 ? 0.2422 0.1922 0.2239 -0.0253 0.0268  -0.0178 113  MSE A CB  
622 C  CB  B MSE A 100 ? 0.2539 0.2018 0.2470 -0.0223 0.0280  -0.0104 113  MSE A CB  
623 C  CG  A MSE A 100 ? 0.2352 0.2232 0.2014 -0.0373 0.0328  -0.0306 113  MSE A CG  
624 C  CG  B MSE A 100 ? 0.2756 0.2375 0.2634 -0.0288 0.0156  -0.0086 113  MSE A CG  
625 SE SE  A MSE A 100 ? 0.2765 0.2664 0.2139 -0.0253 0.0302  -0.0325 113  MSE A SE  
626 SE SE  B MSE A 100 ? 0.3370 0.2655 0.2978 -0.0178 0.0168  -0.0024 113  MSE A SE  
627 C  CE  A MSE A 100 ? 0.2811 0.2703 0.1660 -0.0156 0.0018  -0.0254 113  MSE A CE  
628 C  CE  B MSE A 100 ? 0.2981 0.2577 0.2899 -0.0089 0.0119  0.0136  113  MSE A CE  
629 N  N   . LYS A 101 ? 0.2103 0.1614 0.1999 -0.0095 0.0282  -0.0134 114  LYS A N   
630 C  CA  . LYS A 101 ? 0.2098 0.1702 0.1908 -0.0161 0.0275  -0.0077 114  LYS A CA  
631 C  C   . LYS A 101 ? 0.2068 0.1635 0.1821 -0.0124 0.0164  -0.0066 114  LYS A C   
632 O  O   . LYS A 101 ? 0.2203 0.1536 0.1915 -0.0160 0.0063  0.0065  114  LYS A O   
633 C  CB  . LYS A 101 ? 0.2304 0.1876 0.2110 -0.0155 0.0161  0.0030  114  LYS A CB  
634 C  CG  . LYS A 101 ? 0.2455 0.2110 0.2619 -0.0194 0.0171  -0.0020 114  LYS A CG  
635 C  CD  . LYS A 101 ? 0.2611 0.2108 0.2461 -0.0279 0.0189  0.0139  114  LYS A CD  
636 C  CE  . LYS A 101 ? 0.2747 0.2055 0.2285 -0.0126 0.0345  0.0348  114  LYS A CE  
637 N  NZ  . LYS A 101 ? 0.2895 0.1826 0.2063 -0.0044 0.0329  0.0141  114  LYS A NZ  
638 N  N   . SER A 102 ? 0.1995 0.1443 0.1830 -0.0171 0.0092  -0.0087 115  SER A N   
639 C  CA  . SER A 102 ? 0.1804 0.1479 0.1713 -0.0051 0.0161  -0.0029 115  SER A CA  
640 C  C   . SER A 102 ? 0.1692 0.1447 0.1676 -0.0073 0.0045  -0.0155 115  SER A C   
641 O  O   . SER A 102 ? 0.1785 0.1581 0.2080 -0.0221 -0.0051 -0.0192 115  SER A O   
642 C  CB  . SER A 102 ? 0.1939 0.1669 0.1905 0.0016  0.0100  0.0030  115  SER A CB  
643 O  OG  . SER A 102 ? 0.2098 0.2260 0.2082 0.0162  0.0616  -0.0138 115  SER A OG  
644 N  N   . LEU A 103 ? 0.1553 0.1494 0.1594 -0.0010 0.0010  -0.0124 116  LEU A N   
645 C  CA  . LEU A 103 ? 0.1361 0.1713 0.1705 -0.0083 -0.0073 -0.0022 116  LEU A CA  
646 C  C   . LEU A 103 ? 0.1420 0.1739 0.1732 -0.0071 -0.0080 -0.0016 116  LEU A C   
647 O  O   . LEU A 103 ? 0.1248 0.1857 0.1663 -0.0210 -0.0122 -0.0117 116  LEU A O   
648 C  CB  . LEU A 103 ? 0.1538 0.1882 0.1765 -0.0010 0.0011  0.0064  116  LEU A CB  
649 C  CG  . LEU A 103 ? 0.1672 0.1924 0.1808 0.0002  -0.0044 -0.0036 116  LEU A CG  
650 C  CD1 . LEU A 103 ? 0.1699 0.2257 0.2193 -0.0038 -0.0189 0.0154  116  LEU A CD1 
651 C  CD2 . LEU A 103 ? 0.1876 0.1927 0.2134 0.0238  -0.0057 0.0048  116  LEU A CD2 
652 N  N   . ARG A 104 ? 0.1573 0.1705 0.1738 -0.0087 -0.0088 -0.0114 117  ARG A N   
653 C  CA  . ARG A 104 ? 0.1732 0.1884 0.1873 0.0034  -0.0105 -0.0083 117  ARG A CA  
654 C  C   . ARG A 104 ? 0.1531 0.1700 0.1599 0.0037  -0.0095 -0.0107 117  ARG A C   
655 O  O   . ARG A 104 ? 0.1371 0.1675 0.1747 0.0126  -0.0060 -0.0092 117  ARG A O   
656 C  CB  A ARG A 104 ? 0.1962 0.1989 0.1928 -0.0011 -0.0142 -0.0146 117  ARG A CB  
657 C  CB  B ARG A 104 ? 0.1950 0.1980 0.1969 0.0017  -0.0153 -0.0153 117  ARG A CB  
658 C  CG  A ARG A 104 ? 0.2315 0.2157 0.2321 -0.0031 -0.0108 -0.0009 117  ARG A CG  
659 C  CG  B ARG A 104 ? 0.2127 0.2451 0.2213 0.0041  -0.0013 -0.0099 117  ARG A CG  
660 C  CD  A ARG A 104 ? 0.2425 0.2193 0.2392 0.0011  -0.0140 -0.0116 117  ARG A CD  
661 C  CD  B ARG A 104 ? 0.2674 0.2490 0.2787 -0.0155 -0.0014 -0.0148 117  ARG A CD  
662 N  NE  A ARG A 104 ? 0.2712 0.2819 0.2750 -0.0174 0.0013  -0.0169 117  ARG A NE  
663 N  NE  B ARG A 104 ? 0.3085 0.3179 0.2988 0.0017  0.0028  -0.0185 117  ARG A NE  
664 C  CZ  A ARG A 104 ? 0.3134 0.2788 0.2795 0.0057  -0.0039 -0.0208 117  ARG A CZ  
665 C  CZ  B ARG A 104 ? 0.3113 0.2892 0.3064 -0.0033 0.0018  -0.0163 117  ARG A CZ  
666 N  NH1 A ARG A 104 ? 0.3123 0.2690 0.2855 -0.0056 -0.0061 -0.0367 117  ARG A NH1 
667 N  NH1 B ARG A 104 ? 0.3143 0.2861 0.2920 -0.0064 0.0026  -0.0227 117  ARG A NH1 
668 N  NH2 A ARG A 104 ? 0.3148 0.2714 0.2800 -0.0138 -0.0049 -0.0218 117  ARG A NH2 
669 N  NH2 B ARG A 104 ? 0.3005 0.2605 0.2814 -0.0107 -0.0001 -0.0271 117  ARG A NH2 
670 N  N   . ILE A 105 ? 0.1312 0.1737 0.1364 0.0195  -0.0161 -0.0127 118  ILE A N   
671 C  CA  . ILE A 105 ? 0.1335 0.1814 0.1575 0.0081  -0.0086 -0.0146 118  ILE A CA  
672 C  C   . ILE A 105 ? 0.1368 0.1957 0.1468 0.0008  -0.0134 -0.0127 118  ILE A C   
673 O  O   . ILE A 105 ? 0.1317 0.2486 0.1626 0.0142  -0.0033 -0.0001 118  ILE A O   
674 C  CB  . ILE A 105 ? 0.1386 0.1854 0.1538 0.0069  -0.0186 -0.0138 118  ILE A CB  
675 C  CG1 A ILE A 105 ? 0.1522 0.1680 0.1542 0.0120  -0.0116 -0.0189 118  ILE A CG1 
676 C  CG1 B ILE A 105 ? 0.1763 0.1830 0.1654 0.0041  -0.0054 -0.0139 118  ILE A CG1 
677 C  CG2 . ILE A 105 ? 0.1606 0.1768 0.1666 -0.0207 -0.0081 -0.0303 118  ILE A CG2 
678 C  CD1 A ILE A 105 ? 0.1254 0.1507 0.1295 0.0177  0.0049  -0.0397 118  ILE A CD1 
679 C  CD1 B ILE A 105 ? 0.1769 0.1821 0.1894 0.0095  0.0026  -0.0161 118  ILE A CD1 
680 N  N   . LEU A 106 ? 0.1414 0.1715 0.1385 -0.0185 -0.0111 -0.0176 119  LEU A N   
681 C  CA  . LEU A 106 ? 0.1645 0.1788 0.1401 -0.0186 -0.0139 -0.0225 119  LEU A CA  
682 C  C   . LEU A 106 ? 0.1554 0.1669 0.1284 -0.0156 -0.0105 -0.0141 119  LEU A C   
683 O  O   . LEU A 106 ? 0.1561 0.1689 0.1608 -0.0270 -0.0205 -0.0141 119  LEU A O   
684 C  CB  . LEU A 106 ? 0.1809 0.1789 0.1526 -0.0163 -0.0190 -0.0240 119  LEU A CB  
685 C  CG  . LEU A 106 ? 0.2245 0.1986 0.1374 -0.0233 -0.0205 -0.0278 119  LEU A CG  
686 C  CD1 . LEU A 106 ? 0.2232 0.2233 0.1398 -0.0207 -0.0080 -0.0319 119  LEU A CD1 
687 C  CD2 . LEU A 106 ? 0.2332 0.2453 0.1712 -0.0186 -0.0451 -0.0202 119  LEU A CD2 
688 N  N   . LEU A 107 ? 0.1585 0.1617 0.1225 -0.0115 -0.0080 -0.0140 120  LEU A N   
689 C  CA  . LEU A 107 ? 0.1621 0.1669 0.1110 -0.0134 -0.0130 -0.0151 120  LEU A CA  
690 C  C   . LEU A 107 ? 0.1693 0.1838 0.1256 -0.0184 -0.0072 -0.0149 120  LEU A C   
691 O  O   . LEU A 107 ? 0.2071 0.2170 0.1242 -0.0009 -0.0014 -0.0136 120  LEU A O   
692 C  CB  . LEU A 107 ? 0.1470 0.1700 0.1279 -0.0211 -0.0067 -0.0163 120  LEU A CB  
693 C  CG  . LEU A 107 ? 0.1516 0.1728 0.1228 -0.0251 -0.0075 -0.0226 120  LEU A CG  
694 C  CD1 . LEU A 107 ? 0.1464 0.1667 0.1441 -0.0237 0.0080  -0.0165 120  LEU A CD1 
695 C  CD2 . LEU A 107 ? 0.1431 0.1604 0.1114 -0.0293 -0.0124 -0.0039 120  LEU A CD2 
696 N  N   . LEU A 108 ? 0.1929 0.1795 0.1383 -0.0222 -0.0034 -0.0072 121  LEU A N   
697 C  CA  . LEU A 108 ? 0.2296 0.2097 0.1443 -0.0141 -0.0091 -0.0042 121  LEU A CA  
698 C  C   . LEU A 108 ? 0.2727 0.2245 0.1776 -0.0175 -0.0050 -0.0132 121  LEU A C   
699 O  O   . LEU A 108 ? 0.2859 0.2119 0.1809 -0.0084 -0.0089 -0.0084 121  LEU A O   
700 C  CB  . LEU A 108 ? 0.2315 0.2048 0.1574 -0.0112 -0.0129 -0.0098 121  LEU A CB  
701 C  CG  . LEU A 108 ? 0.2344 0.2129 0.1682 -0.0213 -0.0330 -0.0011 121  LEU A CG  
702 C  CD1 . LEU A 108 ? 0.2446 0.2426 0.2241 -0.0207 -0.0378 -0.0284 121  LEU A CD1 
703 C  CD2 . LEU A 108 ? 0.2711 0.2003 0.1947 -0.0113 -0.0329 -0.0198 121  LEU A CD2 
704 N  N   . SER A 109 ? 0.3096 0.2487 0.2200 -0.0247 0.0082  -0.0154 122  SER A N   
705 C  CA  . SER A 109 ? 0.3353 0.2691 0.2593 -0.0275 0.0109  -0.0066 122  SER A CA  
706 C  C   . SER A 109 ? 0.3467 0.2890 0.2715 -0.0302 0.0054  -0.0018 122  SER A C   
707 O  O   . SER A 109 ? 0.3667 0.2997 0.2852 -0.0341 -0.0086 0.0000  122  SER A O   
708 C  CB  . SER A 109 ? 0.3435 0.2856 0.2877 -0.0227 0.0102  -0.0044 122  SER A CB  
709 O  OG  . SER A 109 ? 0.3786 0.3158 0.3588 -0.0386 0.0157  0.0056  122  SER A OG  
710 CA CA  . CA  B .   ? 0.2160 0.1664 0.2260 0.0175  0.0151  -0.0133 1123 CA  A CA  
711 C  C1  . GOL C .   ? 0.2783 0.2846 0.3317 -0.0073 0.0165  0.0439  1124 GOL A C1  
712 O  O1  . GOL C .   ? 0.2651 0.2906 0.2992 0.0106  0.0171  0.0521  1124 GOL A O1  
713 C  C2  . GOL C .   ? 0.3095 0.3180 0.3270 -0.0056 0.0028  0.0022  1124 GOL A C2  
714 O  O2  . GOL C .   ? 0.3061 0.1733 0.2788 0.0116  0.0751  0.0290  1124 GOL A O2  
715 C  C3  . GOL C .   ? 0.3048 0.2880 0.2836 0.0026  -0.0057 -0.0085 1124 GOL A C3  
716 O  O3  . GOL C .   ? 0.2771 0.3443 0.2488 -0.0491 0.0324  -0.0251 1124 GOL A O3  
717 O  O   A HOH D .   ? 0.4885 0.4021 0.3687 0.0467  -0.0728 0.0087  2001 HOH A O   
718 O  O   . HOH D .   ? 0.3843 0.3742 0.5886 0.0379  -0.0139 0.0236  2002 HOH A O   
719 O  O   . HOH D .   ? 0.5119 0.5175 0.5666 -0.0462 -0.0226 -0.0683 2003 HOH A O   
720 O  O   . HOH D .   ? 0.4846 0.5354 0.5026 -0.0424 0.0159  0.0500  2004 HOH A O   
721 O  O   . HOH D .   ? 0.5968 0.6271 0.6803 0.0059  0.0242  0.0056  2005 HOH A O   
722 O  O   . HOH D .   ? 0.5766 0.6410 0.6062 -0.0497 0.0707  0.0443  2006 HOH A O   
723 O  O   B HOH D .   ? 0.4416 0.4319 0.4851 0.0004  -0.0360 0.0056  2007 HOH A O   
724 O  O   . HOH D .   ? 0.2926 0.3112 0.2359 0.0258  -0.0187 0.0028  2008 HOH A O   
725 O  O   . HOH D .   ? 0.4337 0.4551 0.4081 0.0046  0.0349  0.0782  2009 HOH A O   
726 O  O   . HOH D .   ? 0.3825 0.3596 0.5427 -0.0492 -0.0108 -0.0261 2010 HOH A O   
727 O  O   . HOH D .   ? 0.3324 0.4371 0.4263 0.0320  -0.0082 -0.0247 2011 HOH A O   
728 O  O   . HOH D .   ? 0.2208 0.2030 0.2773 0.0138  -0.0224 -0.0151 2012 HOH A O   
729 O  O   . HOH D .   ? 0.5387 0.5658 0.6039 0.0279  0.0349  0.0398  2013 HOH A O   
730 O  O   . HOH D .   ? 0.5911 0.5210 0.6245 0.0002  0.0009  -0.0220 2014 HOH A O   
731 O  O   . HOH D .   ? 0.2778 0.4077 0.2720 -0.0085 -0.0139 -0.0174 2015 HOH A O   
732 O  O   . HOH D .   ? 0.5822 0.5765 0.5414 0.0066  -0.0209 0.0012  2016 HOH A O   
733 O  O   . HOH D .   ? 0.5637 0.3665 0.3668 0.0237  0.0048  -0.0577 2017 HOH A O   
734 O  O   . HOH D .   ? 0.2558 0.2684 0.1705 0.0108  0.0106  -0.0286 2018 HOH A O   
735 O  O   . HOH D .   ? 0.3717 0.5415 0.4079 -0.0055 0.0405  -0.0411 2019 HOH A O   
736 O  O   . HOH D .   ? 0.4906 0.5474 0.3596 -0.0331 0.0274  0.0289  2020 HOH A O   
737 O  O   . HOH D .   ? 0.3637 0.5986 0.5433 -0.0228 -0.0662 -0.0305 2021 HOH A O   
738 O  O   . HOH D .   ? 0.2591 0.3171 0.1848 -0.0385 0.0147  -0.0317 2022 HOH A O   
739 O  O   . HOH D .   ? 0.1930 0.2173 0.2951 -0.0028 0.0385  -0.0026 2023 HOH A O   
740 O  O   . HOH D .   ? 0.4547 0.5084 0.5336 -0.0234 -0.0382 0.0510  2024 HOH A O   
741 O  O   . HOH D .   ? 0.5164 0.3276 0.3064 -0.0345 -0.0271 -0.0433 2025 HOH A O   
742 O  O   . HOH D .   ? 0.3363 0.6421 0.6187 0.0215  0.0591  -0.0049 2026 HOH A O   
743 O  O   . HOH D .   ? 0.3819 0.3940 0.4321 0.1079  0.0421  -0.0161 2027 HOH A O   
744 O  O   . HOH D .   ? 0.5096 0.5126 0.4533 0.0403  -0.0593 -0.0890 2028 HOH A O   
745 O  O   . HOH D .   ? 0.3482 0.4856 0.5942 -0.0368 -0.0595 -0.0286 2029 HOH A O   
746 O  O   . HOH D .   ? 0.6115 0.5892 0.4749 0.0056  0.0237  -0.0573 2030 HOH A O   
747 O  O   . HOH D .   ? 0.4733 0.4020 0.3959 0.0972  0.0324  -0.0259 2031 HOH A O   
748 O  O   . HOH D .   ? 0.3568 0.3274 0.5025 -0.0297 0.0502  -0.0208 2032 HOH A O   
749 O  O   . HOH D .   ? 0.2823 0.3036 0.3362 0.0608  -0.0498 -0.0108 2033 HOH A O   
750 O  O   . HOH D .   ? 0.2413 0.3369 0.3541 0.0151  0.0096  0.0051  2034 HOH A O   
751 O  O   . HOH D .   ? 0.3295 0.3225 0.4003 0.0196  -0.1125 0.0275  2035 HOH A O   
752 O  O   . HOH D .   ? 0.3677 0.4982 0.2978 -0.0678 -0.0580 -0.0431 2036 HOH A O   
753 O  O   . HOH D .   ? 0.3590 0.2457 0.4296 -0.1057 -0.0170 -0.0081 2037 HOH A O   
754 O  O   . HOH D .   ? 0.1853 0.3346 0.2280 -0.0372 -0.0766 -0.0124 2038 HOH A O   
755 O  O   . HOH D .   ? 0.4575 0.3644 0.4654 -0.1134 -0.0215 -0.1110 2039 HOH A O   
756 O  O   . HOH D .   ? 0.3508 0.6041 0.5672 0.0091  -0.0559 -0.0286 2040 HOH A O   
757 O  O   . HOH D .   ? 0.2727 0.2673 0.3722 -0.0561 0.0400  -0.0205 2041 HOH A O   
758 O  O   . HOH D .   ? 0.4453 0.4401 0.4102 -0.0586 -0.0721 0.0119  2042 HOH A O   
759 O  O   . HOH D .   ? 0.3387 0.3238 0.5530 -0.0201 0.0104  -0.0397 2043 HOH A O   
760 O  O   . HOH D .   ? 0.4675 0.4390 0.5635 0.0931  0.0882  -0.0394 2044 HOH A O   
761 O  O   . HOH D .   ? 0.5155 0.5190 0.3086 0.0117  -0.0053 0.0099  2045 HOH A O   
762 O  O   . HOH D .   ? 0.4681 0.4471 0.4882 -0.0999 0.0060  0.0170  2046 HOH A O   
763 O  O   . HOH D .   ? 0.5956 0.3372 0.5102 -0.0187 -0.0301 0.0329  2047 HOH A O   
764 O  O   . HOH D .   ? 0.3404 0.2845 0.2985 -0.0339 -0.0677 0.0510  2048 HOH A O   
765 O  O   . HOH D .   ? 0.4802 0.3727 0.5036 0.0225  0.0071  0.0263  2049 HOH A O   
766 O  O   . HOH D .   ? 0.5478 0.5737 0.5501 -0.0919 -0.0514 -0.0269 2050 HOH A O   
767 O  O   . HOH D .   ? 0.3727 0.2982 0.3940 -0.0390 0.0450  0.0705  2051 HOH A O   
768 O  O   . HOH D .   ? 0.5358 0.3239 0.5349 -0.0305 -0.0397 -0.0016 2052 HOH A O   
769 O  O   . HOH D .   ? 0.5600 0.6703 0.6683 -0.0119 0.0008  -0.0066 2053 HOH A O   
770 O  O   . HOH D .   ? 0.3064 0.3992 0.2687 -0.1002 -0.0528 0.0300  2054 HOH A O   
771 O  O   . HOH D .   ? 0.3865 0.3296 0.3344 -0.0234 -0.0767 -0.0559 2055 HOH A O   
772 O  O   . HOH D .   ? 0.5970 0.5218 0.5204 -0.0047 -0.0371 -0.0564 2056 HOH A O   
773 O  O   . HOH D .   ? 0.2648 0.3522 0.2452 0.0207  -0.1107 -0.0345 2057 HOH A O   
774 O  O   . HOH D .   ? 0.3287 0.2943 0.4412 -0.0301 -0.0422 -0.0112 2058 HOH A O   
775 O  O   . HOH D .   ? 0.3556 0.3639 0.5116 -0.1096 0.0207  -0.0968 2059 HOH A O   
776 O  O   . HOH D .   ? 0.5434 0.3509 0.6487 0.0598  0.0121  0.0336  2060 HOH A O   
777 O  O   . HOH D .   ? 0.5144 0.4206 0.5495 0.0274  0.0019  0.0840  2061 HOH A O   
778 O  O   . HOH D .   ? 0.5402 0.4973 0.3556 -0.0518 -0.0633 -0.0007 2062 HOH A O   
779 O  O   . HOH D .   ? 0.4956 0.4049 0.4698 -0.0201 -0.0295 -0.0168 2063 HOH A O   
780 O  O   . HOH D .   ? 0.4047 0.3752 0.3804 0.0247  -0.0997 -0.0457 2064 HOH A O   
781 O  O   . HOH D .   ? 0.3335 0.2516 0.3154 0.1025  0.0453  0.0407  2065 HOH A O   
782 O  O   . HOH D .   ? 0.4982 0.2252 0.4771 -0.0144 0.0167  0.0913  2066 HOH A O   
783 O  O   . HOH D .   ? 0.4613 0.2337 0.5545 -0.0033 0.0246  0.1094  2067 HOH A O   
784 O  O   . HOH D .   ? 0.3221 0.2815 0.5304 -0.0793 0.0419  0.0252  2068 HOH A O   
785 O  O   . HOH D .   ? 0.2177 0.2472 0.2110 -0.0343 -0.0469 0.0087  2069 HOH A O   
786 O  O   . HOH D .   ? 0.3188 0.2768 0.4415 0.0332  -0.0037 -0.0637 2070 HOH A O   
787 O  O   . HOH D .   ? 0.4096 0.4529 0.5133 -0.0134 -0.0619 0.1124  2071 HOH A O   
788 O  O   . HOH D .   ? 0.2517 0.3649 0.4282 -0.0084 -0.0434 0.0362  2072 HOH A O   
789 O  O   B HOH D .   ? 0.1187 0.2538 0.2528 -0.0134 -0.0062 0.0163  2073 HOH A O   
790 O  O   A HOH D .   ? 0.3190 0.2734 0.3212 -0.0685 0.0474  0.0495  2074 HOH A O   
791 O  O   . HOH D .   ? 0.3539 0.3397 0.3872 0.0326  -0.0594 -0.0141 2075 HOH A O   
792 O  O   . HOH D .   ? 0.5470 0.5177 0.6147 -0.0729 0.0018  0.0276  2076 HOH A O   
793 O  O   . HOH D .   ? 0.4982 0.4226 0.3378 0.0050  -0.0720 -0.0127 2077 HOH A O   
794 O  O   . HOH D .   ? 0.2504 0.2937 0.2265 -0.0986 -0.0053 -0.0423 2078 HOH A O   
795 O  O   . HOH D .   ? 0.4386 0.3951 0.3618 0.0707  -0.0869 -0.0084 2079 HOH A O   
796 O  O   . HOH D .   ? 0.3466 0.2627 0.2124 -0.0584 -0.0386 0.0580  2080 HOH A O   
797 O  O   . HOH D .   ? 0.3615 0.2890 0.4034 -0.0851 -0.0576 -0.0140 2081 HOH A O   
798 O  O   . HOH D .   ? 0.3686 0.2514 0.3501 -0.0146 0.0683  0.0086  2082 HOH A O   
799 O  O   . HOH D .   ? 0.2751 0.1744 0.2966 -0.0466 0.0421  -0.0631 2083 HOH A O   
800 O  O   . HOH D .   ? 0.2655 0.3756 0.1698 -0.0500 0.0383  0.0145  2084 HOH A O   
801 O  O   . HOH D .   ? 0.2889 0.1786 0.1706 -0.0328 -0.0290 -0.0148 2085 HOH A O   
802 O  O   . HOH D .   ? 0.3918 0.5922 0.4965 -0.0580 -0.0732 -0.0234 2086 HOH A O   
803 O  O   . HOH D .   ? 0.5303 0.3924 0.4559 -0.0953 -0.0187 -0.0684 2087 HOH A O   
804 O  O   . HOH D .   ? 0.5296 0.4342 0.3370 0.0003  -0.0034 0.0100  2088 HOH A O   
805 O  O   . HOH D .   ? 0.5530 0.3904 0.6009 0.0251  0.0650  -0.0127 2089 HOH A O   
806 O  O   . HOH D .   ? 0.5090 0.4533 0.5233 -0.0820 -0.0109 -0.0079 2090 HOH A O   
807 O  O   . HOH D .   ? 0.1761 0.1906 0.1781 -0.0275 -0.0201 -0.0295 2091 HOH A O   
808 O  O   . HOH D .   ? 0.3541 0.1632 0.3941 -0.0246 -0.0107 -0.0318 2092 HOH A O   
809 O  O   . HOH D .   ? 0.3746 0.3899 0.3190 0.0249  -0.0927 -0.0708 2093 HOH A O   
810 O  O   . HOH D .   ? 0.4090 0.2424 0.4413 0.0381  0.0100  -0.0712 2094 HOH A O   
811 O  O   . HOH D .   ? 0.4663 0.0604 0.2983 -0.0468 -0.0396 -0.0314 2095 HOH A O   
812 O  O   . HOH D .   ? 0.5115 0.4359 0.4247 0.0232  -0.0389 0.0040  2096 HOH A O   
813 O  O   . HOH D .   ? 0.3213 0.1599 0.3130 0.0745  0.0290  0.0051  2097 HOH A O   
814 O  O   . HOH D .   ? 0.3656 0.2651 0.5406 0.0419  -0.0803 -0.0385 2098 HOH A O   
815 O  O   . HOH D .   ? 0.4416 0.5850 0.3891 -0.0150 0.0374  0.0250  2099 HOH A O   
816 O  O   . HOH D .   ? 0.3907 0.4151 0.2796 -0.1119 0.0893  -0.0708 2100 HOH A O   
817 O  O   . HOH D .   ? 0.3198 0.3863 0.6093 -0.0790 -0.0511 0.1171  2101 HOH A O   
818 O  O   . HOH D .   ? 0.4073 0.5748 0.4451 0.1318  0.0397  -0.1441 2102 HOH A O   
819 O  O   . HOH D .   ? 0.4124 0.2090 0.1889 0.0058  0.0226  0.0197  2103 HOH A O   
820 O  O   . HOH D .   ? 0.1941 0.2380 0.3403 -0.0116 -0.0155 0.0008  2104 HOH A O   
821 O  O   . HOH D .   ? 0.3197 0.3707 0.2510 -0.1046 0.0899  -0.0797 2105 HOH A O   
822 O  O   . HOH D .   ? 0.2820 0.6879 0.3786 -0.0490 -0.0020 0.0034  2106 HOH A O   
823 O  O   . HOH D .   ? 0.3816 0.2558 0.2922 -0.0681 0.0213  -0.0208 2107 HOH A O   
824 O  O   . HOH D .   ? 0.1880 0.2014 0.2335 0.0312  0.0371  -0.0030 2108 HOH A O   
825 O  O   . HOH D .   ? 0.2997 0.3000 0.3414 0.0469  0.0550  0.0539  2109 HOH A O   
826 O  O   . HOH D .   ? 0.3659 0.3871 0.5450 -0.0669 0.1161  0.0240  2110 HOH A O   
827 O  O   . HOH D .   ? 0.5695 0.4535 0.4592 0.0053  0.0477  -0.0258 2111 HOH A O   
828 O  O   . HOH D .   ? 0.4362 0.2198 0.3380 0.0159  -0.0331 0.0676  2112 HOH A O   
829 O  O   . HOH D .   ? 0.4604 0.2457 0.3903 0.0265  0.0558  0.0149  2113 HOH A O   
830 O  O   . HOH D .   ? 0.2265 0.1711 0.2756 -0.0191 0.0250  -0.0028 2114 HOH A O   
831 O  O   . HOH D .   ? 0.4149 0.2633 0.2967 0.0387  0.0358  -0.0723 2115 HOH A O   
832 O  O   . HOH D .   ? 0.4123 0.3713 0.3336 -0.0350 0.1256  -0.1370 2116 HOH A O   
833 O  O   . HOH D .   ? 0.4133 0.4080 0.4484 -0.0047 -0.0042 -0.0114 2117 HOH A O   
834 O  O   . HOH D .   ? 0.3881 0.1756 0.2257 0.0389  -0.0093 -0.0532 2118 HOH A O   
835 O  O   . HOH D .   ? 0.4102 0.2342 0.4209 0.0591  0.1133  0.0307  2119 HOH A O   
836 O  O   . HOH D .   ? 0.4864 0.5294 0.3050 -0.0460 -0.0304 -0.0225 2120 HOH A O   
837 O  O   . HOH D .   ? 0.2860 0.3187 0.2410 -0.1260 -0.1018 0.0531  2121 HOH A O   
838 O  O   . HOH D .   ? 0.5733 0.3016 0.3481 -0.0369 -0.0655 -0.0420 2122 HOH A O   
839 O  O   . HOH D .   ? 0.2145 0.2471 0.1569 -0.0216 -0.0144 -0.0242 2123 HOH A O   
840 O  O   . HOH D .   ? 0.3778 0.3348 0.2879 -0.0830 0.0676  -0.0219 2124 HOH A O   
841 O  O   . HOH D .   ? 0.4255 0.4874 0.3729 -0.1057 0.0362  0.0455  2125 HOH A O   
842 O  O   . HOH D .   ? 0.5146 0.3607 0.3344 0.0038  -0.0611 0.0239  2126 HOH A O   
843 O  O   . HOH D .   ? 0.5662 0.4366 0.5701 -0.0501 0.1085  0.0100  2127 HOH A O   
844 O  O   . HOH D .   ? 0.4536 0.5523 0.4139 -0.0319 0.0972  -0.0208 2128 HOH A O   
# 
